data_7HMS
# 
_entry.id   7HMS 
# 
_audit_conform.dict_name       mmcif_pdbx.dic 
_audit_conform.dict_version    5.399 
_audit_conform.dict_location   http://mmcif.pdb.org/dictionaries/ascii/mmcif_pdbx.dic 
# 
loop_
_database_2.database_id 
_database_2.database_code 
_database_2.pdbx_database_accession 
_database_2.pdbx_DOI 
PDB   7HMS         pdb_00007hms 10.2210/pdb7hms/pdb 
WWPDB D_1001407670 ?            ?                   
# 
_pdbx_audit_revision_history.ordinal             1 
_pdbx_audit_revision_history.data_content_type   'Structure model' 
_pdbx_audit_revision_history.major_revision      1 
_pdbx_audit_revision_history.minor_revision      0 
_pdbx_audit_revision_history.revision_date       2024-11-27 
# 
_pdbx_audit_revision_details.ordinal             1 
_pdbx_audit_revision_details.revision_ordinal    1 
_pdbx_audit_revision_details.data_content_type   'Structure model' 
_pdbx_audit_revision_details.provider            repository 
_pdbx_audit_revision_details.type                'Initial release' 
_pdbx_audit_revision_details.description         ? 
_pdbx_audit_revision_details.details             ? 
# 
_pdbx_database_status.entry_id                        7HMS 
_pdbx_database_status.status_code                     REL 
_pdbx_database_status.status_code_sf                  REL 
_pdbx_database_status.status_code_mr                  ? 
_pdbx_database_status.status_code_cs                  ? 
_pdbx_database_status.recvd_initial_deposition_date   2024-11-04 
_pdbx_database_status.status_code_nmr_data            ? 
_pdbx_database_status.deposit_site                    RCSB 
_pdbx_database_status.process_site                    RCSB 
_pdbx_database_status.SG_entry                        ? 
_pdbx_database_status.pdb_format_compatible           Y 
_pdbx_database_status.methods_development_category    ? 
# 
_pdbx_contact_author.id                 1 
_pdbx_contact_author.email              knapp@pharmchem.uni-frankfurt.de 
_pdbx_contact_author.name_first         Stefan 
_pdbx_contact_author.name_last          Knapp 
_pdbx_contact_author.role               'principal investigator/group leader' 
_pdbx_contact_author.identifier_ORCID   0000-0001-5995-6494 
_pdbx_contact_author.name_mi            ? 
# 
loop_
_audit_author.name 
_audit_author.pdbx_ordinal 
'Kim, Y.'                              1 
'Marples, P.'                          2 
'Fearon, D.'                           3 
'von Delft, F.'                        4 
'Knapp, S.'                            5 
'Kraemer, A.'                          6 
'Structural Genomics Consortium (SGC)' 7 
# 
_citation.id                        primary 
_citation.title                     'PanDDA analysis group deposition' 
_citation.journal_abbrev            'To Be Published' 
_citation.journal_volume            ? 
_citation.page_first                ? 
_citation.page_last                 ? 
_citation.year                      ? 
_citation.journal_id_ASTM           ? 
_citation.country                   ? 
_citation.journal_id_ISSN           ? 
_citation.journal_id_CSD            0353 
_citation.book_publisher            ? 
_citation.pdbx_database_id_PubMed   ? 
_citation.pdbx_database_id_DOI      ? 
# 
loop_
_citation_author.citation_id 
_citation_author.name 
_citation_author.identifier_ORCID 
_citation_author.ordinal 
primary 'Kim, Y.'                              ? 1 
primary 'Marples, P.'                          ? 2 
primary 'Fearon, D.'                           ? 3 
primary 'von Delft, F.'                        ? 4 
primary 'Knapp, S.'                            ? 5 
primary 'Kraemer, A.'                          ? 6 
primary 'Structural Genomics Consortium (SGC)' ? 7 
# 
loop_
_entity.id 
_entity.type 
_entity.src_method 
_entity.pdbx_description 
_entity.formula_weight 
_entity.pdbx_number_of_molecules 
_entity.pdbx_ec 
_entity.pdbx_mutation 
_entity.pdbx_fragment 
_entity.details 
1 polymer     man 'E3 ubiquitin-protein ligase TRIM21'          21596.361 1   2.3.2.27 ? ? ? 
2 non-polymer syn '2-[(methylsulfonyl)methyl]-1H-benzimidazole' 210.253   1   ?        ? ? ? 
3 non-polymer syn 1,2-ETHANEDIOL                                62.068    1   ?        ? ? ? 
4 non-polymer syn 'SULFATE ION'                                 96.063    1   ?        ? ? ? 
5 water       nat water                                         18.015    146 ?        ? ? ? 
# 
_entity_name_com.entity_id   1 
_entity_name_com.name        
;52 kDa Ro protein,52 kDa ribonucleoprotein autoantigen Ro/SS-A,Ro(SS-A),Sjoegren syndrome type A antigen,SS-A,Tripartite motif-containing protein 21
;
# 
_entity_poly.entity_id                      1 
_entity_poly.type                           'polypeptide(L)' 
_entity_poly.nstd_linkage                   no 
_entity_poly.nstd_monomer                   no 
_entity_poly.pdbx_seq_one_letter_code       
;MHHHHHHMVHITLDRNTANSWLIISKDRRQVRMGDTHQNVSDNKERFSNYPMVLGAQRFSSGKMYWEVDVTQKEAWDLGV
CRDSVQRKGQFSLSPENGFWTIWLWQDSYEAGTSPQTTLHIQVPPCQIGIFVDYEAGVVSFYNITDHGSLIYTFSECVFA
GPLRPFFNVGFNYSGGNAAPLKLCPLKM
;
_entity_poly.pdbx_seq_one_letter_code_can   
;MHHHHHHMVHITLDRNTANSWLIISKDRRQVRMGDTHQNVSDNKERFSNYPMVLGAQRFSSGKMYWEVDVTQKEAWDLGV
CRDSVQRKGQFSLSPENGFWTIWLWQDSYEAGTSPQTTLHIQVPPCQIGIFVDYEAGVVSFYNITDHGSLIYTFSECVFA
GPLRPFFNVGFNYSGGNAAPLKLCPLKM
;
_entity_poly.pdbx_strand_id                 B 
_entity_poly.pdbx_target_identifier         ? 
# 
loop_
_pdbx_entity_nonpoly.entity_id 
_pdbx_entity_nonpoly.name 
_pdbx_entity_nonpoly.comp_id 
2 '2-[(methylsulfonyl)methyl]-1H-benzimidazole' T6J 
3 1,2-ETHANEDIOL                                EDO 
4 'SULFATE ION'                                 SO4 
5 water                                         HOH 
# 
loop_
_entity_poly_seq.entity_id 
_entity_poly_seq.num 
_entity_poly_seq.mon_id 
_entity_poly_seq.hetero 
1 1   MET n 
1 2   HIS n 
1 3   HIS n 
1 4   HIS n 
1 5   HIS n 
1 6   HIS n 
1 7   HIS n 
1 8   MET n 
1 9   VAL n 
1 10  HIS n 
1 11  ILE n 
1 12  THR n 
1 13  LEU n 
1 14  ASP n 
1 15  ARG n 
1 16  ASN n 
1 17  THR n 
1 18  ALA n 
1 19  ASN n 
1 20  SER n 
1 21  TRP n 
1 22  LEU n 
1 23  ILE n 
1 24  ILE n 
1 25  SER n 
1 26  LYS n 
1 27  ASP n 
1 28  ARG n 
1 29  ARG n 
1 30  GLN n 
1 31  VAL n 
1 32  ARG n 
1 33  MET n 
1 34  GLY n 
1 35  ASP n 
1 36  THR n 
1 37  HIS n 
1 38  GLN n 
1 39  ASN n 
1 40  VAL n 
1 41  SER n 
1 42  ASP n 
1 43  ASN n 
1 44  LYS n 
1 45  GLU n 
1 46  ARG n 
1 47  PHE n 
1 48  SER n 
1 49  ASN n 
1 50  TYR n 
1 51  PRO n 
1 52  MET n 
1 53  VAL n 
1 54  LEU n 
1 55  GLY n 
1 56  ALA n 
1 57  GLN n 
1 58  ARG n 
1 59  PHE n 
1 60  SER n 
1 61  SER n 
1 62  GLY n 
1 63  LYS n 
1 64  MET n 
1 65  TYR n 
1 66  TRP n 
1 67  GLU n 
1 68  VAL n 
1 69  ASP n 
1 70  VAL n 
1 71  THR n 
1 72  GLN n 
1 73  LYS n 
1 74  GLU n 
1 75  ALA n 
1 76  TRP n 
1 77  ASP n 
1 78  LEU n 
1 79  GLY n 
1 80  VAL n 
1 81  CYS n 
1 82  ARG n 
1 83  ASP n 
1 84  SER n 
1 85  VAL n 
1 86  GLN n 
1 87  ARG n 
1 88  LYS n 
1 89  GLY n 
1 90  GLN n 
1 91  PHE n 
1 92  SER n 
1 93  LEU n 
1 94  SER n 
1 95  PRO n 
1 96  GLU n 
1 97  ASN n 
1 98  GLY n 
1 99  PHE n 
1 100 TRP n 
1 101 THR n 
1 102 ILE n 
1 103 TRP n 
1 104 LEU n 
1 105 TRP n 
1 106 GLN n 
1 107 ASP n 
1 108 SER n 
1 109 TYR n 
1 110 GLU n 
1 111 ALA n 
1 112 GLY n 
1 113 THR n 
1 114 SER n 
1 115 PRO n 
1 116 GLN n 
1 117 THR n 
1 118 THR n 
1 119 LEU n 
1 120 HIS n 
1 121 ILE n 
1 122 GLN n 
1 123 VAL n 
1 124 PRO n 
1 125 PRO n 
1 126 CYS n 
1 127 GLN n 
1 128 ILE n 
1 129 GLY n 
1 130 ILE n 
1 131 PHE n 
1 132 VAL n 
1 133 ASP n 
1 134 TYR n 
1 135 GLU n 
1 136 ALA n 
1 137 GLY n 
1 138 VAL n 
1 139 VAL n 
1 140 SER n 
1 141 PHE n 
1 142 TYR n 
1 143 ASN n 
1 144 ILE n 
1 145 THR n 
1 146 ASP n 
1 147 HIS n 
1 148 GLY n 
1 149 SER n 
1 150 LEU n 
1 151 ILE n 
1 152 TYR n 
1 153 THR n 
1 154 PHE n 
1 155 SER n 
1 156 GLU n 
1 157 CYS n 
1 158 VAL n 
1 159 PHE n 
1 160 ALA n 
1 161 GLY n 
1 162 PRO n 
1 163 LEU n 
1 164 ARG n 
1 165 PRO n 
1 166 PHE n 
1 167 PHE n 
1 168 ASN n 
1 169 VAL n 
1 170 GLY n 
1 171 PHE n 
1 172 ASN n 
1 173 TYR n 
1 174 SER n 
1 175 GLY n 
1 176 GLY n 
1 177 ASN n 
1 178 ALA n 
1 179 ALA n 
1 180 PRO n 
1 181 LEU n 
1 182 LYS n 
1 183 LEU n 
1 184 CYS n 
1 185 PRO n 
1 186 LEU n 
1 187 LYS n 
1 188 MET n 
# 
_entity_src_gen.entity_id                          1 
_entity_src_gen.pdbx_src_id                        1 
_entity_src_gen.pdbx_alt_source_flag               sample 
_entity_src_gen.pdbx_seq_type                      'Biological sequence' 
_entity_src_gen.pdbx_beg_seq_num                   1 
_entity_src_gen.pdbx_end_seq_num                   188 
_entity_src_gen.gene_src_common_name               'house mouse' 
_entity_src_gen.gene_src_genus                     ? 
_entity_src_gen.pdbx_gene_src_gene                 'Trim21, Ro52, Ssa1' 
_entity_src_gen.gene_src_species                   ? 
_entity_src_gen.gene_src_strain                    ? 
_entity_src_gen.gene_src_tissue                    ? 
_entity_src_gen.gene_src_tissue_fraction           ? 
_entity_src_gen.gene_src_details                   ? 
_entity_src_gen.pdbx_gene_src_fragment             ? 
_entity_src_gen.pdbx_gene_src_scientific_name      'Mus musculus' 
_entity_src_gen.pdbx_gene_src_ncbi_taxonomy_id     10090 
_entity_src_gen.pdbx_gene_src_variant              ? 
_entity_src_gen.pdbx_gene_src_cell_line            ? 
_entity_src_gen.pdbx_gene_src_atcc                 ? 
_entity_src_gen.pdbx_gene_src_organ                ? 
_entity_src_gen.pdbx_gene_src_organelle            ? 
_entity_src_gen.pdbx_gene_src_cell                 ? 
_entity_src_gen.pdbx_gene_src_cellular_location    ? 
_entity_src_gen.host_org_common_name               ? 
_entity_src_gen.pdbx_host_org_scientific_name      'Escherichia coli' 
_entity_src_gen.pdbx_host_org_ncbi_taxonomy_id     562 
_entity_src_gen.host_org_genus                     ? 
_entity_src_gen.pdbx_host_org_gene                 ? 
_entity_src_gen.pdbx_host_org_organ                ? 
_entity_src_gen.host_org_species                   ? 
_entity_src_gen.pdbx_host_org_tissue               ? 
_entity_src_gen.pdbx_host_org_tissue_fraction      ? 
_entity_src_gen.pdbx_host_org_strain               ? 
_entity_src_gen.pdbx_host_org_variant              ? 
_entity_src_gen.pdbx_host_org_cell_line            ? 
_entity_src_gen.pdbx_host_org_atcc                 ? 
_entity_src_gen.pdbx_host_org_culture_collection   ? 
_entity_src_gen.pdbx_host_org_cell                 ? 
_entity_src_gen.pdbx_host_org_organelle            ? 
_entity_src_gen.pdbx_host_org_cellular_location    ? 
_entity_src_gen.pdbx_host_org_vector_type          ? 
_entity_src_gen.pdbx_host_org_vector               ? 
_entity_src_gen.host_org_details                   ? 
_entity_src_gen.expression_system_id               ? 
_entity_src_gen.plasmid_name                       ? 
_entity_src_gen.plasmid_details                    ? 
_entity_src_gen.pdbx_description                   ? 
# 
loop_
_chem_comp.id 
_chem_comp.type 
_chem_comp.mon_nstd_flag 
_chem_comp.name 
_chem_comp.pdbx_synonyms 
_chem_comp.formula 
_chem_comp.formula_weight 
ALA 'L-peptide linking' y ALANINE                                       ?                 'C3 H7 N O2'     89.093  
ARG 'L-peptide linking' y ARGININE                                      ?                 'C6 H15 N4 O2 1' 175.209 
ASN 'L-peptide linking' y ASPARAGINE                                    ?                 'C4 H8 N2 O3'    132.118 
ASP 'L-peptide linking' y 'ASPARTIC ACID'                               ?                 'C4 H7 N O4'     133.103 
CYS 'L-peptide linking' y CYSTEINE                                      ?                 'C3 H7 N O2 S'   121.158 
EDO non-polymer         . 1,2-ETHANEDIOL                                'ETHYLENE GLYCOL' 'C2 H6 O2'       62.068  
GLN 'L-peptide linking' y GLUTAMINE                                     ?                 'C5 H10 N2 O3'   146.144 
GLU 'L-peptide linking' y 'GLUTAMIC ACID'                               ?                 'C5 H9 N O4'     147.129 
GLY 'peptide linking'   y GLYCINE                                       ?                 'C2 H5 N O2'     75.067  
HIS 'L-peptide linking' y HISTIDINE                                     ?                 'C6 H10 N3 O2 1' 156.162 
HOH non-polymer         . WATER                                         ?                 'H2 O'           18.015  
ILE 'L-peptide linking' y ISOLEUCINE                                    ?                 'C6 H13 N O2'    131.173 
LEU 'L-peptide linking' y LEUCINE                                       ?                 'C6 H13 N O2'    131.173 
LYS 'L-peptide linking' y LYSINE                                        ?                 'C6 H15 N2 O2 1' 147.195 
MET 'L-peptide linking' y METHIONINE                                    ?                 'C5 H11 N O2 S'  149.211 
PHE 'L-peptide linking' y PHENYLALANINE                                 ?                 'C9 H11 N O2'    165.189 
PRO 'L-peptide linking' y PROLINE                                       ?                 'C5 H9 N O2'     115.130 
SER 'L-peptide linking' y SERINE                                        ?                 'C3 H7 N O3'     105.093 
SO4 non-polymer         . 'SULFATE ION'                                 ?                 'O4 S -2'        96.063  
T6J non-polymer         . '2-[(methylsulfonyl)methyl]-1H-benzimidazole' ?                 'C9 H10 N2 O2 S' 210.253 
THR 'L-peptide linking' y THREONINE                                     ?                 'C4 H9 N O3'     119.119 
TRP 'L-peptide linking' y TRYPTOPHAN                                    ?                 'C11 H12 N2 O2'  204.225 
TYR 'L-peptide linking' y TYROSINE                                      ?                 'C9 H11 N O3'    181.189 
VAL 'L-peptide linking' y VALINE                                        ?                 'C5 H11 N O2'    117.146 
# 
loop_
_pdbx_poly_seq_scheme.asym_id 
_pdbx_poly_seq_scheme.entity_id 
_pdbx_poly_seq_scheme.seq_id 
_pdbx_poly_seq_scheme.mon_id 
_pdbx_poly_seq_scheme.ndb_seq_num 
_pdbx_poly_seq_scheme.pdb_seq_num 
_pdbx_poly_seq_scheme.auth_seq_num 
_pdbx_poly_seq_scheme.pdb_mon_id 
_pdbx_poly_seq_scheme.auth_mon_id 
_pdbx_poly_seq_scheme.pdb_strand_id 
_pdbx_poly_seq_scheme.pdb_ins_code 
_pdbx_poly_seq_scheme.hetero 
A 1 1   MET 1   7   ?   ?   ?   B . n 
A 1 2   HIS 2   8   8   HIS HIS B . n 
A 1 3   HIS 3   9   9   HIS HIS B . n 
A 1 4   HIS 4   10  10  HIS HIS B . n 
A 1 5   HIS 5   11  11  HIS HIS B . n 
A 1 6   HIS 6   12  12  HIS HIS B . n 
A 1 7   HIS 7   13  13  HIS HIS B . n 
A 1 8   MET 8   14  14  MET MET B . n 
A 1 9   VAL 9   15  15  VAL VAL B . n 
A 1 10  HIS 10  16  16  HIS HIS B . n 
A 1 11  ILE 11  17  17  ILE ILE B . n 
A 1 12  THR 12  18  18  THR THR B . n 
A 1 13  LEU 13  19  19  LEU LEU B . n 
A 1 14  ASP 14  20  20  ASP ASP B . n 
A 1 15  ARG 15  21  21  ARG ARG B . n 
A 1 16  ASN 16  22  22  ASN ASN B . n 
A 1 17  THR 17  23  23  THR THR B . n 
A 1 18  ALA 18  24  24  ALA ALA B . n 
A 1 19  ASN 19  25  25  ASN ASN B . n 
A 1 20  SER 20  26  26  SER SER B . n 
A 1 21  TRP 21  27  27  TRP TRP B . n 
A 1 22  LEU 22  28  28  LEU LEU B . n 
A 1 23  ILE 23  29  29  ILE ILE B . n 
A 1 24  ILE 24  30  30  ILE ILE B . n 
A 1 25  SER 25  31  31  SER SER B . n 
A 1 26  LYS 26  32  32  LYS LYS B . n 
A 1 27  ASP 27  33  33  ASP ASP B . n 
A 1 28  ARG 28  34  34  ARG ARG B . n 
A 1 29  ARG 29  35  35  ARG ARG B . n 
A 1 30  GLN 30  36  36  GLN GLN B . n 
A 1 31  VAL 31  37  37  VAL VAL B . n 
A 1 32  ARG 32  38  38  ARG ARG B . n 
A 1 33  MET 33  39  39  MET MET B . n 
A 1 34  GLY 34  40  40  GLY GLY B . n 
A 1 35  ASP 35  41  41  ASP ASP B . n 
A 1 36  THR 36  42  42  THR THR B . n 
A 1 37  HIS 37  43  43  HIS HIS B . n 
A 1 38  GLN 38  44  44  GLN GLN B . n 
A 1 39  ASN 39  45  45  ASN ASN B . n 
A 1 40  VAL 40  46  46  VAL VAL B . n 
A 1 41  SER 41  47  47  SER SER B . n 
A 1 42  ASP 42  48  48  ASP ASP B . n 
A 1 43  ASN 43  49  49  ASN ASN B . n 
A 1 44  LYS 44  50  50  LYS LYS B . n 
A 1 45  GLU 45  51  51  GLU GLU B . n 
A 1 46  ARG 46  52  52  ARG ARG B . n 
A 1 47  PHE 47  53  53  PHE PHE B . n 
A 1 48  SER 48  54  54  SER SER B . n 
A 1 49  ASN 49  55  55  ASN ASN B . n 
A 1 50  TYR 50  56  56  TYR TYR B . n 
A 1 51  PRO 51  57  57  PRO PRO B . n 
A 1 52  MET 52  58  58  MET MET B . n 
A 1 53  VAL 53  59  59  VAL VAL B . n 
A 1 54  LEU 54  60  60  LEU LEU B . n 
A 1 55  GLY 55  61  61  GLY GLY B . n 
A 1 56  ALA 56  62  62  ALA ALA B . n 
A 1 57  GLN 57  63  63  GLN GLN B . n 
A 1 58  ARG 58  64  64  ARG ARG B . n 
A 1 59  PHE 59  65  65  PHE PHE B . n 
A 1 60  SER 60  66  66  SER SER B . n 
A 1 61  SER 61  67  67  SER SER B . n 
A 1 62  GLY 62  68  68  GLY GLY B . n 
A 1 63  LYS 63  69  69  LYS LYS B . n 
A 1 64  MET 64  70  70  MET MET B . n 
A 1 65  TYR 65  71  71  TYR TYR B . n 
A 1 66  TRP 66  72  72  TRP TRP B . n 
A 1 67  GLU 67  73  73  GLU GLU B . n 
A 1 68  VAL 68  74  74  VAL VAL B . n 
A 1 69  ASP 69  75  75  ASP ASP B . n 
A 1 70  VAL 70  76  76  VAL VAL B . n 
A 1 71  THR 71  77  77  THR THR B . n 
A 1 72  GLN 72  78  78  GLN GLN B . n 
A 1 73  LYS 73  79  79  LYS LYS B . n 
A 1 74  GLU 74  80  80  GLU GLU B . n 
A 1 75  ALA 75  81  81  ALA ALA B . n 
A 1 76  TRP 76  82  82  TRP TRP B . n 
A 1 77  ASP 77  83  83  ASP ASP B . n 
A 1 78  LEU 78  84  84  LEU LEU B . n 
A 1 79  GLY 79  85  85  GLY GLY B . n 
A 1 80  VAL 80  86  86  VAL VAL B . n 
A 1 81  CYS 81  87  87  CYS CYS B . n 
A 1 82  ARG 82  88  88  ARG ARG B . n 
A 1 83  ASP 83  89  89  ASP ASP B . n 
A 1 84  SER 84  90  90  SER SER B . n 
A 1 85  VAL 85  91  91  VAL VAL B . n 
A 1 86  GLN 86  92  92  GLN GLN B . n 
A 1 87  ARG 87  93  93  ARG ARG B . n 
A 1 88  LYS 88  94  94  LYS LYS B . n 
A 1 89  GLY 89  95  95  GLY GLY B . n 
A 1 90  GLN 90  96  96  GLN GLN B . n 
A 1 91  PHE 91  97  97  PHE PHE B . n 
A 1 92  SER 92  98  98  SER SER B . n 
A 1 93  LEU 93  99  99  LEU LEU B . n 
A 1 94  SER 94  100 100 SER SER B . n 
A 1 95  PRO 95  101 101 PRO PRO B . n 
A 1 96  GLU 96  102 102 GLU GLU B . n 
A 1 97  ASN 97  103 103 ASN ASN B . n 
A 1 98  GLY 98  104 104 GLY GLY B . n 
A 1 99  PHE 99  105 105 PHE PHE B . n 
A 1 100 TRP 100 106 106 TRP TRP B . n 
A 1 101 THR 101 107 107 THR THR B . n 
A 1 102 ILE 102 108 108 ILE ILE B . n 
A 1 103 TRP 103 109 109 TRP TRP B . n 
A 1 104 LEU 104 110 110 LEU LEU B . n 
A 1 105 TRP 105 111 111 TRP TRP B . n 
A 1 106 GLN 106 112 112 GLN GLN B . n 
A 1 107 ASP 107 113 113 ASP ASP B . n 
A 1 108 SER 108 114 114 SER SER B . n 
A 1 109 TYR 109 115 115 TYR TYR B . n 
A 1 110 GLU 110 116 116 GLU GLU B . n 
A 1 111 ALA 111 117 117 ALA ALA B . n 
A 1 112 GLY 112 118 118 GLY GLY B . n 
A 1 113 THR 113 119 119 THR THR B . n 
A 1 114 SER 114 120 120 SER SER B . n 
A 1 115 PRO 115 121 121 PRO PRO B . n 
A 1 116 GLN 116 122 122 GLN GLN B . n 
A 1 117 THR 117 123 123 THR THR B . n 
A 1 118 THR 118 124 124 THR THR B . n 
A 1 119 LEU 119 125 125 LEU LEU B . n 
A 1 120 HIS 120 126 126 HIS HIS B . n 
A 1 121 ILE 121 127 127 ILE ILE B . n 
A 1 122 GLN 122 128 128 GLN GLN B . n 
A 1 123 VAL 123 129 129 VAL VAL B . n 
A 1 124 PRO 124 130 130 PRO PRO B . n 
A 1 125 PRO 125 131 131 PRO PRO B . n 
A 1 126 CYS 126 132 132 CYS CYS B . n 
A 1 127 GLN 127 133 133 GLN GLN B . n 
A 1 128 ILE 128 134 134 ILE ILE B . n 
A 1 129 GLY 129 135 135 GLY GLY B . n 
A 1 130 ILE 130 136 136 ILE ILE B . n 
A 1 131 PHE 131 137 137 PHE PHE B . n 
A 1 132 VAL 132 138 138 VAL VAL B . n 
A 1 133 ASP 133 139 139 ASP ASP B . n 
A 1 134 TYR 134 140 140 TYR TYR B . n 
A 1 135 GLU 135 141 141 GLU GLU B . n 
A 1 136 ALA 136 142 142 ALA ALA B . n 
A 1 137 GLY 137 143 143 GLY GLY B . n 
A 1 138 VAL 138 144 144 VAL VAL B . n 
A 1 139 VAL 139 145 145 VAL VAL B . n 
A 1 140 SER 140 146 146 SER SER B . n 
A 1 141 PHE 141 147 147 PHE PHE B . n 
A 1 142 TYR 142 148 148 TYR TYR B . n 
A 1 143 ASN 143 149 149 ASN ASN B . n 
A 1 144 ILE 144 150 150 ILE ILE B . n 
A 1 145 THR 145 151 151 THR THR B . n 
A 1 146 ASP 146 152 152 ASP ASP B . n 
A 1 147 HIS 147 153 153 HIS HIS B . n 
A 1 148 GLY 148 154 154 GLY GLY B . n 
A 1 149 SER 149 155 155 SER SER B . n 
A 1 150 LEU 150 156 156 LEU LEU B . n 
A 1 151 ILE 151 157 157 ILE ILE B . n 
A 1 152 TYR 152 158 158 TYR TYR B . n 
A 1 153 THR 153 159 159 THR THR B . n 
A 1 154 PHE 154 160 160 PHE PHE B . n 
A 1 155 SER 155 161 161 SER SER B . n 
A 1 156 GLU 156 162 162 GLU GLU B . n 
A 1 157 CYS 157 163 163 CYS CYS B . n 
A 1 158 VAL 158 164 164 VAL VAL B . n 
A 1 159 PHE 159 165 165 PHE PHE B . n 
A 1 160 ALA 160 166 166 ALA ALA B . n 
A 1 161 GLY 161 167 167 GLY GLY B . n 
A 1 162 PRO 162 168 168 PRO PRO B . n 
A 1 163 LEU 163 169 169 LEU LEU B . n 
A 1 164 ARG 164 170 170 ARG ARG B . n 
A 1 165 PRO 165 171 171 PRO PRO B . n 
A 1 166 PHE 166 172 172 PHE PHE B . n 
A 1 167 PHE 167 173 173 PHE PHE B . n 
A 1 168 ASN 168 174 174 ASN ASN B . n 
A 1 169 VAL 169 175 175 VAL VAL B . n 
A 1 170 GLY 170 176 176 GLY GLY B . n 
A 1 171 PHE 171 177 177 PHE PHE B . n 
A 1 172 ASN 172 178 178 ASN ASN B . n 
A 1 173 TYR 173 179 179 TYR TYR B . n 
A 1 174 SER 174 180 180 SER SER B . n 
A 1 175 GLY 175 181 181 GLY GLY B . n 
A 1 176 GLY 176 182 182 GLY GLY B . n 
A 1 177 ASN 177 183 183 ASN ASN B . n 
A 1 178 ALA 178 184 184 ALA ALA B . n 
A 1 179 ALA 179 185 185 ALA ALA B . n 
A 1 180 PRO 180 186 186 PRO PRO B . n 
A 1 181 LEU 181 187 187 LEU LEU B . n 
A 1 182 LYS 182 188 188 LYS LYS B . n 
A 1 183 LEU 183 189 189 LEU LEU B . n 
A 1 184 CYS 184 190 190 CYS CYS B . n 
A 1 185 PRO 185 191 191 PRO PRO B . n 
A 1 186 LEU 186 192 192 LEU LEU B . n 
A 1 187 LYS 187 193 ?   ?   ?   B . n 
A 1 188 MET 188 194 ?   ?   ?   B . n 
# 
_pdbx_entity_instance_feature.ordinal        1 
_pdbx_entity_instance_feature.comp_id        T6J 
_pdbx_entity_instance_feature.asym_id        ? 
_pdbx_entity_instance_feature.seq_num        ? 
_pdbx_entity_instance_feature.auth_comp_id   T6J 
_pdbx_entity_instance_feature.auth_asym_id   ? 
_pdbx_entity_instance_feature.auth_seq_num   ? 
_pdbx_entity_instance_feature.feature_type   'SUBJECT OF INVESTIGATION' 
_pdbx_entity_instance_feature.details        ? 
# 
loop_
_pdbx_nonpoly_scheme.asym_id 
_pdbx_nonpoly_scheme.entity_id 
_pdbx_nonpoly_scheme.mon_id 
_pdbx_nonpoly_scheme.ndb_seq_num 
_pdbx_nonpoly_scheme.pdb_seq_num 
_pdbx_nonpoly_scheme.auth_seq_num 
_pdbx_nonpoly_scheme.pdb_mon_id 
_pdbx_nonpoly_scheme.auth_mon_id 
_pdbx_nonpoly_scheme.pdb_strand_id 
_pdbx_nonpoly_scheme.pdb_ins_code 
B 2 T6J 1   201 302 T6J LIG B . 
C 3 EDO 1   202 305 EDO EDO B . 
D 4 SO4 1   203 1   SO4 SO4 B . 
E 5 HOH 1   301 107 HOH HOH B . 
E 5 HOH 2   302 11  HOH HOH B . 
E 5 HOH 3   303 29  HOH HOH B . 
E 5 HOH 4   304 2   HOH HOH B . 
E 5 HOH 5   305 12  HOH HOH B . 
E 5 HOH 6   306 26  HOH HOH B . 
E 5 HOH 7   307 33  HOH HOH B . 
E 5 HOH 8   308 99  HOH HOH B . 
E 5 HOH 9   309 9   HOH HOH B . 
E 5 HOH 10  310 1   HOH HOH B . 
E 5 HOH 11  311 21  HOH HOH B . 
E 5 HOH 12  312 40  HOH HOH B . 
E 5 HOH 13  313 27  HOH HOH B . 
E 5 HOH 14  314 102 HOH HOH B . 
E 5 HOH 15  315 4   HOH HOH B . 
E 5 HOH 16  316 63  HOH HOH B . 
E 5 HOH 17  317 51  HOH HOH B . 
E 5 HOH 18  318 16  HOH HOH B . 
E 5 HOH 19  319 95  HOH HOH B . 
E 5 HOH 20  320 90  HOH HOH B . 
E 5 HOH 21  321 25  HOH HOH B . 
E 5 HOH 22  322 5   HOH HOH B . 
E 5 HOH 23  323 264 HOH HOH B . 
E 5 HOH 24  324 34  HOH HOH B . 
E 5 HOH 25  325 70  HOH HOH B . 
E 5 HOH 26  326 31  HOH HOH B . 
E 5 HOH 27  327 10  HOH HOH B . 
E 5 HOH 28  328 11  HOH HOH B . 
E 5 HOH 29  329 27  HOH HOH B . 
E 5 HOH 30  330 129 HOH HOH B . 
E 5 HOH 31  331 80  HOH HOH B . 
E 5 HOH 32  332 16  HOH HOH B . 
E 5 HOH 33  333 36  HOH HOH B . 
E 5 HOH 34  334 39  HOH HOH B . 
E 5 HOH 35  335 66  HOH HOH B . 
E 5 HOH 36  336 100 HOH HOH B . 
E 5 HOH 37  337 26  HOH HOH B . 
E 5 HOH 38  338 22  HOH HOH B . 
E 5 HOH 39  339 184 HOH HOH B . 
E 5 HOH 40  340 72  HOH HOH B . 
E 5 HOH 41  341 214 HOH HOH B . 
E 5 HOH 42  342 20  HOH HOH B . 
E 5 HOH 43  343 18  HOH HOH B . 
E 5 HOH 44  344 68  HOH HOH B . 
E 5 HOH 45  345 28  HOH HOH B . 
E 5 HOH 46  346 7   HOH HOH B . 
E 5 HOH 47  347 2   HOH HOH B . 
E 5 HOH 48  348 6   HOH HOH B . 
E 5 HOH 49  349 58  HOH HOH B . 
E 5 HOH 50  350 50  HOH HOH B . 
E 5 HOH 51  351 55  HOH HOH B . 
E 5 HOH 52  352 59  HOH HOH B . 
E 5 HOH 53  353 137 HOH HOH B . 
E 5 HOH 54  354 1   HOH HOH B . 
E 5 HOH 55  355 10  HOH HOH B . 
E 5 HOH 56  356 29  HOH HOH B . 
E 5 HOH 57  357 62  HOH HOH B . 
E 5 HOH 58  358 3   HOH HOH B . 
E 5 HOH 59  359 17  HOH HOH B . 
E 5 HOH 60  360 267 HOH HOH B . 
E 5 HOH 61  361 126 HOH HOH B . 
E 5 HOH 62  362 81  HOH HOH B . 
E 5 HOH 63  363 86  HOH HOH B . 
E 5 HOH 64  364 172 HOH HOH B . 
E 5 HOH 65  365 19  HOH HOH B . 
E 5 HOH 66  366 8   HOH HOH B . 
E 5 HOH 67  367 85  HOH HOH B . 
E 5 HOH 68  368 76  HOH HOH B . 
E 5 HOH 69  369 33  HOH HOH B . 
E 5 HOH 70  370 157 HOH HOH B . 
E 5 HOH 71  371 4   HOH HOH B . 
E 5 HOH 72  372 304 HOH HOH B . 
E 5 HOH 73  373 47  HOH HOH B . 
E 5 HOH 74  374 15  HOH HOH B . 
E 5 HOH 75  375 61  HOH HOH B . 
E 5 HOH 76  376 89  HOH HOH B . 
E 5 HOH 77  377 14  HOH HOH B . 
E 5 HOH 78  378 13  HOH HOH B . 
E 5 HOH 79  379 43  HOH HOH B . 
E 5 HOH 80  380 32  HOH HOH B . 
E 5 HOH 81  381 71  HOH HOH B . 
E 5 HOH 82  382 93  HOH HOH B . 
E 5 HOH 83  383 3   HOH HOH B . 
E 5 HOH 84  384 25  HOH HOH B . 
E 5 HOH 85  385 116 HOH HOH B . 
E 5 HOH 86  386 48  HOH HOH B . 
E 5 HOH 87  387 211 HOH HOH B . 
E 5 HOH 88  388 154 HOH HOH B . 
E 5 HOH 89  389 32  HOH HOH B . 
E 5 HOH 90  390 156 HOH HOH B . 
E 5 HOH 91  391 24  HOH HOH B . 
E 5 HOH 92  392 257 HOH HOH B . 
E 5 HOH 93  393 73  HOH HOH B . 
E 5 HOH 94  394 82  HOH HOH B . 
E 5 HOH 95  395 303 HOH HOH B . 
E 5 HOH 96  396 45  HOH HOH B . 
E 5 HOH 97  397 103 HOH HOH B . 
E 5 HOH 98  398 281 HOH HOH B . 
E 5 HOH 99  399 57  HOH HOH B . 
E 5 HOH 100 400 22  HOH HOH B . 
E 5 HOH 101 401 64  HOH HOH B . 
E 5 HOH 102 402 23  HOH HOH B . 
E 5 HOH 103 403 8   HOH HOH B . 
E 5 HOH 104 404 125 HOH HOH B . 
E 5 HOH 105 405 60  HOH HOH B . 
E 5 HOH 106 406 56  HOH HOH B . 
E 5 HOH 107 407 5   HOH HOH B . 
E 5 HOH 108 408 42  HOH HOH B . 
E 5 HOH 109 409 20  HOH HOH B . 
E 5 HOH 110 410 97  HOH HOH B . 
E 5 HOH 111 411 12  HOH HOH B . 
E 5 HOH 112 412 7   HOH HOH B . 
E 5 HOH 113 413 49  HOH HOH B . 
E 5 HOH 114 414 54  HOH HOH B . 
E 5 HOH 115 415 69  HOH HOH B . 
E 5 HOH 116 416 38  HOH HOH B . 
E 5 HOH 117 417 120 HOH HOH B . 
E 5 HOH 118 418 15  HOH HOH B . 
E 5 HOH 119 419 140 HOH HOH B . 
E 5 HOH 120 420 30  HOH HOH B . 
E 5 HOH 121 421 18  HOH HOH B . 
E 5 HOH 122 422 263 HOH HOH B . 
E 5 HOH 123 423 53  HOH HOH B . 
E 5 HOH 124 424 41  HOH HOH B . 
E 5 HOH 125 425 197 HOH HOH B . 
E 5 HOH 126 426 44  HOH HOH B . 
E 5 HOH 127 427 19  HOH HOH B . 
E 5 HOH 128 428 133 HOH HOH B . 
E 5 HOH 129 429 112 HOH HOH B . 
E 5 HOH 130 430 30  HOH HOH B . 
E 5 HOH 131 431 266 HOH HOH B . 
E 5 HOH 132 432 114 HOH HOH B . 
E 5 HOH 133 433 115 HOH HOH B . 
E 5 HOH 134 434 23  HOH HOH B . 
E 5 HOH 135 435 21  HOH HOH B . 
E 5 HOH 136 436 13  HOH HOH B . 
E 5 HOH 137 437 98  HOH HOH B . 
E 5 HOH 138 438 46  HOH HOH B . 
E 5 HOH 139 439 205 HOH HOH B . 
E 5 HOH 140 440 104 HOH HOH B . 
E 5 HOH 141 441 166 HOH HOH B . 
E 5 HOH 142 442 127 HOH HOH B . 
E 5 HOH 143 443 14  HOH HOH B . 
E 5 HOH 144 444 270 HOH HOH B . 
E 5 HOH 145 445 131 HOH HOH B . 
E 5 HOH 146 446 259 HOH HOH B . 
# 
loop_
_pdbx_unobs_or_zero_occ_atoms.id 
_pdbx_unobs_or_zero_occ_atoms.PDB_model_num 
_pdbx_unobs_or_zero_occ_atoms.polymer_flag 
_pdbx_unobs_or_zero_occ_atoms.occupancy_flag 
_pdbx_unobs_or_zero_occ_atoms.auth_asym_id 
_pdbx_unobs_or_zero_occ_atoms.auth_comp_id 
_pdbx_unobs_or_zero_occ_atoms.auth_seq_id 
_pdbx_unobs_or_zero_occ_atoms.PDB_ins_code 
_pdbx_unobs_or_zero_occ_atoms.auth_atom_id 
_pdbx_unobs_or_zero_occ_atoms.label_alt_id 
_pdbx_unobs_or_zero_occ_atoms.label_asym_id 
_pdbx_unobs_or_zero_occ_atoms.label_comp_id 
_pdbx_unobs_or_zero_occ_atoms.label_seq_id 
_pdbx_unobs_or_zero_occ_atoms.label_atom_id 
1 1 Y 1 B LEU 192 ? CG  ? A LEU 186 CG  
2 1 Y 1 B LEU 192 ? CD1 ? A LEU 186 CD1 
3 1 Y 1 B LEU 192 ? CD2 ? A LEU 186 CD2 
# 
loop_
_software.pdbx_ordinal 
_software.name 
_software.version 
_software.date 
_software.type 
_software.contact_author 
_software.contact_author_email 
_software.classification 
_software.location 
_software.language 
_software.citation_id 
1 REFMAC      5.8.0267 ?               program 'Garib N. Murshudov' garib@ysbl.york.ac.uk    refinement        
http://www.ccp4.ac.uk/dist/html/refmac5.html        Fortran_77 ? 
2 Aimless     0.7.7    23/04/21        program 'Phil Evans'         ?                        'data scaling'    
http://www.mrc-lmb.cam.ac.uk/harry/pre/aimless.html ?          ? 
3 PDB_EXTRACT 3.23     'SEP. 23, 2016' package PDB                  deposit@deposit.rcsb.org 'data extraction' 
http://sw-tools.pdb.org/apps/PDB_EXTRACT/           C++        ? 
4 XDS         .        ?               program ?                    ?                        'data reduction'  ? ?          ? 
5 REFMAC      .        ?               program ?                    ?                        phasing           ? ?          ? 
# 
_cell.entry_id           7HMS 
_cell.length_a           95.442 
_cell.length_b           95.442 
_cell.length_c           45.856 
_cell.angle_alpha        90.000 
_cell.angle_beta         90.000 
_cell.angle_gamma        90.000 
_cell.Z_PDB              8 
_cell.pdbx_unique_axis   ? 
# 
_symmetry.entry_id                         7HMS 
_symmetry.space_group_name_H-M             'I 4' 
_symmetry.pdbx_full_space_group_name_H-M   ? 
_symmetry.cell_setting                     ? 
_symmetry.Int_Tables_number                79 
# 
_exptl.crystals_number   1 
_exptl.entry_id          7HMS 
_exptl.method            'X-RAY DIFFRACTION' 
# 
_exptl_crystal.id                    1 
_exptl_crystal.pdbx_mosaicity        0.000 
_exptl_crystal.pdbx_mosaicity_esd    ? 
_exptl_crystal.density_Matthews      2.42 
_exptl_crystal.density_diffrn        ? 
_exptl_crystal.density_meas          ? 
_exptl_crystal.density_meas_temp     ? 
_exptl_crystal.density_percent_sol   49.13 
_exptl_crystal.size_max              ? 
_exptl_crystal.size_mid              ? 
_exptl_crystal.size_min              ? 
_exptl_crystal.size_rad              ? 
_exptl_crystal.description           ? 
# 
_exptl_crystal_grow.crystal_id      1 
_exptl_crystal_grow.method          'VAPOR DIFFUSION, SITTING DROP' 
_exptl_crystal_grow.pH              8 
_exptl_crystal_grow.temp            293 
_exptl_crystal_grow.pdbx_details    '4 % PEG 400, 2 M AmmSO4, 0.1 M HEPES pH 8' 
_exptl_crystal_grow.temp_details    ? 
_exptl_crystal_grow.pdbx_pH_range   ? 
# 
_diffrn.id                     1 
_diffrn.ambient_temp           100 
_diffrn.crystal_id             1 
_diffrn.ambient_temp_details   ? 
# 
_diffrn_detector.detector               PIXEL 
_diffrn_detector.type                   'DECTRIS EIGER2 XE 9M' 
_diffrn_detector.pdbx_collection_date   2024-05-24 
_diffrn_detector.diffrn_id              1 
_diffrn_detector.details                ? 
# 
_diffrn_radiation.diffrn_id                        1 
_diffrn_radiation.wavelength_id                    1 
_diffrn_radiation.pdbx_diffrn_protocol             'SINGLE WAVELENGTH' 
_diffrn_radiation.pdbx_monochromatic_or_laue_m_l   ? 
_diffrn_radiation.monochromator                    ? 
_diffrn_radiation.pdbx_scattering_type             x-ray 
# 
_diffrn_radiation_wavelength.id           1 
_diffrn_radiation_wavelength.wavelength   0.92124 
_diffrn_radiation_wavelength.wt           1.0 
# 
_diffrn_source.diffrn_id                   1 
_diffrn_source.source                      SYNCHROTRON 
_diffrn_source.type                        'DIAMOND BEAMLINE I04-1' 
_diffrn_source.pdbx_wavelength_list        0.92124 
_diffrn_source.pdbx_synchrotron_site       Diamond 
_diffrn_source.pdbx_synchrotron_beamline   I04-1 
_diffrn_source.pdbx_wavelength             ? 
# 
_reflns.entry_id                     7HMS 
_reflns.pdbx_diffrn_id               1 
_reflns.pdbx_ordinal                 1 
_reflns.observed_criterion_sigma_I   ? 
_reflns.observed_criterion_sigma_F   ? 
_reflns.d_resolution_low             67.480 
_reflns.d_resolution_high            1.150 
_reflns.number_obs                   62571 
_reflns.number_all                   ? 
_reflns.percent_possible_obs         84.700 
_reflns.pdbx_Rmerge_I_obs            0.041 
_reflns.pdbx_Rsym_value              ? 
_reflns.pdbx_netI_over_sigmaI        26.500 
_reflns.B_iso_Wilson_estimate        ? 
_reflns.pdbx_redundancy              9.400 
_reflns.pdbx_Rrim_I_all              0.043 
_reflns.pdbx_Rpim_I_all              0.012 
_reflns.pdbx_CC_half                 0.999 
_reflns.pdbx_netI_over_av_sigmaI     ? 
_reflns.pdbx_number_measured_all     590480 
_reflns.pdbx_scaling_rejects         0 
_reflns.pdbx_chi_squared             ? 
_reflns.Rmerge_F_all                 ? 
_reflns.Rmerge_F_obs                 ? 
_reflns.observed_criterion_F_max     ? 
_reflns.observed_criterion_F_min     ? 
_reflns.observed_criterion_I_max     ? 
_reflns.observed_criterion_I_min     ? 
_reflns.pdbx_d_res_high_opt          ? 
_reflns.pdbx_d_res_low_opt           ? 
_reflns.details                      ? 
# 
loop_
_reflns_shell.pdbx_diffrn_id 
_reflns_shell.pdbx_ordinal 
_reflns_shell.d_res_high 
_reflns_shell.d_res_low 
_reflns_shell.number_measured_obs 
_reflns_shell.number_measured_all 
_reflns_shell.number_unique_obs 
_reflns_shell.pdbx_rejects 
_reflns_shell.Rmerge_I_obs 
_reflns_shell.meanI_over_sigI_obs 
_reflns_shell.pdbx_Rsym_value 
_reflns_shell.pdbx_chi_squared 
_reflns_shell.pdbx_redundancy 
_reflns_shell.percent_possible_obs 
_reflns_shell.pdbx_netI_over_sigmaI_obs 
_reflns_shell.number_possible 
_reflns_shell.number_unique_all 
_reflns_shell.Rmerge_F_all 
_reflns_shell.Rmerge_F_obs 
_reflns_shell.Rmerge_I_all 
_reflns_shell.meanI_over_sigI_all 
_reflns_shell.percent_possible_all 
_reflns_shell.pdbx_Rrim_I_all 
_reflns_shell.pdbx_Rpim_I_all 
_reflns_shell.pdbx_CC_half 
1 1 1.150 1.170  ? 335  328 ? 0.348 ? ? ? 1.000  ? 0.600   ? ? ? ? ? ? 9.200  0.492 0.348 0.120 
1 2 6.280 67.480 ? 6244 490 ? 0.038 ? ? ? 12.700 ? 108.600 ? ? ? ? ? ? 99.900 0.040 0.012 0.999 
# 
_refine.entry_id                                 7HMS 
_refine.pdbx_refine_id                           'X-RAY DIFFRACTION' 
_refine.ls_d_res_high                            1.1500 
_refine.ls_d_res_low                             67.4900 
_refine.pdbx_ls_sigma_F                          0.000 
_refine.pdbx_data_cutoff_high_absF               ? 
_refine.pdbx_data_cutoff_low_absF                ? 
_refine.ls_percent_reflns_obs                    84.5500 
_refine.ls_number_reflns_obs                     59536 
_refine.ls_number_reflns_all                     ? 
_refine.pdbx_ls_cross_valid_method               THROUGHOUT 
_refine.ls_matrix_type                           ? 
_refine.pdbx_R_Free_selection_details            RANDOM 
_refine.details                                  
'HYDROGENS HAVE BEEN ADDED IN THE RIDING POSITIONS U VALUES      : REFINED INDIVIDUALLY' 
_refine.ls_R_factor_all                          ? 
_refine.ls_R_factor_obs                          0.1785 
_refine.ls_R_factor_R_work                       0.1777 
_refine.ls_wR_factor_R_work                      ? 
_refine.ls_R_factor_R_free                       0.1944 
_refine.ls_wR_factor_R_free                      ? 
_refine.ls_percent_reflns_R_free                 4.8000 
_refine.ls_number_reflns_R_free                  3034 
_refine.ls_number_reflns_R_work                  ? 
_refine.ls_R_factor_R_free_error                 ? 
_refine.B_iso_mean                               14.4640 
_refine.solvent_model_param_bsol                 ? 
_refine.solvent_model_param_ksol                 ? 
_refine.pdbx_isotropic_thermal_model             ? 
_refine.aniso_B[1][1]                            0.0900 
_refine.aniso_B[2][2]                            0.0900 
_refine.aniso_B[3][3]                            -0.1800 
_refine.aniso_B[1][2]                            0.0000 
_refine.aniso_B[1][3]                            0.0000 
_refine.aniso_B[2][3]                            -0.0000 
_refine.correlation_coeff_Fo_to_Fc               0.9690 
_refine.correlation_coeff_Fo_to_Fc_free          0.9610 
_refine.overall_SU_R_Cruickshank_DPI             ? 
_refine.pdbx_overall_SU_R_free_Cruickshank_DPI   ? 
_refine.pdbx_overall_SU_R_Blow_DPI               ? 
_refine.pdbx_overall_SU_R_free_Blow_DPI          ? 
_refine.overall_SU_R_free                        ? 
_refine.pdbx_overall_ESU_R                       0.0430 
_refine.pdbx_overall_ESU_R_Free                  0.0440 
_refine.overall_SU_ML                            0.0310 
_refine.overall_SU_B                             0.6990 
_refine.solvent_model_details                    MASK 
_refine.pdbx_solvent_vdw_probe_radii             1.2000 
_refine.pdbx_solvent_ion_probe_radii             0.8000 
_refine.pdbx_solvent_shrinkage_radii             0.8000 
_refine.ls_number_parameters                     ? 
_refine.ls_number_restraints                     ? 
_refine.pdbx_starting_model                      ? 
_refine.pdbx_method_to_determine_struct          'FOURIER SYNTHESIS' 
_refine.pdbx_stereochemistry_target_values       'MAXIMUM LIKELIHOOD' 
_refine.pdbx_stereochem_target_val_spec_case     ? 
_refine.overall_FOM_work_R_set                   ? 
_refine.B_iso_max                                61.980 
_refine.B_iso_min                                7.370 
_refine.pdbx_overall_phase_error                 ? 
_refine.occupancy_max                            ? 
_refine.occupancy_min                            ? 
_refine.pdbx_diffrn_id                           1 
_refine.pdbx_TLS_residual_ADP_flag               ? 
_refine.pdbx_ls_sigma_I                          ? 
_refine.pdbx_data_cutoff_high_rms_absF           ? 
_refine.ls_R_factor_R_free_error_details         ? 
# 
_refine_hist.cycle_id                         final 
_refine_hist.pdbx_refine_id                   'X-RAY DIFFRACTION' 
_refine_hist.d_res_high                       1.1500 
_refine_hist.d_res_low                        67.4900 
_refine_hist.pdbx_number_atoms_ligand         23 
_refine_hist.number_atoms_solvent             146 
_refine_hist.number_atoms_total               1662 
_refine_hist.pdbx_number_residues_total       185 
_refine_hist.pdbx_B_iso_mean_ligand           29.85 
_refine_hist.pdbx_B_iso_mean_solvent          25.19 
_refine_hist.pdbx_number_atoms_protein        1493 
_refine_hist.pdbx_number_atoms_nucleic_acid   0 
# 
loop_
_refine_ls_restr.pdbx_refine_id 
_refine_ls_restr.type 
_refine_ls_restr.number 
_refine_ls_restr.dev_ideal 
_refine_ls_restr.dev_ideal_target 
_refine_ls_restr.weight 
_refine_ls_restr.pdbx_restraint_function 
'X-RAY DIFFRACTION' r_bond_refined_d       2126 0.013  0.013  ? ? 
'X-RAY DIFFRACTION' r_bond_other_d         1662 0.001  0.015  ? ? 
'X-RAY DIFFRACTION' r_angle_refined_deg    2647 1.906  1.657  ? ? 
'X-RAY DIFFRACTION' r_angle_other_deg      3834 1.453  1.594  ? ? 
'X-RAY DIFFRACTION' r_dihedral_angle_1_deg 247  7.328  5.000  ? ? 
'X-RAY DIFFRACTION' r_dihedral_angle_2_deg 113  27.532 21.150 ? ? 
'X-RAY DIFFRACTION' r_dihedral_angle_3_deg 291  11.762 15.000 ? ? 
'X-RAY DIFFRACTION' r_dihedral_angle_4_deg 15   22.902 15.000 ? ? 
'X-RAY DIFFRACTION' r_chiral_restr         223  0.087  0.200  ? ? 
'X-RAY DIFFRACTION' r_gen_planes_refined   2355 0.011  0.020  ? ? 
'X-RAY DIFFRACTION' r_gen_planes_other     541  0.002  0.020  ? ? 
'X-RAY DIFFRACTION' r_mcbond_it            988  1.230  1.273  ? ? 
'X-RAY DIFFRACTION' r_mcbond_other         984  1.213  1.263  ? ? 
'X-RAY DIFFRACTION' r_mcangle_it           1177 1.921  1.910  ? ? 
# 
_refine_ls_shell.d_res_high                       1.1460 
_refine_ls_shell.d_res_low                        1.1760 
_refine_ls_shell.pdbx_total_number_of_bins_used   20 
_refine_ls_shell.percent_reflns_obs               13.1700 
_refine_ls_shell.number_reflns_R_work             679 
_refine_ls_shell.R_factor_all                     ? 
_refine_ls_shell.R_factor_R_work                  0.3170 
_refine_ls_shell.R_factor_R_free                  0.3910 
_refine_ls_shell.percent_reflns_R_free            ? 
_refine_ls_shell.number_reflns_R_free             35 
_refine_ls_shell.R_factor_R_free_error            ? 
_refine_ls_shell.number_reflns_all                714 
_refine_ls_shell.number_reflns_obs                ? 
_refine_ls_shell.pdbx_refine_id                   'X-RAY DIFFRACTION' 
# 
_struct.entry_id                  7HMS 
_struct.title                     'PanDDA analysis group deposition -- Crystal Structure of TRIM21 in complex with Z126932614' 
_struct.pdbx_model_details        ? 
_struct.pdbx_CASP_flag            ? 
_struct.pdbx_model_type_details   ? 
# 
_struct_keywords.entry_id        7HMS 
_struct_keywords.text            'SGC - Diamond I04-1 fragment screening, PanDDA, XChemExplorer, TRIM21, LIGASE' 
_struct_keywords.pdbx_keywords   LIGASE 
# 
loop_
_struct_asym.id 
_struct_asym.pdbx_blank_PDB_chainid_flag 
_struct_asym.pdbx_modified 
_struct_asym.entity_id 
_struct_asym.details 
A N N 1 ? 
B N N 2 ? 
C N N 3 ? 
D N N 4 ? 
E N N 5 ? 
# 
_struct_ref.id                         1 
_struct_ref.db_name                    UNP 
_struct_ref.db_code                    RO52_MOUSE 
_struct_ref.pdbx_db_accession          Q62191 
_struct_ref.pdbx_db_isoform            ? 
_struct_ref.entity_id                  1 
_struct_ref.pdbx_seq_one_letter_code   
;VHITLDRNTANSWLIISKDRRQVRMGDTHQNVSDNKERFSNYPMVLGAQRFSSGKMYWEVDVTQKEAWDLGVCRDSVQRK
GQFSLSPENGFWTIWLWQDSYEAGTSPQTTLHIQVPPCQIGIFVDYEAGVVSFYNITDHGSLIYTFSECVFAGPLRPFFN
VGFNYSGGNAAPLKLCPLKM
;
_struct_ref.pdbx_align_begin           291 
# 
_struct_ref_seq.align_id                      1 
_struct_ref_seq.ref_id                        1 
_struct_ref_seq.pdbx_PDB_id_code              7HMS 
_struct_ref_seq.pdbx_strand_id                B 
_struct_ref_seq.seq_align_beg                 9 
_struct_ref_seq.pdbx_seq_align_beg_ins_code   ? 
_struct_ref_seq.seq_align_end                 188 
_struct_ref_seq.pdbx_seq_align_end_ins_code   ? 
_struct_ref_seq.pdbx_db_accession             Q62191 
_struct_ref_seq.db_align_beg                  291 
_struct_ref_seq.pdbx_db_align_beg_ins_code    ? 
_struct_ref_seq.db_align_end                  470 
_struct_ref_seq.pdbx_db_align_end_ins_code    ? 
_struct_ref_seq.pdbx_auth_seq_align_beg       15 
_struct_ref_seq.pdbx_auth_seq_align_end       194 
# 
loop_
_struct_ref_seq_dif.align_id 
_struct_ref_seq_dif.pdbx_pdb_id_code 
_struct_ref_seq_dif.mon_id 
_struct_ref_seq_dif.pdbx_pdb_strand_id 
_struct_ref_seq_dif.seq_num 
_struct_ref_seq_dif.pdbx_pdb_ins_code 
_struct_ref_seq_dif.pdbx_seq_db_name 
_struct_ref_seq_dif.pdbx_seq_db_accession_code 
_struct_ref_seq_dif.db_mon_id 
_struct_ref_seq_dif.pdbx_seq_db_seq_num 
_struct_ref_seq_dif.details 
_struct_ref_seq_dif.pdbx_auth_seq_num 
_struct_ref_seq_dif.pdbx_ordinal 
1 7HMS MET B 1 ? UNP Q62191 ? ? 'initiating methionine' 7  1 
1 7HMS HIS B 2 ? UNP Q62191 ? ? 'expression tag'        8  2 
1 7HMS HIS B 3 ? UNP Q62191 ? ? 'expression tag'        9  3 
1 7HMS HIS B 4 ? UNP Q62191 ? ? 'expression tag'        10 4 
1 7HMS HIS B 5 ? UNP Q62191 ? ? 'expression tag'        11 5 
1 7HMS HIS B 6 ? UNP Q62191 ? ? 'expression tag'        12 6 
1 7HMS HIS B 7 ? UNP Q62191 ? ? 'expression tag'        13 7 
1 7HMS MET B 8 ? UNP Q62191 ? ? 'expression tag'        14 8 
# 
_pdbx_struct_assembly.id                   1 
_pdbx_struct_assembly.details              author_defined_assembly 
_pdbx_struct_assembly.method_details       ? 
_pdbx_struct_assembly.oligomeric_details   monomeric 
_pdbx_struct_assembly.oligomeric_count     1 
# 
_pdbx_struct_assembly_gen.assembly_id       1 
_pdbx_struct_assembly_gen.oper_expression   1 
_pdbx_struct_assembly_gen.asym_id_list      A,B,C,D,E 
# 
_pdbx_struct_oper_list.id                   1 
_pdbx_struct_oper_list.type                 'identity operation' 
_pdbx_struct_oper_list.name                 1_555 
_pdbx_struct_oper_list.symmetry_operation   x,y,z 
_pdbx_struct_oper_list.matrix[1][1]         1.0000000000 
_pdbx_struct_oper_list.matrix[1][2]         0.0000000000 
_pdbx_struct_oper_list.matrix[1][3]         0.0000000000 
_pdbx_struct_oper_list.vector[1]            0.0000000000 
_pdbx_struct_oper_list.matrix[2][1]         0.0000000000 
_pdbx_struct_oper_list.matrix[2][2]         1.0000000000 
_pdbx_struct_oper_list.matrix[2][3]         0.0000000000 
_pdbx_struct_oper_list.vector[2]            0.0000000000 
_pdbx_struct_oper_list.matrix[3][1]         0.0000000000 
_pdbx_struct_oper_list.matrix[3][2]         0.0000000000 
_pdbx_struct_oper_list.matrix[3][3]         1.0000000000 
_pdbx_struct_oper_list.vector[3]            0.0000000000 
# 
loop_
_struct_conf.conf_type_id 
_struct_conf.id 
_struct_conf.pdbx_PDB_helix_id 
_struct_conf.beg_label_comp_id 
_struct_conf.beg_label_asym_id 
_struct_conf.beg_label_seq_id 
_struct_conf.pdbx_beg_PDB_ins_code 
_struct_conf.end_label_comp_id 
_struct_conf.end_label_asym_id 
_struct_conf.end_label_seq_id 
_struct_conf.pdbx_end_PDB_ins_code 
_struct_conf.beg_auth_comp_id 
_struct_conf.beg_auth_asym_id 
_struct_conf.beg_auth_seq_id 
_struct_conf.end_auth_comp_id 
_struct_conf.end_auth_asym_id 
_struct_conf.end_auth_seq_id 
_struct_conf.pdbx_PDB_helix_class 
_struct_conf.details 
_struct_conf.pdbx_PDB_helix_length 
HELX_P HELX_P1 AA1 HIS A 4  ? MET A 8  ? HIS B 10  MET B 14  5 ? 5 
HELX_P HELX_P2 AA2 ASP A 14 ? ALA A 18 ? ASP B 20  ALA B 24  5 ? 5 
HELX_P HELX_P3 AA3 SER A 94 ? ASN A 97 ? SER B 100 ASN B 103 5 ? 4 
# 
_struct_conf_type.id          HELX_P 
_struct_conf_type.criteria    ? 
_struct_conf_type.reference   ? 
# 
_struct_mon_prot_cis.pdbx_id                1 
_struct_mon_prot_cis.label_comp_id          SER 
_struct_mon_prot_cis.label_seq_id           114 
_struct_mon_prot_cis.label_asym_id          A 
_struct_mon_prot_cis.label_alt_id           . 
_struct_mon_prot_cis.pdbx_PDB_ins_code      ? 
_struct_mon_prot_cis.auth_comp_id           SER 
_struct_mon_prot_cis.auth_seq_id            120 
_struct_mon_prot_cis.auth_asym_id           B 
_struct_mon_prot_cis.pdbx_label_comp_id_2   PRO 
_struct_mon_prot_cis.pdbx_label_seq_id_2    115 
_struct_mon_prot_cis.pdbx_label_asym_id_2   A 
_struct_mon_prot_cis.pdbx_PDB_ins_code_2    ? 
_struct_mon_prot_cis.pdbx_auth_comp_id_2    PRO 
_struct_mon_prot_cis.pdbx_auth_seq_id_2     121 
_struct_mon_prot_cis.pdbx_auth_asym_id_2    B 
_struct_mon_prot_cis.pdbx_PDB_model_num     1 
_struct_mon_prot_cis.pdbx_omega_angle       -0.21 
# 
loop_
_struct_sheet.id 
_struct_sheet.type 
_struct_sheet.number_strands 
_struct_sheet.details 
AA1 ? 7 ? 
AA2 ? 6 ? 
# 
loop_
_struct_sheet_order.sheet_id 
_struct_sheet_order.range_id_1 
_struct_sheet_order.range_id_2 
_struct_sheet_order.offset 
_struct_sheet_order.sense 
AA1 1 2 ? anti-parallel 
AA1 2 3 ? anti-parallel 
AA1 3 4 ? anti-parallel 
AA1 4 5 ? anti-parallel 
AA1 5 6 ? anti-parallel 
AA1 6 7 ? anti-parallel 
AA2 1 2 ? anti-parallel 
AA2 2 3 ? anti-parallel 
AA2 3 4 ? anti-parallel 
AA2 4 5 ? anti-parallel 
AA2 5 6 ? anti-parallel 
# 
loop_
_struct_sheet_range.sheet_id 
_struct_sheet_range.id 
_struct_sheet_range.beg_label_comp_id 
_struct_sheet_range.beg_label_asym_id 
_struct_sheet_range.beg_label_seq_id 
_struct_sheet_range.pdbx_beg_PDB_ins_code 
_struct_sheet_range.end_label_comp_id 
_struct_sheet_range.end_label_asym_id 
_struct_sheet_range.end_label_seq_id 
_struct_sheet_range.pdbx_end_PDB_ins_code 
_struct_sheet_range.beg_auth_comp_id 
_struct_sheet_range.beg_auth_asym_id 
_struct_sheet_range.beg_auth_seq_id 
_struct_sheet_range.end_auth_comp_id 
_struct_sheet_range.end_auth_asym_id 
_struct_sheet_range.end_auth_seq_id 
AA1 1 LEU A 22  ? ILE A 24  ? LEU B 28  ILE B 30  
AA1 2 GLN A 30  ? MET A 33  ? GLN B 36  MET B 39  
AA1 3 LEU A 181 ? LEU A 183 ? LEU B 187 LEU B 189 
AA1 4 LYS A 63  ? ASP A 69  ? LYS B 69  ASP B 75  
AA1 5 GLN A 127 ? ASP A 133 ? GLN B 133 ASP B 139 
AA1 6 VAL A 138 ? ASN A 143 ? VAL B 144 ASN B 149 
AA1 7 SER A 149 ? PHE A 154 ? SER B 155 PHE B 160 
AA2 1 MET A 52  ? LEU A 54  ? MET B 58  LEU B 60  
AA2 2 LEU A 163 ? ASN A 168 ? LEU B 169 ASN B 174 
AA2 3 TRP A 76  ? ARG A 82  ? TRP B 82  ARG B 88  
AA2 4 PHE A 99  ? TRP A 105 ? PHE B 105 TRP B 111 
AA2 5 SER A 108 ? ALA A 111 ? SER B 114 ALA B 117 
AA2 6 THR A 117 ? THR A 118 ? THR B 123 THR B 124 
# 
loop_
_pdbx_struct_sheet_hbond.sheet_id 
_pdbx_struct_sheet_hbond.range_id_1 
_pdbx_struct_sheet_hbond.range_id_2 
_pdbx_struct_sheet_hbond.range_1_label_atom_id 
_pdbx_struct_sheet_hbond.range_1_label_comp_id 
_pdbx_struct_sheet_hbond.range_1_label_asym_id 
_pdbx_struct_sheet_hbond.range_1_label_seq_id 
_pdbx_struct_sheet_hbond.range_1_PDB_ins_code 
_pdbx_struct_sheet_hbond.range_1_auth_atom_id 
_pdbx_struct_sheet_hbond.range_1_auth_comp_id 
_pdbx_struct_sheet_hbond.range_1_auth_asym_id 
_pdbx_struct_sheet_hbond.range_1_auth_seq_id 
_pdbx_struct_sheet_hbond.range_2_label_atom_id 
_pdbx_struct_sheet_hbond.range_2_label_comp_id 
_pdbx_struct_sheet_hbond.range_2_label_asym_id 
_pdbx_struct_sheet_hbond.range_2_label_seq_id 
_pdbx_struct_sheet_hbond.range_2_PDB_ins_code 
_pdbx_struct_sheet_hbond.range_2_auth_atom_id 
_pdbx_struct_sheet_hbond.range_2_auth_comp_id 
_pdbx_struct_sheet_hbond.range_2_auth_asym_id 
_pdbx_struct_sheet_hbond.range_2_auth_seq_id 
AA1 1 2 N ILE A 23  ? N ILE B 29  O ARG A 32  ? O ARG B 38  
AA1 2 3 N VAL A 31  ? N VAL B 37  O LEU A 181 ? O LEU B 187 
AA1 3 4 O LYS A 182 ? O LYS B 188 N ASP A 69  ? N ASP B 75  
AA1 4 5 N TRP A 66  ? N TRP B 72  O ILE A 130 ? O ILE B 136 
AA1 5 6 N PHE A 131 ? N PHE B 137 O SER A 140 ? O SER B 146 
AA1 6 7 N PHE A 141 ? N PHE B 147 O ILE A 151 ? O ILE B 157 
AA2 1 2 N VAL A 53  ? N VAL B 59  O PHE A 167 ? O PHE B 173 
AA2 2 3 O ARG A 164 ? O ARG B 170 N CYS A 81  ? N CYS B 87  
AA2 3 4 N VAL A 80  ? N VAL B 86  O TRP A 100 ? O TRP B 106 
AA2 4 5 N TRP A 105 ? N TRP B 111 O SER A 108 ? O SER B 114 
AA2 5 6 N ALA A 111 ? N ALA B 117 O THR A 117 ? O THR B 123 
# 
_pdbx_entry_details.entry_id                   7HMS 
_pdbx_entry_details.compound_details           ? 
_pdbx_entry_details.source_details             ? 
_pdbx_entry_details.nonpolymer_details         ? 
_pdbx_entry_details.sequence_details           ? 
_pdbx_entry_details.has_ligand_of_interest     Y 
_pdbx_entry_details.has_protein_modification   N 
# 
_pdbx_validate_rmsd_angle.id                         1 
_pdbx_validate_rmsd_angle.PDB_model_num              1 
_pdbx_validate_rmsd_angle.auth_atom_id_1             CG 
_pdbx_validate_rmsd_angle.auth_asym_id_1             B 
_pdbx_validate_rmsd_angle.auth_comp_id_1             ARG 
_pdbx_validate_rmsd_angle.auth_seq_id_1              64 
_pdbx_validate_rmsd_angle.PDB_ins_code_1             ? 
_pdbx_validate_rmsd_angle.label_alt_id_1             ? 
_pdbx_validate_rmsd_angle.auth_atom_id_2             CD 
_pdbx_validate_rmsd_angle.auth_asym_id_2             B 
_pdbx_validate_rmsd_angle.auth_comp_id_2             ARG 
_pdbx_validate_rmsd_angle.auth_seq_id_2              64 
_pdbx_validate_rmsd_angle.PDB_ins_code_2             ? 
_pdbx_validate_rmsd_angle.label_alt_id_2             ? 
_pdbx_validate_rmsd_angle.auth_atom_id_3             NE 
_pdbx_validate_rmsd_angle.auth_asym_id_3             B 
_pdbx_validate_rmsd_angle.auth_comp_id_3             ARG 
_pdbx_validate_rmsd_angle.auth_seq_id_3              64 
_pdbx_validate_rmsd_angle.PDB_ins_code_3             ? 
_pdbx_validate_rmsd_angle.label_alt_id_3             ? 
_pdbx_validate_rmsd_angle.angle_value                130.86 
_pdbx_validate_rmsd_angle.angle_target_value         111.80 
_pdbx_validate_rmsd_angle.angle_deviation            19.06 
_pdbx_validate_rmsd_angle.angle_standard_deviation   2.10 
_pdbx_validate_rmsd_angle.linker_flag                N 
# 
_pdbx_validate_torsion.id              1 
_pdbx_validate_torsion.PDB_model_num   1 
_pdbx_validate_torsion.auth_comp_id    ASP 
_pdbx_validate_torsion.auth_asym_id    B 
_pdbx_validate_torsion.auth_seq_id     152 
_pdbx_validate_torsion.PDB_ins_code    ? 
_pdbx_validate_torsion.label_alt_id    ? 
_pdbx_validate_torsion.phi             -102.99 
_pdbx_validate_torsion.psi             51.84 
# 
_pdbx_struct_special_symmetry.id              1 
_pdbx_struct_special_symmetry.PDB_model_num   1 
_pdbx_struct_special_symmetry.auth_asym_id    B 
_pdbx_struct_special_symmetry.auth_comp_id    HOH 
_pdbx_struct_special_symmetry.auth_seq_id     432 
_pdbx_struct_special_symmetry.PDB_ins_code    ? 
_pdbx_struct_special_symmetry.label_asym_id   E 
_pdbx_struct_special_symmetry.label_comp_id   HOH 
_pdbx_struct_special_symmetry.label_seq_id    . 
# 
_phasing.method   MR 
# 
loop_
_pdbx_unobs_or_zero_occ_residues.id 
_pdbx_unobs_or_zero_occ_residues.PDB_model_num 
_pdbx_unobs_or_zero_occ_residues.polymer_flag 
_pdbx_unobs_or_zero_occ_residues.occupancy_flag 
_pdbx_unobs_or_zero_occ_residues.auth_asym_id 
_pdbx_unobs_or_zero_occ_residues.auth_comp_id 
_pdbx_unobs_or_zero_occ_residues.auth_seq_id 
_pdbx_unobs_or_zero_occ_residues.PDB_ins_code 
_pdbx_unobs_or_zero_occ_residues.label_asym_id 
_pdbx_unobs_or_zero_occ_residues.label_comp_id 
_pdbx_unobs_or_zero_occ_residues.label_seq_id 
1 1 Y 1 B MET 7   ? A MET 1   
2 1 Y 1 B LYS 193 ? A LYS 187 
3 1 Y 1 B MET 194 ? A MET 188 
# 
loop_
_chem_comp_atom.comp_id 
_chem_comp_atom.atom_id 
_chem_comp_atom.type_symbol 
_chem_comp_atom.pdbx_aromatic_flag 
_chem_comp_atom.pdbx_stereo_config 
_chem_comp_atom.pdbx_ordinal 
ALA N    N N N 1   
ALA CA   C N S 2   
ALA C    C N N 3   
ALA O    O N N 4   
ALA CB   C N N 5   
ALA OXT  O N N 6   
ALA H    H N N 7   
ALA H2   H N N 8   
ALA HA   H N N 9   
ALA HB1  H N N 10  
ALA HB2  H N N 11  
ALA HB3  H N N 12  
ALA HXT  H N N 13  
ARG N    N N N 14  
ARG CA   C N S 15  
ARG C    C N N 16  
ARG O    O N N 17  
ARG CB   C N N 18  
ARG CG   C N N 19  
ARG CD   C N N 20  
ARG NE   N N N 21  
ARG CZ   C N N 22  
ARG NH1  N N N 23  
ARG NH2  N N N 24  
ARG OXT  O N N 25  
ARG H    H N N 26  
ARG H2   H N N 27  
ARG HA   H N N 28  
ARG HB2  H N N 29  
ARG HB3  H N N 30  
ARG HG2  H N N 31  
ARG HG3  H N N 32  
ARG HD2  H N N 33  
ARG HD3  H N N 34  
ARG HE   H N N 35  
ARG HH11 H N N 36  
ARG HH12 H N N 37  
ARG HH21 H N N 38  
ARG HH22 H N N 39  
ARG HXT  H N N 40  
ASN N    N N N 41  
ASN CA   C N S 42  
ASN C    C N N 43  
ASN O    O N N 44  
ASN CB   C N N 45  
ASN CG   C N N 46  
ASN OD1  O N N 47  
ASN ND2  N N N 48  
ASN OXT  O N N 49  
ASN H    H N N 50  
ASN H2   H N N 51  
ASN HA   H N N 52  
ASN HB2  H N N 53  
ASN HB3  H N N 54  
ASN HD21 H N N 55  
ASN HD22 H N N 56  
ASN HXT  H N N 57  
ASP N    N N N 58  
ASP CA   C N S 59  
ASP C    C N N 60  
ASP O    O N N 61  
ASP CB   C N N 62  
ASP CG   C N N 63  
ASP OD1  O N N 64  
ASP OD2  O N N 65  
ASP OXT  O N N 66  
ASP H    H N N 67  
ASP H2   H N N 68  
ASP HA   H N N 69  
ASP HB2  H N N 70  
ASP HB3  H N N 71  
ASP HD2  H N N 72  
ASP HXT  H N N 73  
CYS N    N N N 74  
CYS CA   C N R 75  
CYS C    C N N 76  
CYS O    O N N 77  
CYS CB   C N N 78  
CYS SG   S N N 79  
CYS OXT  O N N 80  
CYS H    H N N 81  
CYS H2   H N N 82  
CYS HA   H N N 83  
CYS HB2  H N N 84  
CYS HB3  H N N 85  
CYS HG   H N N 86  
CYS HXT  H N N 87  
EDO C1   C N N 88  
EDO O1   O N N 89  
EDO C2   C N N 90  
EDO O2   O N N 91  
EDO H11  H N N 92  
EDO H12  H N N 93  
EDO HO1  H N N 94  
EDO H21  H N N 95  
EDO H22  H N N 96  
EDO HO2  H N N 97  
GLN N    N N N 98  
GLN CA   C N S 99  
GLN C    C N N 100 
GLN O    O N N 101 
GLN CB   C N N 102 
GLN CG   C N N 103 
GLN CD   C N N 104 
GLN OE1  O N N 105 
GLN NE2  N N N 106 
GLN OXT  O N N 107 
GLN H    H N N 108 
GLN H2   H N N 109 
GLN HA   H N N 110 
GLN HB2  H N N 111 
GLN HB3  H N N 112 
GLN HG2  H N N 113 
GLN HG3  H N N 114 
GLN HE21 H N N 115 
GLN HE22 H N N 116 
GLN HXT  H N N 117 
GLU N    N N N 118 
GLU CA   C N S 119 
GLU C    C N N 120 
GLU O    O N N 121 
GLU CB   C N N 122 
GLU CG   C N N 123 
GLU CD   C N N 124 
GLU OE1  O N N 125 
GLU OE2  O N N 126 
GLU OXT  O N N 127 
GLU H    H N N 128 
GLU H2   H N N 129 
GLU HA   H N N 130 
GLU HB2  H N N 131 
GLU HB3  H N N 132 
GLU HG2  H N N 133 
GLU HG3  H N N 134 
GLU HE2  H N N 135 
GLU HXT  H N N 136 
GLY N    N N N 137 
GLY CA   C N N 138 
GLY C    C N N 139 
GLY O    O N N 140 
GLY OXT  O N N 141 
GLY H    H N N 142 
GLY H2   H N N 143 
GLY HA2  H N N 144 
GLY HA3  H N N 145 
GLY HXT  H N N 146 
HIS N    N N N 147 
HIS CA   C N S 148 
HIS C    C N N 149 
HIS O    O N N 150 
HIS CB   C N N 151 
HIS CG   C Y N 152 
HIS ND1  N Y N 153 
HIS CD2  C Y N 154 
HIS CE1  C Y N 155 
HIS NE2  N Y N 156 
HIS OXT  O N N 157 
HIS H    H N N 158 
HIS H2   H N N 159 
HIS HA   H N N 160 
HIS HB2  H N N 161 
HIS HB3  H N N 162 
HIS HD1  H N N 163 
HIS HD2  H N N 164 
HIS HE1  H N N 165 
HIS HE2  H N N 166 
HIS HXT  H N N 167 
HOH O    O N N 168 
HOH H1   H N N 169 
HOH H2   H N N 170 
ILE N    N N N 171 
ILE CA   C N S 172 
ILE C    C N N 173 
ILE O    O N N 174 
ILE CB   C N S 175 
ILE CG1  C N N 176 
ILE CG2  C N N 177 
ILE CD1  C N N 178 
ILE OXT  O N N 179 
ILE H    H N N 180 
ILE H2   H N N 181 
ILE HA   H N N 182 
ILE HB   H N N 183 
ILE HG12 H N N 184 
ILE HG13 H N N 185 
ILE HG21 H N N 186 
ILE HG22 H N N 187 
ILE HG23 H N N 188 
ILE HD11 H N N 189 
ILE HD12 H N N 190 
ILE HD13 H N N 191 
ILE HXT  H N N 192 
LEU N    N N N 193 
LEU CA   C N S 194 
LEU C    C N N 195 
LEU O    O N N 196 
LEU CB   C N N 197 
LEU CG   C N N 198 
LEU CD1  C N N 199 
LEU CD2  C N N 200 
LEU OXT  O N N 201 
LEU H    H N N 202 
LEU H2   H N N 203 
LEU HA   H N N 204 
LEU HB2  H N N 205 
LEU HB3  H N N 206 
LEU HG   H N N 207 
LEU HD11 H N N 208 
LEU HD12 H N N 209 
LEU HD13 H N N 210 
LEU HD21 H N N 211 
LEU HD22 H N N 212 
LEU HD23 H N N 213 
LEU HXT  H N N 214 
LYS N    N N N 215 
LYS CA   C N S 216 
LYS C    C N N 217 
LYS O    O N N 218 
LYS CB   C N N 219 
LYS CG   C N N 220 
LYS CD   C N N 221 
LYS CE   C N N 222 
LYS NZ   N N N 223 
LYS OXT  O N N 224 
LYS H    H N N 225 
LYS H2   H N N 226 
LYS HA   H N N 227 
LYS HB2  H N N 228 
LYS HB3  H N N 229 
LYS HG2  H N N 230 
LYS HG3  H N N 231 
LYS HD2  H N N 232 
LYS HD3  H N N 233 
LYS HE2  H N N 234 
LYS HE3  H N N 235 
LYS HZ1  H N N 236 
LYS HZ2  H N N 237 
LYS HZ3  H N N 238 
LYS HXT  H N N 239 
MET N    N N N 240 
MET CA   C N S 241 
MET C    C N N 242 
MET O    O N N 243 
MET CB   C N N 244 
MET CG   C N N 245 
MET SD   S N N 246 
MET CE   C N N 247 
MET OXT  O N N 248 
MET H    H N N 249 
MET H2   H N N 250 
MET HA   H N N 251 
MET HB2  H N N 252 
MET HB3  H N N 253 
MET HG2  H N N 254 
MET HG3  H N N 255 
MET HE1  H N N 256 
MET HE2  H N N 257 
MET HE3  H N N 258 
MET HXT  H N N 259 
PHE N    N N N 260 
PHE CA   C N S 261 
PHE C    C N N 262 
PHE O    O N N 263 
PHE CB   C N N 264 
PHE CG   C Y N 265 
PHE CD1  C Y N 266 
PHE CD2  C Y N 267 
PHE CE1  C Y N 268 
PHE CE2  C Y N 269 
PHE CZ   C Y N 270 
PHE OXT  O N N 271 
PHE H    H N N 272 
PHE H2   H N N 273 
PHE HA   H N N 274 
PHE HB2  H N N 275 
PHE HB3  H N N 276 
PHE HD1  H N N 277 
PHE HD2  H N N 278 
PHE HE1  H N N 279 
PHE HE2  H N N 280 
PHE HZ   H N N 281 
PHE HXT  H N N 282 
PRO N    N N N 283 
PRO CA   C N S 284 
PRO C    C N N 285 
PRO O    O N N 286 
PRO CB   C N N 287 
PRO CG   C N N 288 
PRO CD   C N N 289 
PRO OXT  O N N 290 
PRO H    H N N 291 
PRO HA   H N N 292 
PRO HB2  H N N 293 
PRO HB3  H N N 294 
PRO HG2  H N N 295 
PRO HG3  H N N 296 
PRO HD2  H N N 297 
PRO HD3  H N N 298 
PRO HXT  H N N 299 
SER N    N N N 300 
SER CA   C N S 301 
SER C    C N N 302 
SER O    O N N 303 
SER CB   C N N 304 
SER OG   O N N 305 
SER OXT  O N N 306 
SER H    H N N 307 
SER H2   H N N 308 
SER HA   H N N 309 
SER HB2  H N N 310 
SER HB3  H N N 311 
SER HG   H N N 312 
SER HXT  H N N 313 
SO4 S    S N N 314 
SO4 O1   O N N 315 
SO4 O2   O N N 316 
SO4 O3   O N N 317 
SO4 O4   O N N 318 
T6J N1   N Y N 319 
T6J C4   C Y N 320 
T6J C5   C Y N 321 
T6J C6   C Y N 322 
T6J C7   C Y N 323 
T6J C8   C Y N 324 
T6J N    N Y N 325 
T6J C    C N N 326 
T6J O    O N N 327 
T6J C1   C N N 328 
T6J C2   C Y N 329 
T6J C3   C Y N 330 
T6J O1   O N N 331 
T6J S    S N N 332 
T6J H9   H N N 333 
T6J H5   H N N 334 
T6J H6   H N N 335 
T6J H7   H N N 336 
T6J H8   H N N 337 
T6J H1   H N N 338 
T6J H    H N N 339 
T6J H2   H N N 340 
T6J H4   H N N 341 
T6J H3   H N N 342 
THR N    N N N 343 
THR CA   C N S 344 
THR C    C N N 345 
THR O    O N N 346 
THR CB   C N R 347 
THR OG1  O N N 348 
THR CG2  C N N 349 
THR OXT  O N N 350 
THR H    H N N 351 
THR H2   H N N 352 
THR HA   H N N 353 
THR HB   H N N 354 
THR HG1  H N N 355 
THR HG21 H N N 356 
THR HG22 H N N 357 
THR HG23 H N N 358 
THR HXT  H N N 359 
TRP N    N N N 360 
TRP CA   C N S 361 
TRP C    C N N 362 
TRP O    O N N 363 
TRP CB   C N N 364 
TRP CG   C Y N 365 
TRP CD1  C Y N 366 
TRP CD2  C Y N 367 
TRP NE1  N Y N 368 
TRP CE2  C Y N 369 
TRP CE3  C Y N 370 
TRP CZ2  C Y N 371 
TRP CZ3  C Y N 372 
TRP CH2  C Y N 373 
TRP OXT  O N N 374 
TRP H    H N N 375 
TRP H2   H N N 376 
TRP HA   H N N 377 
TRP HB2  H N N 378 
TRP HB3  H N N 379 
TRP HD1  H N N 380 
TRP HE1  H N N 381 
TRP HE3  H N N 382 
TRP HZ2  H N N 383 
TRP HZ3  H N N 384 
TRP HH2  H N N 385 
TRP HXT  H N N 386 
TYR N    N N N 387 
TYR CA   C N S 388 
TYR C    C N N 389 
TYR O    O N N 390 
TYR CB   C N N 391 
TYR CG   C Y N 392 
TYR CD1  C Y N 393 
TYR CD2  C Y N 394 
TYR CE1  C Y N 395 
TYR CE2  C Y N 396 
TYR CZ   C Y N 397 
TYR OH   O N N 398 
TYR OXT  O N N 399 
TYR H    H N N 400 
TYR H2   H N N 401 
TYR HA   H N N 402 
TYR HB2  H N N 403 
TYR HB3  H N N 404 
TYR HD1  H N N 405 
TYR HD2  H N N 406 
TYR HE1  H N N 407 
TYR HE2  H N N 408 
TYR HH   H N N 409 
TYR HXT  H N N 410 
VAL N    N N N 411 
VAL CA   C N S 412 
VAL C    C N N 413 
VAL O    O N N 414 
VAL CB   C N N 415 
VAL CG1  C N N 416 
VAL CG2  C N N 417 
VAL OXT  O N N 418 
VAL H    H N N 419 
VAL H2   H N N 420 
VAL HA   H N N 421 
VAL HB   H N N 422 
VAL HG11 H N N 423 
VAL HG12 H N N 424 
VAL HG13 H N N 425 
VAL HG21 H N N 426 
VAL HG22 H N N 427 
VAL HG23 H N N 428 
VAL HXT  H N N 429 
# 
loop_
_chem_comp_bond.comp_id 
_chem_comp_bond.atom_id_1 
_chem_comp_bond.atom_id_2 
_chem_comp_bond.value_order 
_chem_comp_bond.pdbx_aromatic_flag 
_chem_comp_bond.pdbx_stereo_config 
_chem_comp_bond.pdbx_ordinal 
ALA N   CA   sing N N 1   
ALA N   H    sing N N 2   
ALA N   H2   sing N N 3   
ALA CA  C    sing N N 4   
ALA CA  CB   sing N N 5   
ALA CA  HA   sing N N 6   
ALA C   O    doub N N 7   
ALA C   OXT  sing N N 8   
ALA CB  HB1  sing N N 9   
ALA CB  HB2  sing N N 10  
ALA CB  HB3  sing N N 11  
ALA OXT HXT  sing N N 12  
ARG N   CA   sing N N 13  
ARG N   H    sing N N 14  
ARG N   H2   sing N N 15  
ARG CA  C    sing N N 16  
ARG CA  CB   sing N N 17  
ARG CA  HA   sing N N 18  
ARG C   O    doub N N 19  
ARG C   OXT  sing N N 20  
ARG CB  CG   sing N N 21  
ARG CB  HB2  sing N N 22  
ARG CB  HB3  sing N N 23  
ARG CG  CD   sing N N 24  
ARG CG  HG2  sing N N 25  
ARG CG  HG3  sing N N 26  
ARG CD  NE   sing N N 27  
ARG CD  HD2  sing N N 28  
ARG CD  HD3  sing N N 29  
ARG NE  CZ   sing N N 30  
ARG NE  HE   sing N N 31  
ARG CZ  NH1  sing N N 32  
ARG CZ  NH2  doub N N 33  
ARG NH1 HH11 sing N N 34  
ARG NH1 HH12 sing N N 35  
ARG NH2 HH21 sing N N 36  
ARG NH2 HH22 sing N N 37  
ARG OXT HXT  sing N N 38  
ASN N   CA   sing N N 39  
ASN N   H    sing N N 40  
ASN N   H2   sing N N 41  
ASN CA  C    sing N N 42  
ASN CA  CB   sing N N 43  
ASN CA  HA   sing N N 44  
ASN C   O    doub N N 45  
ASN C   OXT  sing N N 46  
ASN CB  CG   sing N N 47  
ASN CB  HB2  sing N N 48  
ASN CB  HB3  sing N N 49  
ASN CG  OD1  doub N N 50  
ASN CG  ND2  sing N N 51  
ASN ND2 HD21 sing N N 52  
ASN ND2 HD22 sing N N 53  
ASN OXT HXT  sing N N 54  
ASP N   CA   sing N N 55  
ASP N   H    sing N N 56  
ASP N   H2   sing N N 57  
ASP CA  C    sing N N 58  
ASP CA  CB   sing N N 59  
ASP CA  HA   sing N N 60  
ASP C   O    doub N N 61  
ASP C   OXT  sing N N 62  
ASP CB  CG   sing N N 63  
ASP CB  HB2  sing N N 64  
ASP CB  HB3  sing N N 65  
ASP CG  OD1  doub N N 66  
ASP CG  OD2  sing N N 67  
ASP OD2 HD2  sing N N 68  
ASP OXT HXT  sing N N 69  
CYS N   CA   sing N N 70  
CYS N   H    sing N N 71  
CYS N   H2   sing N N 72  
CYS CA  C    sing N N 73  
CYS CA  CB   sing N N 74  
CYS CA  HA   sing N N 75  
CYS C   O    doub N N 76  
CYS C   OXT  sing N N 77  
CYS CB  SG   sing N N 78  
CYS CB  HB2  sing N N 79  
CYS CB  HB3  sing N N 80  
CYS SG  HG   sing N N 81  
CYS OXT HXT  sing N N 82  
EDO C1  O1   sing N N 83  
EDO C1  C2   sing N N 84  
EDO C1  H11  sing N N 85  
EDO C1  H12  sing N N 86  
EDO O1  HO1  sing N N 87  
EDO C2  O2   sing N N 88  
EDO C2  H21  sing N N 89  
EDO C2  H22  sing N N 90  
EDO O2  HO2  sing N N 91  
GLN N   CA   sing N N 92  
GLN N   H    sing N N 93  
GLN N   H2   sing N N 94  
GLN CA  C    sing N N 95  
GLN CA  CB   sing N N 96  
GLN CA  HA   sing N N 97  
GLN C   O    doub N N 98  
GLN C   OXT  sing N N 99  
GLN CB  CG   sing N N 100 
GLN CB  HB2  sing N N 101 
GLN CB  HB3  sing N N 102 
GLN CG  CD   sing N N 103 
GLN CG  HG2  sing N N 104 
GLN CG  HG3  sing N N 105 
GLN CD  OE1  doub N N 106 
GLN CD  NE2  sing N N 107 
GLN NE2 HE21 sing N N 108 
GLN NE2 HE22 sing N N 109 
GLN OXT HXT  sing N N 110 
GLU N   CA   sing N N 111 
GLU N   H    sing N N 112 
GLU N   H2   sing N N 113 
GLU CA  C    sing N N 114 
GLU CA  CB   sing N N 115 
GLU CA  HA   sing N N 116 
GLU C   O    doub N N 117 
GLU C   OXT  sing N N 118 
GLU CB  CG   sing N N 119 
GLU CB  HB2  sing N N 120 
GLU CB  HB3  sing N N 121 
GLU CG  CD   sing N N 122 
GLU CG  HG2  sing N N 123 
GLU CG  HG3  sing N N 124 
GLU CD  OE1  doub N N 125 
GLU CD  OE2  sing N N 126 
GLU OE2 HE2  sing N N 127 
GLU OXT HXT  sing N N 128 
GLY N   CA   sing N N 129 
GLY N   H    sing N N 130 
GLY N   H2   sing N N 131 
GLY CA  C    sing N N 132 
GLY CA  HA2  sing N N 133 
GLY CA  HA3  sing N N 134 
GLY C   O    doub N N 135 
GLY C   OXT  sing N N 136 
GLY OXT HXT  sing N N 137 
HIS N   CA   sing N N 138 
HIS N   H    sing N N 139 
HIS N   H2   sing N N 140 
HIS CA  C    sing N N 141 
HIS CA  CB   sing N N 142 
HIS CA  HA   sing N N 143 
HIS C   O    doub N N 144 
HIS C   OXT  sing N N 145 
HIS CB  CG   sing N N 146 
HIS CB  HB2  sing N N 147 
HIS CB  HB3  sing N N 148 
HIS CG  ND1  sing Y N 149 
HIS CG  CD2  doub Y N 150 
HIS ND1 CE1  doub Y N 151 
HIS ND1 HD1  sing N N 152 
HIS CD2 NE2  sing Y N 153 
HIS CD2 HD2  sing N N 154 
HIS CE1 NE2  sing Y N 155 
HIS CE1 HE1  sing N N 156 
HIS NE2 HE2  sing N N 157 
HIS OXT HXT  sing N N 158 
HOH O   H1   sing N N 159 
HOH O   H2   sing N N 160 
ILE N   CA   sing N N 161 
ILE N   H    sing N N 162 
ILE N   H2   sing N N 163 
ILE CA  C    sing N N 164 
ILE CA  CB   sing N N 165 
ILE CA  HA   sing N N 166 
ILE C   O    doub N N 167 
ILE C   OXT  sing N N 168 
ILE CB  CG1  sing N N 169 
ILE CB  CG2  sing N N 170 
ILE CB  HB   sing N N 171 
ILE CG1 CD1  sing N N 172 
ILE CG1 HG12 sing N N 173 
ILE CG1 HG13 sing N N 174 
ILE CG2 HG21 sing N N 175 
ILE CG2 HG22 sing N N 176 
ILE CG2 HG23 sing N N 177 
ILE CD1 HD11 sing N N 178 
ILE CD1 HD12 sing N N 179 
ILE CD1 HD13 sing N N 180 
ILE OXT HXT  sing N N 181 
LEU N   CA   sing N N 182 
LEU N   H    sing N N 183 
LEU N   H2   sing N N 184 
LEU CA  C    sing N N 185 
LEU CA  CB   sing N N 186 
LEU CA  HA   sing N N 187 
LEU C   O    doub N N 188 
LEU C   OXT  sing N N 189 
LEU CB  CG   sing N N 190 
LEU CB  HB2  sing N N 191 
LEU CB  HB3  sing N N 192 
LEU CG  CD1  sing N N 193 
LEU CG  CD2  sing N N 194 
LEU CG  HG   sing N N 195 
LEU CD1 HD11 sing N N 196 
LEU CD1 HD12 sing N N 197 
LEU CD1 HD13 sing N N 198 
LEU CD2 HD21 sing N N 199 
LEU CD2 HD22 sing N N 200 
LEU CD2 HD23 sing N N 201 
LEU OXT HXT  sing N N 202 
LYS N   CA   sing N N 203 
LYS N   H    sing N N 204 
LYS N   H2   sing N N 205 
LYS CA  C    sing N N 206 
LYS CA  CB   sing N N 207 
LYS CA  HA   sing N N 208 
LYS C   O    doub N N 209 
LYS C   OXT  sing N N 210 
LYS CB  CG   sing N N 211 
LYS CB  HB2  sing N N 212 
LYS CB  HB3  sing N N 213 
LYS CG  CD   sing N N 214 
LYS CG  HG2  sing N N 215 
LYS CG  HG3  sing N N 216 
LYS CD  CE   sing N N 217 
LYS CD  HD2  sing N N 218 
LYS CD  HD3  sing N N 219 
LYS CE  NZ   sing N N 220 
LYS CE  HE2  sing N N 221 
LYS CE  HE3  sing N N 222 
LYS NZ  HZ1  sing N N 223 
LYS NZ  HZ2  sing N N 224 
LYS NZ  HZ3  sing N N 225 
LYS OXT HXT  sing N N 226 
MET N   CA   sing N N 227 
MET N   H    sing N N 228 
MET N   H2   sing N N 229 
MET CA  C    sing N N 230 
MET CA  CB   sing N N 231 
MET CA  HA   sing N N 232 
MET C   O    doub N N 233 
MET C   OXT  sing N N 234 
MET CB  CG   sing N N 235 
MET CB  HB2  sing N N 236 
MET CB  HB3  sing N N 237 
MET CG  SD   sing N N 238 
MET CG  HG2  sing N N 239 
MET CG  HG3  sing N N 240 
MET SD  CE   sing N N 241 
MET CE  HE1  sing N N 242 
MET CE  HE2  sing N N 243 
MET CE  HE3  sing N N 244 
MET OXT HXT  sing N N 245 
PHE N   CA   sing N N 246 
PHE N   H    sing N N 247 
PHE N   H2   sing N N 248 
PHE CA  C    sing N N 249 
PHE CA  CB   sing N N 250 
PHE CA  HA   sing N N 251 
PHE C   O    doub N N 252 
PHE C   OXT  sing N N 253 
PHE CB  CG   sing N N 254 
PHE CB  HB2  sing N N 255 
PHE CB  HB3  sing N N 256 
PHE CG  CD1  doub Y N 257 
PHE CG  CD2  sing Y N 258 
PHE CD1 CE1  sing Y N 259 
PHE CD1 HD1  sing N N 260 
PHE CD2 CE2  doub Y N 261 
PHE CD2 HD2  sing N N 262 
PHE CE1 CZ   doub Y N 263 
PHE CE1 HE1  sing N N 264 
PHE CE2 CZ   sing Y N 265 
PHE CE2 HE2  sing N N 266 
PHE CZ  HZ   sing N N 267 
PHE OXT HXT  sing N N 268 
PRO N   CA   sing N N 269 
PRO N   CD   sing N N 270 
PRO N   H    sing N N 271 
PRO CA  C    sing N N 272 
PRO CA  CB   sing N N 273 
PRO CA  HA   sing N N 274 
PRO C   O    doub N N 275 
PRO C   OXT  sing N N 276 
PRO CB  CG   sing N N 277 
PRO CB  HB2  sing N N 278 
PRO CB  HB3  sing N N 279 
PRO CG  CD   sing N N 280 
PRO CG  HG2  sing N N 281 
PRO CG  HG3  sing N N 282 
PRO CD  HD2  sing N N 283 
PRO CD  HD3  sing N N 284 
PRO OXT HXT  sing N N 285 
SER N   CA   sing N N 286 
SER N   H    sing N N 287 
SER N   H2   sing N N 288 
SER CA  C    sing N N 289 
SER CA  CB   sing N N 290 
SER CA  HA   sing N N 291 
SER C   O    doub N N 292 
SER C   OXT  sing N N 293 
SER CB  OG   sing N N 294 
SER CB  HB2  sing N N 295 
SER CB  HB3  sing N N 296 
SER OG  HG   sing N N 297 
SER OXT HXT  sing N N 298 
SO4 S   O1   doub N N 299 
SO4 S   O2   doub N N 300 
SO4 S   O3   sing N N 301 
SO4 S   O4   sing N N 302 
T6J C   S    sing N N 303 
T6J O   S    doub N N 304 
T6J S   O1   doub N N 305 
T6J C1  S    sing N N 306 
T6J C2  C1   sing N N 307 
T6J C2  N    doub Y N 308 
T6J N   C3   sing Y N 309 
T6J C3  C4   sing Y N 310 
T6J C4  C5   doub Y N 311 
T6J C5  C6   sing Y N 312 
T6J C6  C7   doub Y N 313 
T6J C7  C8   sing Y N 314 
T6J C3  C8   doub Y N 315 
T6J C8  N1   sing Y N 316 
T6J N1  C2   sing Y N 317 
T6J N1  H9   sing N N 318 
T6J C4  H5   sing N N 319 
T6J C5  H6   sing N N 320 
T6J C6  H7   sing N N 321 
T6J C7  H8   sing N N 322 
T6J C   H1   sing N N 323 
T6J C   H    sing N N 324 
T6J C   H2   sing N N 325 
T6J C1  H4   sing N N 326 
T6J C1  H3   sing N N 327 
THR N   CA   sing N N 328 
THR N   H    sing N N 329 
THR N   H2   sing N N 330 
THR CA  C    sing N N 331 
THR CA  CB   sing N N 332 
THR CA  HA   sing N N 333 
THR C   O    doub N N 334 
THR C   OXT  sing N N 335 
THR CB  OG1  sing N N 336 
THR CB  CG2  sing N N 337 
THR CB  HB   sing N N 338 
THR OG1 HG1  sing N N 339 
THR CG2 HG21 sing N N 340 
THR CG2 HG22 sing N N 341 
THR CG2 HG23 sing N N 342 
THR OXT HXT  sing N N 343 
TRP N   CA   sing N N 344 
TRP N   H    sing N N 345 
TRP N   H2   sing N N 346 
TRP CA  C    sing N N 347 
TRP CA  CB   sing N N 348 
TRP CA  HA   sing N N 349 
TRP C   O    doub N N 350 
TRP C   OXT  sing N N 351 
TRP CB  CG   sing N N 352 
TRP CB  HB2  sing N N 353 
TRP CB  HB3  sing N N 354 
TRP CG  CD1  doub Y N 355 
TRP CG  CD2  sing Y N 356 
TRP CD1 NE1  sing Y N 357 
TRP CD1 HD1  sing N N 358 
TRP CD2 CE2  doub Y N 359 
TRP CD2 CE3  sing Y N 360 
TRP NE1 CE2  sing Y N 361 
TRP NE1 HE1  sing N N 362 
TRP CE2 CZ2  sing Y N 363 
TRP CE3 CZ3  doub Y N 364 
TRP CE3 HE3  sing N N 365 
TRP CZ2 CH2  doub Y N 366 
TRP CZ2 HZ2  sing N N 367 
TRP CZ3 CH2  sing Y N 368 
TRP CZ3 HZ3  sing N N 369 
TRP CH2 HH2  sing N N 370 
TRP OXT HXT  sing N N 371 
TYR N   CA   sing N N 372 
TYR N   H    sing N N 373 
TYR N   H2   sing N N 374 
TYR CA  C    sing N N 375 
TYR CA  CB   sing N N 376 
TYR CA  HA   sing N N 377 
TYR C   O    doub N N 378 
TYR C   OXT  sing N N 379 
TYR CB  CG   sing N N 380 
TYR CB  HB2  sing N N 381 
TYR CB  HB3  sing N N 382 
TYR CG  CD1  doub Y N 383 
TYR CG  CD2  sing Y N 384 
TYR CD1 CE1  sing Y N 385 
TYR CD1 HD1  sing N N 386 
TYR CD2 CE2  doub Y N 387 
TYR CD2 HD2  sing N N 388 
TYR CE1 CZ   doub Y N 389 
TYR CE1 HE1  sing N N 390 
TYR CE2 CZ   sing Y N 391 
TYR CE2 HE2  sing N N 392 
TYR CZ  OH   sing N N 393 
TYR OH  HH   sing N N 394 
TYR OXT HXT  sing N N 395 
VAL N   CA   sing N N 396 
VAL N   H    sing N N 397 
VAL N   H2   sing N N 398 
VAL CA  C    sing N N 399 
VAL CA  CB   sing N N 400 
VAL CA  HA   sing N N 401 
VAL C   O    doub N N 402 
VAL C   OXT  sing N N 403 
VAL CB  CG1  sing N N 404 
VAL CB  CG2  sing N N 405 
VAL CB  HB   sing N N 406 
VAL CG1 HG11 sing N N 407 
VAL CG1 HG12 sing N N 408 
VAL CG1 HG13 sing N N 409 
VAL CG2 HG21 sing N N 410 
VAL CG2 HG22 sing N N 411 
VAL CG2 HG23 sing N N 412 
VAL OXT HXT  sing N N 413 
# 
_pdbx_audit_support.ordinal                1 
_pdbx_audit_support.funding_organization   'European Union (EU)' 
_pdbx_audit_support.grant_number           875510 
_pdbx_audit_support.country                'European Union' 
# 
_pdbx_deposit_group.group_id            G_1002320 
_pdbx_deposit_group.group_description   
;PRYSPRY domain of murine TRIM21 screened against the DSI-poised Fragment Library by X-ray Crystallography at the XChem facility of Diamon Light Source
;
_pdbx_deposit_group.group_title         'PanDDA analysis group deposition' 
_pdbx_deposit_group.group_type          'changed state' 
# 
_pdbx_initial_refinement_model.id               1 
_pdbx_initial_refinement_model.entity_id_list   ? 
_pdbx_initial_refinement_model.type             'experimental model' 
_pdbx_initial_refinement_model.source_name      PDB 
_pdbx_initial_refinement_model.accession_code   2VOK 
_pdbx_initial_refinement_model.details          ? 
# 
_atom_sites.entry_id                    7HMS 
_atom_sites.fract_transf_matrix[1][1]   0.00798443 
_atom_sites.fract_transf_matrix[1][2]   0.00144832 
_atom_sites.fract_transf_matrix[1][3]   -0.00662871 
_atom_sites.fract_transf_matrix[2][1]   -0.00373307 
_atom_sites.fract_transf_matrix[2][2]   -0.00761021 
_atom_sites.fract_transf_matrix[2][3]   -0.00615933 
_atom_sites.fract_transf_matrix[3][1]   -0.01179182 
_atom_sites.fract_transf_matrix[3][2]   0.01468337 
_atom_sites.fract_transf_matrix[3][3]   -0.01099531 
_atom_sites.fract_transf_vector[1]      -0.298309 
_atom_sites.fract_transf_vector[2]      -0.117834 
_atom_sites.fract_transf_vector[3]      -0.503514 
# 
loop_
_atom_type.symbol 
C 
N 
O 
S 
# 
loop_
_atom_site.group_PDB 
_atom_site.id 
_atom_site.type_symbol 
_atom_site.label_atom_id 
_atom_site.label_alt_id 
_atom_site.label_comp_id 
_atom_site.label_asym_id 
_atom_site.label_entity_id 
_atom_site.label_seq_id 
_atom_site.pdbx_PDB_ins_code 
_atom_site.Cartn_x 
_atom_site.Cartn_y 
_atom_site.Cartn_z 
_atom_site.occupancy 
_atom_site.B_iso_or_equiv 
_atom_site.pdbx_formal_charge 
_atom_site.auth_seq_id 
_atom_site.auth_comp_id 
_atom_site.auth_asym_id 
_atom_site.auth_atom_id 
_atom_site.pdbx_PDB_model_num 
ATOM   1    N N   . HIS A 1 2   ? 4.783   11.778  -15.453 1.00 46.27 ? 8   HIS B N   1 
ATOM   2    C CA  . HIS A 1 2   ? 6.105   11.662  -14.737 1.00 43.02 ? 8   HIS B CA  1 
ATOM   3    C C   . HIS A 1 2   ? 7.078   10.827  -15.580 1.00 42.03 ? 8   HIS B C   1 
ATOM   4    O O   . HIS A 1 2   ? 6.629   10.212  -16.580 1.00 42.70 ? 8   HIS B O   1 
ATOM   5    C CB  . HIS A 1 2   ? 5.917   11.057  -13.330 1.00 37.11 ? 8   HIS B CB  1 
ATOM   6    C CG  . HIS A 1 2   ? 5.435   9.643   -13.332 1.00 34.81 ? 8   HIS B CG  1 
ATOM   7    N ND1 . HIS A 1 2   ? 6.297   8.568   -13.480 1.00 34.03 ? 8   HIS B ND1 1 
ATOM   8    C CD2 . HIS A 1 2   ? 4.196   9.117   -13.204 1.00 31.82 ? 8   HIS B CD2 1 
ATOM   9    C CE1 . HIS A 1 2   ? 5.603   7.441   -13.453 1.00 33.88 ? 8   HIS B CE1 1 
ATOM   10   N NE2 . HIS A 1 2   ? 4.303   7.748   -13.308 1.00 29.82 ? 8   HIS B NE2 1 
ATOM   11   N N   . HIS A 1 3   ? 8.343   10.763  -15.157 1.00 38.10 ? 9   HIS B N   1 
ATOM   12   C CA  . HIS A 1 3   ? 9.440   10.031  -15.847 1.00 38.18 ? 9   HIS B CA  1 
ATOM   13   C C   . HIS A 1 3   ? 10.143  9.066   -14.877 1.00 33.15 ? 9   HIS B C   1 
ATOM   14   O O   . HIS A 1 3   ? 11.374  8.878   -15.007 1.00 33.84 ? 9   HIS B O   1 
ATOM   15   C CB  . HIS A 1 3   ? 10.347  11.069  -16.533 1.00 45.66 ? 9   HIS B CB  1 
ATOM   16   C CG  . HIS A 1 3   ? 9.561   11.963  -17.440 1.00 54.15 ? 9   HIS B CG  1 
ATOM   17   N ND1 . HIS A 1 3   ? 9.097   11.539  -18.680 1.00 56.22 ? 9   HIS B ND1 1 
ATOM   18   C CD2 . HIS A 1 3   ? 9.093   13.222  -17.274 1.00 59.60 ? 9   HIS B CD2 1 
ATOM   19   C CE1 . HIS A 1 3   ? 8.406   12.508  -19.249 1.00 58.50 ? 9   HIS B CE1 1 
ATOM   20   N NE2 . HIS A 1 3   ? 8.397   13.557  -18.411 1.00 61.98 ? 9   HIS B NE2 1 
ATOM   21   N N   . HIS A 1 4   ? 9.383   8.410   -13.982 1.00 27.78 ? 10  HIS B N   1 
ATOM   22   C CA  . HIS A 1 4   ? 9.926   7.548   -12.892 1.00 23.55 ? 10  HIS B CA  1 
ATOM   23   C C   . HIS A 1 4   ? 9.896   6.080   -13.325 1.00 24.30 ? 10  HIS B C   1 
ATOM   24   O O   . HIS A 1 4   ? 10.448  5.225   -12.600 1.00 21.97 ? 10  HIS B O   1 
ATOM   25   C CB  . HIS A 1 4   ? 9.141   7.727   -11.575 1.00 23.83 ? 10  HIS B CB  1 
ATOM   26   C CG  . HIS A 1 4   ? 9.219   9.087   -10.973 1.00 25.69 ? 10  HIS B CG  1 
ATOM   27   N ND1 . HIS A 1 4   ? 10.412  9.780   -10.818 1.00 24.70 ? 10  HIS B ND1 1 
ATOM   28   C CD2 . HIS A 1 4   ? 8.251   9.883   -10.468 1.00 25.65 ? 10  HIS B CD2 1 
ATOM   29   C CE1 . HIS A 1 4   ? 10.164  10.941  -10.240 1.00 28.47 ? 10  HIS B CE1 1 
ATOM   30   N NE2 . HIS A 1 4   ? 8.855   11.018  -10.016 1.00 29.19 ? 10  HIS B NE2 1 
ATOM   31   N N   . HIS A 1 5   ? 9.289   5.773   -14.474 1.00 25.89 ? 11  HIS B N   1 
ATOM   32   C CA  . HIS A 1 5   ? 8.992   4.382   -14.900 1.00 26.03 ? 11  HIS B CA  1 
ATOM   33   C C   . HIS A 1 5   ? 10.258  3.519   -14.939 1.00 24.42 ? 11  HIS B C   1 
ATOM   34   O O   . HIS A 1 5   ? 10.163  2.334   -14.594 1.00 26.15 ? 11  HIS B O   1 
ATOM   35   C CB  . HIS A 1 5   ? 8.256   4.365   -16.255 1.00 31.87 ? 11  HIS B CB  1 
ATOM   36   C CG  . HIS A 1 5   ? 7.002   5.160   -16.231 1.00 36.32 ? 11  HIS B CG  1 
ATOM   37   N ND1 . HIS A 1 5   ? 6.982   6.519   -16.532 1.00 41.97 ? 11  HIS B ND1 1 
ATOM   38   C CD2 . HIS A 1 5   ? 5.729   4.814   -15.926 1.00 38.98 ? 11  HIS B CD2 1 
ATOM   39   C CE1 . HIS A 1 5   ? 5.742   6.971   -16.428 1.00 42.77 ? 11  HIS B CE1 1 
ATOM   40   N NE2 . HIS A 1 5   ? 4.953   5.943   -16.047 1.00 40.08 ? 11  HIS B NE2 1 
ATOM   41   N N   . HIS A 1 6   ? 11.418  4.085   -15.299 1.00 23.45 ? 12  HIS B N   1 
ATOM   42   C CA  . HIS A 1 6   ? 12.704  3.353   -15.437 1.00 24.86 ? 12  HIS B CA  1 
ATOM   43   C C   . HIS A 1 6   ? 13.241  2.849   -14.094 1.00 23.45 ? 12  HIS B C   1 
ATOM   44   O O   . HIS A 1 6   ? 14.177  2.048   -14.093 1.00 25.96 ? 12  HIS B O   1 
ATOM   45   C CB  . HIS A 1 6   ? 13.730  4.222   -16.172 1.00 29.43 ? 12  HIS B CB  1 
ATOM   46   C CG  . HIS A 1 6   ? 14.046  5.517   -15.513 1.00 26.96 ? 12  HIS B CG  1 
ATOM   47   N ND1 . HIS A 1 6   ? 15.275  5.764   -14.911 1.00 34.51 ? 12  HIS B ND1 1 
ATOM   48   C CD2 . HIS A 1 6   ? 13.342  6.662   -15.415 1.00 29.46 ? 12  HIS B CD2 1 
ATOM   49   C CE1 . HIS A 1 6   ? 15.301  6.994   -14.458 1.00 28.51 ? 12  HIS B CE1 1 
ATOM   50   N NE2 . HIS A 1 6   ? 14.125  7.567   -14.736 1.00 33.94 ? 12  HIS B NE2 1 
ATOM   51   N N   . HIS A 1 7   ? 12.713  3.318   -12.958 1.00 20.24 ? 13  HIS B N   1 
ATOM   52   C CA  . HIS A 1 7   ? 13.057  2.791   -11.608 1.00 17.64 ? 13  HIS B CA  1 
ATOM   53   C C   . HIS A 1 7   ? 12.119  1.657   -11.214 1.00 15.92 ? 13  HIS B C   1 
ATOM   54   O O   . HIS A 1 7   ? 12.113  1.321   -10.027 1.00 15.17 ? 13  HIS B O   1 
ATOM   55   C CB  . HIS A 1 7   ? 12.994  3.902   -10.576 1.00 16.89 ? 13  HIS B CB  1 
ATOM   56   C CG  . HIS A 1 7   ? 13.955  5.016   -10.861 1.00 17.83 ? 13  HIS B CG  1 
ATOM   57   N ND1 . HIS A 1 7   ? 15.325  4.808   -10.894 1.00 19.05 ? 13  HIS B ND1 1 
ATOM   58   C CD2 . HIS A 1 7   ? 13.714  6.304   -11.127 1.00 19.14 ? 13  HIS B CD2 1 
ATOM   59   C CE1 . HIS A 1 7   ? 15.893  5.959   -11.186 1.00 18.58 ? 13  HIS B CE1 1 
ATOM   60   N NE2 . HIS A 1 7   ? 14.955  6.883   -11.346 1.00 20.29 ? 13  HIS B NE2 1 
ATOM   61   N N   . MET A 1 8   ? 11.366  1.102   -12.156 1.00 15.87 ? 14  MET B N   1 
ATOM   62   C CA  . MET A 1 8   ? 10.426  -0.008  -11.878 1.00 18.07 ? 14  MET B CA  1 
ATOM   63   C C   . MET A 1 8   ? 11.135  -1.132  -11.134 1.00 17.98 ? 14  MET B C   1 
ATOM   64   O O   . MET A 1 8   ? 12.277  -1.577  -11.527 1.00 20.56 ? 14  MET B O   1 
ATOM   65   C CB  . MET A 1 8   ? 9.859   -0.571  -13.183 1.00 21.80 ? 14  MET B CB  1 
ATOM   66   C CG  . MET A 1 8   ? 8.833   -1.683  -13.005 1.00 27.44 ? 14  MET B CG  1 
ATOM   67   S SD  . MET A 1 8   ? 7.230   -1.092  -12.367 1.00 38.20 ? 14  MET B SD  1 
ATOM   68   C CE  . MET A 1 8   ? 6.524   -0.418  -13.863 1.00 32.63 ? 14  MET B CE  1 
ATOM   69   N N   . VAL A 1 9   ? 10.476  -1.677  -10.122 1.00 15.91 ? 15  VAL B N   1 
ATOM   70   C CA  . VAL A 1 9   ? 10.950  -2.836  -9.326  1.00 16.69 ? 15  VAL B CA  1 
ATOM   71   C C   . VAL A 1 9   ? 9.832   -3.885  -9.350  1.00 16.88 ? 15  VAL B C   1 
ATOM   72   O O   . VAL A 1 9   ? 8.631   -3.526  -9.336  1.00 16.60 ? 15  VAL B O   1 
ATOM   73   C CB  . VAL A 1 9   ? 11.374  -2.471  -7.897  1.00 17.74 ? 15  VAL B CB  1 
ATOM   74   C CG1 . VAL A 1 9   ? 12.669  -1.687  -7.897  1.00 20.89 ? 15  VAL B CG1 1 
ATOM   75   C CG2 . VAL A 1 9   ? 10.328  -1.705  -7.114  1.00 18.39 ? 15  VAL B CG2 1 
ATOM   76   N N   . HIS A 1 10  ? 10.193  -5.159  -9.314  1.00 16.77 ? 16  HIS B N   1 
ATOM   77   C CA  . HIS A 1 10  ? 9.242   -6.291  -9.311  1.00 16.72 ? 16  HIS B CA  1 
ATOM   78   C C   . HIS A 1 10  ? 8.919   -6.622  -7.866  1.00 17.69 ? 16  HIS B C   1 
ATOM   79   O O   . HIS A 1 10  ? 9.775   -7.095  -7.134  1.00 20.62 ? 16  HIS B O   1 
ATOM   80   C CB  . HIS A 1 10  ? 9.840   -7.496  -10.029 1.00 17.69 ? 16  HIS B CB  1 
ATOM   81   C CG  . HIS A 1 10  ? 8.908   -8.649  -10.179 1.00 22.46 ? 16  HIS B CG  1 
ATOM   82   N ND1 . HIS A 1 10  ? 7.975   -8.704  -11.181 1.00 25.49 ? 16  HIS B ND1 1 
ATOM   83   C CD2 . HIS A 1 10  ? 8.776   -9.777  -9.454  1.00 25.73 ? 16  HIS B CD2 1 
ATOM   84   C CE1 . HIS A 1 10  ? 7.293   -9.838  -11.076 1.00 23.46 ? 16  HIS B CE1 1 
ATOM   85   N NE2 . HIS A 1 10  ? 7.768   -10.506 -10.016 1.00 28.86 ? 16  HIS B NE2 1 
ATOM   86   N N   . ILE A 1 11  ? 7.737   -6.225  -7.429  1.00 14.09 ? 17  ILE B N   1 
ATOM   87   C CA  . ILE A 1 11  ? 7.302   -6.432  -6.030  1.00 13.87 ? 17  ILE B CA  1 
ATOM   88   C C   . ILE A 1 11  ? 6.562   -7.782  -5.936  1.00 13.86 ? 17  ILE B C   1 
ATOM   89   O O   . ILE A 1 11  ? 5.783   -8.078  -6.834  1.00 13.75 ? 17  ILE B O   1 
ATOM   90   C CB  . ILE A 1 11  ? 6.416   -5.259  -5.553  1.00 13.69 ? 17  ILE B CB  1 
ATOM   91   C CG1 . ILE A 1 11  ? 7.175   -3.924  -5.582  1.00 14.76 ? 17  ILE B CG1 1 
ATOM   92   C CG2 . ILE A 1 11  ? 5.861   -5.563  -4.165  1.00 13.95 ? 17  ILE B CG2 1 
ATOM   93   C CD1 . ILE A 1 11  ? 8.520   -3.912  -4.890  1.00 15.25 ? 17  ILE B CD1 1 
ATOM   94   N N   . THR A 1 12  ? 6.789   -8.488  -4.856  1.00 13.20 ? 18  THR B N   1 
ATOM   95   C CA  . THR A 1 12  ? 5.994   -9.713  -4.536  1.00 14.07 ? 18  THR B CA  1 
ATOM   96   C C   . THR A 1 12  ? 5.504   -9.586  -3.108  1.00 14.26 ? 18  THR B C   1 
ATOM   97   O O   . THR A 1 12  ? 6.113   -8.878  -2.289  1.00 15.73 ? 18  THR B O   1 
ATOM   98   C CB  . THR A 1 12  ? 6.801   -11.002 -4.764  1.00 16.02 ? 18  THR B CB  1 
ATOM   99   O OG1 . THR A 1 12  ? 7.955   -10.962 -3.937  1.00 18.28 ? 18  THR B OG1 1 
ATOM   100  C CG2 . THR A 1 12  ? 7.148   -11.260 -6.222  1.00 17.94 ? 18  THR B CG2 1 
ATOM   101  N N   . LEU A 1 13  ? 4.364   -10.237 -2.815  1.00 12.70 ? 19  LEU B N   1 
ATOM   102  C CA  . LEU A 1 13  ? 3.750   -10.136 -1.466  1.00 12.23 ? 19  LEU B CA  1 
ATOM   103  C C   . LEU A 1 13  ? 4.343   -11.178 -0.534  1.00 12.22 ? 19  LEU B C   1 
ATOM   104  O O   . LEU A 1 13  ? 4.577   -12.334 -0.997  1.00 14.74 ? 19  LEU B O   1 
ATOM   105  C CB  . LEU A 1 13  ? 2.257   -10.328 -1.628  1.00 12.36 ? 19  LEU B CB  1 
ATOM   106  C CG  . LEU A 1 13  ? 1.626   -9.233  -2.465  1.00 11.98 ? 19  LEU B CG  1 
ATOM   107  C CD1 . LEU A 1 13  ? 0.148   -9.512  -2.741  1.00 14.55 ? 19  LEU B CD1 1 
ATOM   108  C CD2 . LEU A 1 13  ? 1.846   -7.839  -1.853  1.00 14.50 ? 19  LEU B CD2 1 
ATOM   109  N N   . ASP A 1 14  ? 4.529   -10.860 0.702   1.00 11.18 ? 20  ASP B N   1 
ATOM   110  C CA  . ASP A 1 14  ? 5.052   -11.755 1.757   1.00 12.12 ? 20  ASP B CA  1 
ATOM   111  C C   . ASP A 1 14  ? 3.860   -12.335 2.577   1.00 12.58 ? 20  ASP B C   1 
ATOM   112  O O   . ASP A 1 14  ? 3.332   -11.674 3.463   1.00 12.04 ? 20  ASP B O   1 
ATOM   113  C CB  . ASP A 1 14  ? 6.041   -11.023 2.663   1.00 12.61 ? 20  ASP B CB  1 
ATOM   114  C CG  . ASP A 1 14  ? 6.652   -11.839 3.783   1.00 16.14 ? 20  ASP B CG  1 
ATOM   115  O OD1 . ASP A 1 14  ? 6.169   -12.977 3.980   1.00 16.01 ? 20  ASP B OD1 1 
ATOM   116  O OD2 . ASP A 1 14  ? 7.542   -11.341 4.515   1.00 15.88 ? 20  ASP B OD2 1 
ATOM   117  N N   A ARG A 1 15  ? 3.478   -13.579 2.228   0.25 14.34 ? 21  ARG B N   1 
ATOM   118  N N   B ARG A 1 15  ? 3.479   -13.580 2.254   0.25 14.13 ? 21  ARG B N   1 
ATOM   119  C CA  A ARG A 1 15  ? 2.414   -14.412 2.869   0.25 15.69 ? 21  ARG B CA  1 
ATOM   120  C CA  B ARG A 1 15  ? 2.325   -14.297 2.866   0.25 15.19 ? 21  ARG B CA  1 
ATOM   121  C C   A ARG A 1 15  ? 2.470   -14.350 4.390   0.25 14.88 ? 21  ARG B C   1 
ATOM   122  C C   B ARG A 1 15  ? 2.461   -14.372 4.390   0.25 14.24 ? 21  ARG B C   1 
ATOM   123  O O   A ARG A 1 15  ? 1.401   -14.369 5.041   0.25 15.62 ? 21  ARG B O   1 
ATOM   124  O O   B ARG A 1 15  ? 1.418   -14.455 5.059   0.25 13.24 ? 21  ARG B O   1 
ATOM   125  C CB  A ARG A 1 15  ? 2.598   -15.901 2.532   0.25 17.70 ? 21  ARG B CB  1 
ATOM   126  C CB  B ARG A 1 15  ? 2.202   -15.725 2.303   0.25 17.92 ? 21  ARG B CB  1 
ATOM   127  C CG  A ARG A 1 15  ? 2.794   -16.190 1.056   0.25 20.08 ? 21  ARG B CG  1 
ATOM   128  C CG  B ARG A 1 15  ? 1.865   -15.818 0.823   0.25 19.79 ? 21  ARG B CG  1 
ATOM   129  C CD  A ARG A 1 15  ? 2.703   -17.669 0.716   0.25 20.15 ? 21  ARG B CD  1 
ATOM   130  C CD  B ARG A 1 15  ? 3.039   -16.270 -0.039  0.25 23.24 ? 21  ARG B CD  1 
ATOM   131  N NE  A ARG A 1 15  ? 2.309   -17.789 -0.676  0.25 20.16 ? 21  ARG B NE  1 
ATOM   132  N NE  B ARG A 1 15  ? 3.218   -17.719 -0.153  0.25 24.50 ? 21  ARG B NE  1 
ATOM   133  C CZ  A ARG A 1 15  ? 1.064   -17.624 -1.081  0.25 19.41 ? 21  ARG B CZ  1 
ATOM   134  C CZ  B ARG A 1 15  ? 4.279   -18.403 0.282   0.25 27.24 ? 21  ARG B CZ  1 
ATOM   135  N NH1 A ARG A 1 15  ? 0.127   -17.389 -0.186  0.25 21.18 ? 21  ARG B NH1 1 
ATOM   136  N NH1 B ARG A 1 15  ? 5.291   -17.791 0.874   0.25 27.78 ? 21  ARG B NH1 1 
ATOM   137  N NH2 A ARG A 1 15  ? 0.753   -17.694 -2.358  0.25 21.05 ? 21  ARG B NH2 1 
ATOM   138  N NH2 B ARG A 1 15  ? 4.327   -19.713 0.122   0.25 29.20 ? 21  ARG B NH2 1 
ATOM   139  N N   . ASN A 1 16  ? 3.681   -14.381 4.932   1.00 14.08 ? 22  ASN B N   1 
ATOM   140  C CA  . ASN A 1 16  ? 3.878   -14.513 6.378   1.00 15.14 ? 22  ASN B CA  1 
ATOM   141  C C   . ASN A 1 16  ? 3.401   -13.280 7.135   1.00 13.53 ? 22  ASN B C   1 
ATOM   142  O O   . ASN A 1 16  ? 3.118   -13.379 8.302   1.00 13.86 ? 22  ASN B O   1 
ATOM   143  C CB  . ASN A 1 16  ? 5.331   -14.887 6.696   1.00 19.27 ? 22  ASN B CB  1 
ATOM   144  C CG  . ASN A 1 16  ? 5.648   -16.326 6.328   1.00 25.68 ? 22  ASN B CG  1 
ATOM   145  O OD1 . ASN A 1 16  ? 4.759   -17.173 6.206   1.00 33.25 ? 22  ASN B OD1 1 
ATOM   146  N ND2 . ASN A 1 16  ? 6.919   -16.593 6.089   1.00 36.17 ? 22  ASN B ND2 1 
ATOM   147  N N   . THR A 1 17  ? 3.315   -12.112 6.452   1.00 11.91 ? 23  THR B N   1 
ATOM   148  C CA  . THR A 1 17  ? 2.877   -10.854 7.064   1.00 11.44 ? 23  THR B CA  1 
ATOM   149  C C   . THR A 1 17  ? 1.379   -10.654 6.934   1.00 10.80 ? 23  THR B C   1 
ATOM   150  O O   . THR A 1 17  ? 0.840   -9.716  7.543   1.00 11.29 ? 23  THR B O   1 
ATOM   151  C CB  . THR A 1 17  ? 3.604   -9.632  6.471   1.00 11.87 ? 23  THR B CB  1 
ATOM   152  O OG1 . THR A 1 17  ? 3.192   -9.419  5.130   1.00 12.01 ? 23  THR B OG1 1 
ATOM   153  C CG2 . THR A 1 17  ? 5.113   -9.758  6.614   1.00 12.03 ? 23  THR B CG2 1 
ATOM   154  N N   . ALA A 1 18  ? 0.745   -11.480 6.132   1.00 11.02 ? 24  ALA B N   1 
ATOM   155  C CA  . ALA A 1 18  ? -0.664  -11.228 5.744   1.00 11.06 ? 24  ALA B CA  1 
ATOM   156  C C   . ALA A 1 18  ? -1.611  -11.442 6.920   1.00 11.00 ? 24  ALA B C   1 
ATOM   157  O O   . ALA A 1 18  ? -1.494  -12.473 7.647   1.00 12.43 ? 24  ALA B O   1 
ATOM   158  C CB  . ALA A 1 18  ? -1.049  -12.106 4.605   1.00 11.50 ? 24  ALA B CB  1 
ATOM   159  N N   . ASN A 1 19  ? -2.619  -10.625 7.065   1.00 11.02 ? 25  ASN B N   1 
ATOM   160  C CA  . ASN A 1 19  ? -3.795  -10.980 7.887   1.00 11.27 ? 25  ASN B CA  1 
ATOM   161  C C   . ASN A 1 19  ? -4.275  -12.369 7.439   1.00 11.03 ? 25  ASN B C   1 
ATOM   162  O O   . ASN A 1 19  ? -4.253  -12.717 6.266   1.00 10.81 ? 25  ASN B O   1 
ATOM   163  C CB  . ASN A 1 19  ? -4.836  -9.884  7.717   1.00 11.62 ? 25  ASN B CB  1 
ATOM   164  C CG  . ASN A 1 19  ? -6.100  -10.216 8.456   1.00 13.01 ? 25  ASN B CG  1 
ATOM   165  O OD1 . ASN A 1 19  ? -6.972  -10.894 7.932   1.00 13.58 ? 25  ASN B OD1 1 
ATOM   166  N ND2 . ASN A 1 19  ? -6.163  -9.815  9.687   1.00 16.80 ? 25  ASN B ND2 1 
ATOM   167  N N   . SER A 1 20  ? -4.742  -13.143 8.409   1.00 11.25 ? 26  SER B N   1 
ATOM   168  C CA  . SER A 1 20  ? -5.145  -14.559 8.214   1.00 11.57 ? 26  SER B CA  1 
ATOM   169  C C   . SER A 1 20  ? -6.362  -14.736 7.315   1.00 11.64 ? 26  SER B C   1 
ATOM   170  O O   . SER A 1 20  ? -6.592  -15.904 6.922   1.00 12.65 ? 26  SER B O   1 
ATOM   171  C CB  . SER A 1 20  ? -5.389  -15.234 9.539   1.00 12.95 ? 26  SER B CB  1 
ATOM   172  O OG  . SER A 1 20  ? -6.431  -14.575 10.216  1.00 15.41 ? 26  SER B OG  1 
ATOM   173  N N   . TRP A 1 21  ? -7.126  -13.669 7.010   0.36 11.73 ? 27  TRP B N   1 
ATOM   174  C CA  . TRP A 1 21  ? -8.287  -13.658 6.064   0.36 12.38 ? 27  TRP B CA  1 
ATOM   175  C C   . TRP A 1 21  ? -7.811  -13.583 4.599   0.36 11.68 ? 27  TRP B C   1 
ATOM   176  O O   . TRP A 1 21  ? -8.613  -13.859 3.721   0.36 11.75 ? 27  TRP B O   1 
ATOM   177  C CB  . TRP A 1 21  ? -9.251  -12.479 6.312   0.36 13.44 ? 27  TRP B CB  1 
ATOM   178  C CG  . TRP A 1 21  ? -10.177 -12.502 7.500   0.36 15.05 ? 27  TRP B CG  1 
ATOM   179  C CD1 . TRP A 1 21  ? -9.894  -12.087 8.768   0.36 15.85 ? 27  TRP B CD1 1 
ATOM   180  C CD2 . TRP A 1 21  ? -11.586 -12.820 7.503   0.36 15.89 ? 27  TRP B CD2 1 
ATOM   181  N NE1 . TRP A 1 21  ? -11.006 -12.175 9.564   0.36 16.36 ? 27  TRP B NE1 1 
ATOM   182  C CE2 . TRP A 1 21  ? -12.062 -12.618 8.819   0.36 16.25 ? 27  TRP B CE2 1 
ATOM   183  C CE3 . TRP A 1 21  ? -12.489 -13.268 6.531   0.36 15.87 ? 27  TRP B CE3 1 
ATOM   184  C CZ2 . TRP A 1 21  ? -13.391 -12.856 9.184   0.36 16.34 ? 27  TRP B CZ2 1 
ATOM   185  C CZ3 . TRP A 1 21  ? -13.801 -13.507 6.892   0.36 16.42 ? 27  TRP B CZ3 1 
ATOM   186  C CH2 . TRP A 1 21  ? -14.245 -13.291 8.197   0.36 16.37 ? 27  TRP B CH2 1 
ATOM   187  N N   . LEU A 1 22  ? -6.571  -13.149 4.327   1.00 10.95 ? 28  LEU B N   1 
ATOM   188  C CA  . LEU A 1 22  ? -6.164  -12.786 2.950   1.00 11.12 ? 28  LEU B CA  1 
ATOM   189  C C   . LEU A 1 22  ? -5.778  -14.036 2.169   1.00 10.86 ? 28  LEU B C   1 
ATOM   190  O O   . LEU A 1 22  ? -5.188  -14.959 2.685   1.00 11.86 ? 28  LEU B O   1 
ATOM   191  C CB  . LEU A 1 22  ? -4.989  -11.809 2.970   1.00 10.52 ? 28  LEU B CB  1 
ATOM   192  C CG  . LEU A 1 22  ? -5.291  -10.463 3.624   1.00 11.23 ? 28  LEU B CG  1 
ATOM   193  C CD1 . LEU A 1 22  ? -4.089  -9.534  3.556   1.00 11.29 ? 28  LEU B CD1 1 
ATOM   194  C CD2 . LEU A 1 22  ? -6.455  -9.779  3.004   1.00 12.09 ? 28  LEU B CD2 1 
ATOM   195  N N   . ILE A 1 23  ? -6.028  -13.945 0.890   1.00 10.89 ? 29  ILE B N   1 
ATOM   196  C CA  . ILE A 1 23  ? -5.627  -14.954 -0.127  1.00 12.59 ? 29  ILE B CA  1 
ATOM   197  C C   . ILE A 1 23  ? -4.669  -14.288 -1.111  1.00 12.37 ? 29  ILE B C   1 
ATOM   198  O O   . ILE A 1 23  ? -5.090  -13.379 -1.853  1.00 12.66 ? 29  ILE B O   1 
ATOM   199  C CB  . ILE A 1 23  ? -6.822  -15.529 -0.843  1.00 12.58 ? 29  ILE B CB  1 
ATOM   200  C CG1 . ILE A 1 23  ? -7.831  -16.190 0.127   1.00 13.27 ? 29  ILE B CG1 1 
ATOM   201  C CG2 . ILE A 1 23  ? -6.355  -16.562 -1.895  1.00 14.59 ? 29  ILE B CG2 1 
ATOM   202  C CD1 . ILE A 1 23  ? -9.098  -16.613 -0.486  1.00 14.88 ? 29  ILE B CD1 1 
ATOM   203  N N   . ILE A 1 24  ? -3.422  -14.711 -1.021  1.00 14.40 ? 30  ILE B N   1 
ATOM   204  C CA  . ILE A 1 24  ? -2.337  -14.248 -1.942  1.00 14.58 ? 30  ILE B CA  1 
ATOM   205  C C   . ILE A 1 24  ? -2.194  -15.240 -3.080  1.00 15.18 ? 30  ILE B C   1 
ATOM   206  O O   . ILE A 1 24  ? -2.119  -16.496 -2.822  1.00 17.36 ? 30  ILE B O   1 
ATOM   207  C CB  . ILE A 1 24  ? -1.056  -14.039 -1.169  1.00 15.92 ? 30  ILE B CB  1 
ATOM   208  C CG1 . ILE A 1 24  ? -1.221  -12.859 -0.234  1.00 18.87 ? 30  ILE B CG1 1 
ATOM   209  C CG2 . ILE A 1 24  ? 0.125   -13.771 -2.108  1.00 15.61 ? 30  ILE B CG2 1 
ATOM   210  C CD1 . ILE A 1 24  ? -0.173  -12.716 0.672   1.00 21.54 ? 30  ILE B CD1 1 
ATOM   211  N N   . SER A 1 25  ? -2.201  -14.815 -4.309  1.00 14.77 ? 31  SER B N   1 
ATOM   212  C CA  . SER A 1 25  ? -2.085  -15.702 -5.474  1.00 15.71 ? 31  SER B CA  1 
ATOM   213  C C   . SER A 1 25  ? -0.734  -16.436 -5.499  1.00 14.09 ? 31  SER B C   1 
ATOM   214  O O   . SER A 1 25  ? 0.211   -16.066 -4.860  1.00 14.42 ? 31  SER B O   1 
ATOM   215  C CB  . SER A 1 25  ? -2.284  -14.927 -6.704  1.00 15.91 ? 31  SER B CB  1 
ATOM   216  O OG  . SER A 1 25  ? -1.264  -13.916 -6.825  1.00 15.83 ? 31  SER B OG  1 
ATOM   217  N N   . LYS A 1 26  ? -0.711  -17.542 -6.255  1.00 17.47 ? 32  LYS B N   1 
ATOM   218  C CA  . LYS A 1 26  ? 0.510   -18.377 -6.394  1.00 17.83 ? 32  LYS B CA  1 
ATOM   219  C C   . LYS A 1 26  ? 1.715   -17.538 -6.837  1.00 15.40 ? 32  LYS B C   1 
ATOM   220  O O   . LYS A 1 26  ? 2.782   -17.782 -6.297  1.00 18.00 ? 32  LYS B O   1 
ATOM   221  C CB  . LYS A 1 26  ? 0.252   -19.487 -7.418  1.00 21.79 ? 32  LYS B CB  1 
ATOM   222  C CG  . LYS A 1 26  ? 1.437   -20.383 -7.702  1.00 23.57 ? 32  LYS B CG  1 
ATOM   223  C CD  . LYS A 1 26  ? 0.980   -21.656 -8.338  1.00 23.87 ? 32  LYS B CD  1 
ATOM   224  C CE  . LYS A 1 26  ? 0.054   -21.387 -9.487  1.00 27.82 ? 32  LYS B CE  1 
ATOM   225  N NZ  . LYS A 1 26  ? -0.177  -22.653 -10.209 1.00 28.14 ? 32  LYS B NZ  1 
ATOM   226  N N   . ASP A 1 27  ? 1.520   -16.618 -7.780  1.00 16.32 ? 33  ASP B N   1 
ATOM   227  C CA  . ASP A 1 27  ? 2.640   -15.766 -8.271  1.00 15.89 ? 33  ASP B CA  1 
ATOM   228  C C   . ASP A 1 27  ? 2.994   -14.674 -7.252  1.00 13.73 ? 33  ASP B C   1 
ATOM   229  O O   . ASP A 1 27  ? 3.950   -13.914 -7.530  1.00 15.14 ? 33  ASP B O   1 
ATOM   230  C CB  . ASP A 1 27  ? 2.371   -15.184 -9.646  1.00 17.17 ? 33  ASP B CB  1 
ATOM   231  C CG  . ASP A 1 27  ? 1.216   -14.210 -9.755  1.00 17.70 ? 33  ASP B CG  1 
ATOM   232  O OD1 . ASP A 1 27  ? 0.621   -13.867 -8.692  1.00 17.64 ? 33  ASP B OD1 1 
ATOM   233  O OD2 . ASP A 1 27  ? 0.962   -13.773 -10.883 1.00 20.41 ? 33  ASP B OD2 1 
ATOM   234  N N   . ARG A 1 28  ? 2.288   -14.544 -6.141  1.00 13.29 ? 34  ARG B N   1 
ATOM   235  C CA  . ARG A 1 28  ? 2.540   -13.530 -5.091  1.00 13.49 ? 34  ARG B CA  1 
ATOM   236  C C   . ARG A 1 28  ? 2.382   -12.114 -5.658  1.00 11.27 ? 34  ARG B C   1 
ATOM   237  O O   . ARG A 1 28  ? 2.929   -11.168 -5.032  1.00 12.45 ? 34  ARG B O   1 
ATOM   238  C CB  . ARG A 1 28  ? 3.872   -13.795 -4.398  1.00 17.00 ? 34  ARG B CB  1 
ATOM   239  C CG  . ARG A 1 28  ? 3.864   -15.159 -3.708  1.00 22.68 ? 34  ARG B CG  1 
ATOM   240  C CD  . ARG A 1 28  ? 5.121   -15.561 -2.997  1.00 29.98 ? 34  ARG B CD  1 
ATOM   241  N NE  . ARG A 1 28  ? 6.326   -15.327 -3.761  1.00 38.24 ? 34  ARG B NE  1 
ATOM   242  C CZ  . ARG A 1 28  ? 7.183   -14.316 -3.570  1.00 50.07 ? 34  ARG B CZ  1 
ATOM   243  N NH1 . ARG A 1 28  ? 6.993   -13.407 -2.612  1.00 50.31 ? 34  ARG B NH1 1 
ATOM   244  N NH2 . ARG A 1 28  ? 8.253   -14.230 -4.349  1.00 55.23 ? 34  ARG B NH2 1 
ATOM   245  N N   . ARG A 1 29  ? 1.567   -11.942 -6.629  1.00 10.49 ? 35  ARG B N   1 
ATOM   246  C CA  . ARG A 1 29  ? 1.336   -10.614 -7.240  1.00 12.19 ? 35  ARG B CA  1 
ATOM   247  C C   . ARG A 1 29  ? -0.070  -10.064 -7.021  1.00 12.13 ? 35  ARG B C   1 
ATOM   248  O O   . ARG A 1 29  ? -0.312  -8.894  -7.367  1.00 13.43 ? 35  ARG B O   1 
ATOM   249  C CB  . ARG A 1 29  ? 1.633   -10.631 -8.751  1.00 12.92 ? 35  ARG B CB  1 
ATOM   250  C CG  . ARG A 1 29  ? 3.077   -10.979 -9.068  1.00 14.58 ? 35  ARG B CG  1 
ATOM   251  C CD  . ARG A 1 29  ? 4.016   -9.810  -9.001  1.00 15.81 ? 35  ARG B CD  1 
ATOM   252  N NE  . ARG A 1 29  ? 3.861   -8.997  -10.202 1.00 16.53 ? 35  ARG B NE  1 
ATOM   253  C CZ  . ARG A 1 29  ? 4.435   -7.803  -10.411 1.00 15.83 ? 35  ARG B CZ  1 
ATOM   254  N NH1 . ARG A 1 29  ? 5.218   -7.294  -9.507  1.00 16.05 ? 35  ARG B NH1 1 
ATOM   255  N NH2 . ARG A 1 29  ? 4.218   -7.167  -11.535 1.00 18.12 ? 35  ARG B NH2 1 
ATOM   256  N N   . GLN A 1 30  ? -0.999  -10.843 -6.492  1.00 11.94 ? 36  GLN B N   1 
ATOM   257  C CA  . GLN A 1 30  ? -2.377  -10.417 -6.206  1.00 12.64 ? 36  GLN B CA  1 
ATOM   258  C C   . GLN A 1 30  ? -2.767  -10.813 -4.802  1.00 11.02 ? 36  GLN B C   1 
ATOM   259  O O   . GLN A 1 30  ? -2.310  -11.845 -4.259  1.00 12.26 ? 36  GLN B O   1 
ATOM   260  C CB  . GLN A 1 30  ? -3.380  -11.048 -7.174  1.00 14.91 ? 36  GLN B CB  1 
ATOM   261  C CG  . GLN A 1 30  ? -2.982  -10.926 -8.619  1.00 17.24 ? 36  GLN B CG  1 
ATOM   262  C CD  . GLN A 1 30  ? -4.112  -11.348 -9.533  1.00 20.51 ? 36  GLN B CD  1 
ATOM   263  O OE1 . GLN A 1 30  ? -5.281  -11.448 -9.122  1.00 22.32 ? 36  GLN B OE1 1 
ATOM   264  N NE2 . GLN A 1 30  ? -3.760  -11.652 -10.764 1.00 25.35 ? 36  GLN B NE2 1 
ATOM   265  N N   . VAL A 1 31  ? -3.676  -10.028 -4.222  1.00 10.91 ? 37  VAL B N   1 
ATOM   266  C CA  . VAL A 1 31  ? -4.215  -10.329 -2.872  1.00 10.93 ? 37  VAL B CA  1 
ATOM   267  C C   . VAL A 1 31  ? -5.675  -9.897  -2.824  1.00 11.50 ? 37  VAL B C   1 
ATOM   268  O O   . VAL A 1 31  ? -6.026  -8.828  -3.304  1.00 10.68 ? 37  VAL B O   1 
ATOM   269  C CB  . VAL A 1 31  ? -3.355  -9.698  -1.780  1.00 10.30 ? 37  VAL B CB  1 
ATOM   270  C CG1 . VAL A 1 31  ? -3.209  -8.172  -1.904  1.00 10.47 ? 37  VAL B CG1 1 
ATOM   271  C CG2 . VAL A 1 31  ? -3.891  -10.039 -0.405  1.00 10.95 ? 37  VAL B CG2 1 
ATOM   272  N N   . ARG A 1 32  ? -6.504  -10.727 -2.210  1.00 11.36 ? 38  ARG B N   1 
ATOM   273  C CA  . ARG A 1 32  ? -7.907  -10.363 -1.982  1.00 11.94 ? 38  ARG B CA  1 
ATOM   274  C C   . ARG A 1 32  ? -8.335  -10.884 -0.603  1.00 11.79 ? 38  ARG B C   1 
ATOM   275  O O   . ARG A 1 32  ? -7.712  -11.752 0.005   1.00 11.45 ? 38  ARG B O   1 
ATOM   276  C CB  . ARG A 1 32  ? -8.839  -10.905 -3.053  1.00 14.11 ? 38  ARG B CB  1 
ATOM   277  C CG  . ARG A 1 32  ? -8.892  -12.414 -3.060  1.00 16.05 ? 38  ARG B CG  1 
ATOM   278  C CD  . ARG A 1 32  ? -9.680  -12.908 -4.269  1.00 19.34 ? 38  ARG B CD  1 
ATOM   279  N NE  . ARG A 1 32  ? -9.798  -14.358 -4.268  1.00 24.18 ? 38  ARG B NE  1 
ATOM   280  C CZ  . ARG A 1 32  ? -10.776 -15.035 -3.693  1.00 21.03 ? 38  ARG B CZ  1 
ATOM   281  N NH1 . ARG A 1 32  ? -11.724 -14.440 -3.003  1.00 23.79 ? 38  ARG B NH1 1 
ATOM   282  N NH2 . ARG A 1 32  ? -10.766 -16.363 -3.794  1.00 26.00 ? 38  ARG B NH2 1 
ATOM   283  N N   . MET A 1 33  ? -9.450  -10.300 -0.165  0.36 11.82 ? 39  MET B N   1 
ATOM   284  C CA  . MET A 1 33  ? -10.176 -10.723 1.055   0.36 12.39 ? 39  MET B CA  1 
ATOM   285  C C   . MET A 1 33  ? -10.799 -12.096 0.823   0.36 12.16 ? 39  MET B C   1 
ATOM   286  O O   . MET A 1 33  ? -11.520 -12.316 -0.165  0.36 11.57 ? 39  MET B O   1 
ATOM   287  C CB  . MET A 1 33  ? -11.291 -9.750  1.431   0.36 12.58 ? 39  MET B CB  1 
ATOM   288  C CG  . MET A 1 33  ? -12.082 -10.221 2.642   0.36 12.84 ? 39  MET B CG  1 
ATOM   289  S SD  . MET A 1 33  ? -11.094 -10.145 4.166   0.36 14.03 ? 39  MET B SD  1 
ATOM   290  C CE  . MET A 1 33  ? -11.172 -8.366  4.374   0.36 15.37 ? 39  MET B CE  1 
ATOM   291  N N   . GLY A 1 34  ? -10.504 -13.014 1.716   1.00 12.99 ? 40  GLY B N   1 
ATOM   292  C CA  . GLY A 1 34  ? -11.293 -14.265 1.743   1.00 15.00 ? 40  GLY B CA  1 
ATOM   293  C C   . GLY A 1 34  ? -12.566 -14.090 2.570   1.00 16.47 ? 40  GLY B C   1 
ATOM   294  O O   . GLY A 1 34  ? -12.762 -13.075 3.224   1.00 17.29 ? 40  GLY B O   1 
ATOM   295  N N   . ASP A 1 35  ? -13.481 -15.061 2.446   1.00 20.65 ? 41  ASP B N   1 
ATOM   296  C CA  . ASP A 1 35  ? -14.793 -14.939 3.169   1.00 23.42 ? 41  ASP B CA  1 
ATOM   297  C C   . ASP A 1 35  ? -14.669 -15.638 4.543   1.00 21.01 ? 41  ASP B C   1 
ATOM   298  O O   . ASP A 1 35  ? -15.657 -15.580 5.333   1.00 20.98 ? 41  ASP B O   1 
ATOM   299  C CB  . ASP A 1 35  ? -15.985 -15.366 2.282   1.00 27.98 ? 41  ASP B CB  1 
ATOM   300  C CG  . ASP A 1 35  ? -16.457 -14.343 1.229   1.00 38.14 ? 41  ASP B CG  1 
ATOM   301  O OD1 . ASP A 1 35  ? -16.220 -13.117 1.414   1.00 42.22 ? 41  ASP B OD1 1 
ATOM   302  O OD2 . ASP A 1 35  ? -17.102 -14.755 0.231   1.00 38.32 ? 41  ASP B OD2 1 
ATOM   303  N N   . THR A 1 36  ? -13.497 -16.105 4.937   1.00 16.26 ? 42  THR B N   1 
ATOM   304  C CA  . THR A 1 36  ? -13.233 -16.799 6.227   1.00 16.74 ? 42  THR B CA  1 
ATOM   305  C C   . THR A 1 36  ? -11.739 -16.790 6.565   1.00 13.78 ? 42  THR B C   1 
ATOM   306  O O   . THR A 1 36  ? -10.846 -16.461 5.646   1.00 13.53 ? 42  THR B O   1 
ATOM   307  C CB  . THR A 1 36  ? -13.846 -18.175 6.015   1.00 18.24 ? 42  THR B CB  1 
ATOM   308  O OG1 . THR A 1 36  ? -13.870 -18.761 7.291   1.00 19.78 ? 42  THR B OG1 1 
ATOM   309  C CG2 . THR A 1 36  ? -13.076 -18.993 4.999   1.00 19.53 ? 42  THR B CG2 1 
ATOM   310  N N   . HIS A 1 37  ? -11.322 -17.300 7.717   1.00 13.94 ? 43  HIS B N   1 
ATOM   311  C CA  . HIS A 1 37  ? -9.903  -17.579 8.053   1.00 13.24 ? 43  HIS B CA  1 
ATOM   312  C C   . HIS A 1 37  ? -9.317  -18.544 7.026   1.00 15.09 ? 43  HIS B C   1 
ATOM   313  O O   . HIS A 1 37  ? -9.942  -19.599 6.711   1.00 14.53 ? 43  HIS B O   1 
ATOM   314  C CB  . HIS A 1 37  ? -9.833  -18.098 9.503   1.00 12.88 ? 43  HIS B CB  1 
ATOM   315  C CG  . HIS A 1 37  ? -8.493  -18.316 10.083  1.00 12.58 ? 43  HIS B CG  1 
ATOM   316  N ND1 . HIS A 1 37  ? -7.603  -19.300 9.667   1.00 13.56 ? 43  HIS B ND1 1 
ATOM   317  C CD2 . HIS A 1 37  ? -7.879  -17.704 11.135  1.00 12.84 ? 43  HIS B CD2 1 
ATOM   318  C CE1 . HIS A 1 37  ? -6.537  -19.279 10.440  1.00 12.48 ? 43  HIS B CE1 1 
ATOM   319  N NE2 . HIS A 1 37  ? -6.665  -18.266 11.378  1.00 13.30 ? 43  HIS B NE2 1 
ATOM   320  N N   . GLN A 1 38  ? -8.108  -18.273 6.542   1.00 12.92 ? 44  GLN B N   1 
ATOM   321  C CA  . GLN A 1 38  ? -7.514  -19.029 5.420   1.00 12.74 ? 44  GLN B CA  1 
ATOM   322  C C   . GLN A 1 38  ? -6.638  -20.199 5.899   1.00 14.16 ? 44  GLN B C   1 
ATOM   323  O O   . GLN A 1 38  ? -5.845  -20.744 5.097   1.00 15.51 ? 44  GLN B O   1 
ATOM   324  C CB  . GLN A 1 38  ? -6.767  -18.080 4.480   1.00 13.08 ? 44  GLN B CB  1 
ATOM   325  C CG  . GLN A 1 38  ? -7.694  -17.159 3.767   1.00 12.47 ? 44  GLN B CG  1 
ATOM   326  C CD  . GLN A 1 38  ? -8.800  -17.867 3.027   1.00 12.98 ? 44  GLN B CD  1 
ATOM   327  O OE1 . GLN A 1 38  ? -10.008 -17.563 3.125   1.00 15.30 ? 44  GLN B OE1 1 
ATOM   328  N NE2 . GLN A 1 38  ? -8.420  -18.862 2.247   1.00 12.11 ? 44  GLN B NE2 1 
ATOM   329  N N   . ASN A 1 39  ? -6.801  -20.631 7.139   1.00 13.66 ? 45  ASN B N   1 
ATOM   330  C CA  . ASN A 1 39  ? -6.263  -21.927 7.627   1.00 12.54 ? 45  ASN B CA  1 
ATOM   331  C C   . ASN A 1 39  ? -4.760  -21.883 7.719   1.00 13.72 ? 45  ASN B C   1 
ATOM   332  O O   . ASN A 1 39  ? -4.085  -22.912 7.558   1.00 15.39 ? 45  ASN B O   1 
ATOM   333  C CB  . ASN A 1 39  ? -6.758  -23.130 6.797   1.00 12.68 ? 45  ASN B CB  1 
ATOM   334  C CG  . ASN A 1 39  ? -6.707  -24.414 7.614   1.00 12.50 ? 45  ASN B CG  1 
ATOM   335  O OD1 . ASN A 1 39  ? -6.832  -24.424 8.842   1.00 12.04 ? 45  ASN B OD1 1 
ATOM   336  N ND2 . ASN A 1 39  ? -6.491  -25.550 6.931   1.00 12.27 ? 45  ASN B ND2 1 
ATOM   337  N N   . VAL A 1 40  ? -4.194  -20.760 8.138   1.00 15.42 ? 46  VAL B N   1 
ATOM   338  C CA  . VAL A 1 40  ? -2.743  -20.540 8.401   1.00 16.70 ? 46  VAL B CA  1 
ATOM   339  C C   . VAL A 1 40  ? -2.499  -20.440 9.921   1.00 15.05 ? 46  VAL B C   1 
ATOM   340  O O   . VAL A 1 40  ? -3.401  -20.012 10.616  1.00 15.51 ? 46  VAL B O   1 
ATOM   341  C CB  . VAL A 1 40  ? -2.245  -19.271 7.670   1.00 17.86 ? 46  VAL B CB  1 
ATOM   342  C CG1 . VAL A 1 40  ? -2.293  -19.461 6.159   1.00 20.78 ? 46  VAL B CG1 1 
ATOM   343  C CG2 . VAL A 1 40  ? -3.004  -18.004 8.068   1.00 18.36 ? 46  VAL B CG2 1 
ATOM   344  N N   . SER A 1 41  ? -1.296  -20.739 10.394  1.00 16.40 ? 47  SER B N   1 
ATOM   345  C CA  . SER A 1 41  ? -0.908  -20.532 11.802  1.00 17.45 ? 47  SER B CA  1 
ATOM   346  C C   . SER A 1 41  ? -0.726  -19.044 12.064  1.00 15.99 ? 47  SER B C   1 
ATOM   347  O O   . SER A 1 41  ? -0.367  -18.260 11.130  1.00 15.43 ? 47  SER B O   1 
ATOM   348  C CB  . SER A 1 41  ? 0.349   -21.300 12.163  1.00 19.27 ? 47  SER B CB  1 
ATOM   349  O OG  . SER A 1 41  ? 1.438   -20.928 11.338  1.00 22.42 ? 47  SER B OG  1 
ATOM   350  N N   . ASP A 1 42  ? -0.858  -18.625 13.301  1.00 16.39 ? 48  ASP B N   1 
ATOM   351  C CA  . ASP A 1 42  ? -0.601  -17.226 13.695  1.00 16.65 ? 48  ASP B CA  1 
ATOM   352  C C   . ASP A 1 42  ? 0.900   -17.062 13.893  1.00 18.23 ? 48  ASP B C   1 
ATOM   353  O O   . ASP A 1 42  ? 1.639   -18.060 14.111  1.00 18.63 ? 48  ASP B O   1 
ATOM   354  C CB  . ASP A 1 42  ? -1.414  -16.865 14.925  1.00 18.74 ? 48  ASP B CB  1 
ATOM   355  C CG  . ASP A 1 42  ? -1.314  -15.388 15.202  1.00 23.01 ? 48  ASP B CG  1 
ATOM   356  O OD1 . ASP A 1 42  ? -1.373  -14.548 14.215  1.00 18.03 ? 48  ASP B OD1 1 
ATOM   357  O OD2 . ASP A 1 42  ? -1.016  -15.105 16.400  1.00 30.74 ? 48  ASP B OD2 1 
ATOM   358  N N   . ASN A 1 43  ? 1.377   -15.816 13.768  1.00 16.18 ? 49  ASN B N   1 
ATOM   359  C CA  . ASN A 1 43  ? 2.798   -15.484 14.001  1.00 17.51 ? 49  ASN B CA  1 
ATOM   360  C C   . ASN A 1 43  ? 2.870   -13.993 14.296  1.00 18.20 ? 49  ASN B C   1 
ATOM   361  O O   . ASN A 1 43  ? 1.846   -13.278 14.172  1.00 18.08 ? 49  ASN B O   1 
ATOM   362  C CB  . ASN A 1 43  ? 3.638   -15.942 12.834  1.00 16.70 ? 49  ASN B CB  1 
ATOM   363  C CG  . ASN A 1 43  ? 3.437   -15.091 11.600  1.00 17.15 ? 49  ASN B CG  1 
ATOM   364  O OD1 . ASN A 1 43  ? 3.469   -13.860 11.695  1.00 17.93 ? 49  ASN B OD1 1 
ATOM   365  N ND2 . ASN A 1 43  ? 3.213   -15.671 10.470  1.00 15.54 ? 49  ASN B ND2 1 
ATOM   366  N N   . LYS A 1 44  ? 4.008   -13.553 14.810  1.00 18.71 ? 50  LYS B N   1 
ATOM   367  C CA  . LYS A 1 44  ? 4.128   -12.168 15.325  1.00 19.25 ? 50  LYS B CA  1 
ATOM   368  C C   . LYS A 1 44  ? 4.168   -11.166 14.155  1.00 16.35 ? 50  LYS B C   1 
ATOM   369  O O   . LYS A 1 44  ? 3.932   -9.992  14.429  1.00 17.84 ? 50  LYS B O   1 
ATOM   370  C CB  . LYS A 1 44  ? 5.402   -12.011 16.164  1.00 22.90 ? 50  LYS B CB  1 
ATOM   371  C CG  . LYS A 1 44  ? 6.687   -12.206 15.392  1.00 26.01 ? 50  LYS B CG  1 
ATOM   372  C CD  . LYS A 1 44  ? 7.928   -11.862 16.204  1.00 34.18 ? 50  LYS B CD  1 
ATOM   373  C CE  . LYS A 1 44  ? 9.195   -12.054 15.408  1.00 39.36 ? 50  LYS B CE  1 
ATOM   374  N NZ  . LYS A 1 44  ? 10.380  -11.950 16.293  1.00 44.77 ? 50  LYS B NZ  1 
ATOM   375  N N   . GLU A 1 45  ? 4.415   -11.620 12.943  1.00 15.65 ? 51  GLU B N   1 
ATOM   376  C CA  . GLU A 1 45  ? 4.457   -10.714 11.754  1.00 15.46 ? 51  GLU B CA  1 
ATOM   377  C C   . GLU A 1 45  ? 3.048   -10.347 11.258  1.00 14.89 ? 51  GLU B C   1 
ATOM   378  O O   . GLU A 1 45  ? 2.907   -9.298  10.563  1.00 15.66 ? 51  GLU B O   1 
ATOM   379  C CB  . GLU A 1 45  ? 5.239   -11.334 10.619  1.00 17.64 ? 51  GLU B CB  1 
ATOM   380  C CG  . GLU A 1 45  ? 6.686   -11.697 10.941  1.00 22.43 ? 51  GLU B CG  1 
ATOM   381  C CD  . GLU A 1 45  ? 7.346   -12.349 9.736   1.00 30.46 ? 51  GLU B CD  1 
ATOM   382  O OE1 . GLU A 1 45  ? 7.694   -13.557 9.820   1.00 40.19 ? 51  GLU B OE1 1 
ATOM   383  O OE2 . GLU A 1 45  ? 7.480   -11.686 8.684   1.00 35.08 ? 51  GLU B OE2 1 
ATOM   384  N N   . ARG A 1 46  ? 2.025   -11.184 11.445  1.00 13.48 ? 52  ARG B N   1 
ATOM   385  C CA  . ARG A 1 46  ? 0.722   -10.945 10.771  1.00 12.37 ? 52  ARG B CA  1 
ATOM   386  C C   . ARG A 1 46  ? 0.016   -9.726  11.304  1.00 12.65 ? 52  ARG B C   1 
ATOM   387  O O   . ARG A 1 46  ? -0.130  -9.537  12.506  1.00 13.45 ? 52  ARG B O   1 
ATOM   388  C CB  . ARG A 1 46  ? -0.213  -12.142 10.969  1.00 11.98 ? 52  ARG B CB  1 
ATOM   389  C CG  . ARG A 1 46  ? 0.286   -13.426 10.360  1.00 13.80 ? 52  ARG B CG  1 
ATOM   390  C CD  . ARG A 1 46  ? -0.884  -14.433 10.163  1.00 13.18 ? 52  ARG B CD  1 
ATOM   391  N NE  . ARG A 1 46  ? -0.382  -15.693 9.681   1.00 14.75 ? 52  ARG B NE  1 
ATOM   392  C CZ  . ARG A 1 46  ? 0.064   -15.928 8.459   1.00 14.31 ? 52  ARG B CZ  1 
ATOM   393  N NH1 . ARG A 1 46  ? -0.086  -15.036 7.480   1.00 13.17 ? 52  ARG B NH1 1 
ATOM   394  N NH2 . ARG A 1 46  ? 0.648   -17.090 8.162   1.00 16.40 ? 52  ARG B NH2 1 
ATOM   395  N N   . PHE A 1 47  ? -0.497  -8.893  10.425  1.00 11.58 ? 53  PHE B N   1 
ATOM   396  C CA  . PHE A 1 47  ? -1.403  -7.809  10.825  1.00 11.63 ? 53  PHE B CA  1 
ATOM   397  C C   . PHE A 1 47  ? -2.696  -8.429  11.374  1.00 13.07 ? 53  PHE B C   1 
ATOM   398  O O   . PHE A 1 47  ? -3.377  -9.155  10.642  1.00 12.98 ? 53  PHE B O   1 
ATOM   399  C CB  . PHE A 1 47  ? -1.717  -6.881  9.670   1.00 10.69 ? 53  PHE B CB  1 
ATOM   400  C CG  . PHE A 1 47  ? -0.543  -6.002  9.325   1.00 10.56 ? 53  PHE B CG  1 
ATOM   401  C CD1 . PHE A 1 47  ? -0.290  -4.857  10.057  1.00 10.98 ? 53  PHE B CD1 1 
ATOM   402  C CD2 . PHE A 1 47  ? 0.265   -6.268  8.234   1.00 11.08 ? 53  PHE B CD2 1 
ATOM   403  C CE1 . PHE A 1 47  ? 0.769   -4.011  9.740   1.00 11.70 ? 53  PHE B CE1 1 
ATOM   404  C CE2 . PHE A 1 47  ? 1.336   -5.410  7.912   1.00 11.58 ? 53  PHE B CE2 1 
ATOM   405  C CZ  . PHE A 1 47  ? 1.562   -4.290  8.682   1.00 10.56 ? 53  PHE B CZ  1 
ATOM   406  N N   . SER A 1 48  ? -3.074  -8.144  12.600  1.00 13.64 ? 54  SER B N   1 
ATOM   407  C CA  . SER A 1 48  ? -4.222  -8.838  13.269  1.00 14.05 ? 54  SER B CA  1 
ATOM   408  C C   . SER A 1 48  ? -5.521  -8.104  13.024  1.00 14.22 ? 54  SER B C   1 
ATOM   409  O O   . SER A 1 48  ? -6.591  -8.801  12.873  1.00 16.68 ? 54  SER B O   1 
ATOM   410  C CB  . SER A 1 48  ? -3.928  -8.991  14.765  1.00 15.28 ? 54  SER B CB  1 
ATOM   411  O OG  . SER A 1 48  ? -3.793  -7.743  15.411  1.00 15.27 ? 54  SER B OG  1 
ATOM   412  N N   . ASN A 1 49  ? -5.577  -6.805  13.021  1.00 13.37 ? 55  ASN B N   1 
ATOM   413  C CA  . ASN A 1 49  ? -6.852  -6.069  13.128  1.00 14.91 ? 55  ASN B CA  1 
ATOM   414  C C   . ASN A 1 49  ? -7.390  -5.632  11.763  1.00 13.43 ? 55  ASN B C   1 
ATOM   415  O O   . ASN A 1 49  ? -8.537  -5.184  11.690  1.00 15.10 ? 55  ASN B O   1 
ATOM   416  C CB  . ASN A 1 49  ? -6.732  -4.813  13.990  1.00 16.47 ? 55  ASN B CB  1 
ATOM   417  C CG  . ASN A 1 49  ? -6.633  -5.096  15.483  1.00 18.25 ? 55  ASN B CG  1 
ATOM   418  O OD1 . ASN A 1 49  ? -5.867  -5.952  15.898  1.00 20.33 ? 55  ASN B OD1 1 
ATOM   419  N ND2 . ASN A 1 49  ? -7.387  -4.335  16.273  1.00 21.95 ? 55  ASN B ND2 1 
ATOM   420  N N   . TYR A 1 50  ? -6.553  -5.643  10.715  1.00 11.92 ? 56  TYR B N   1 
ATOM   421  C CA  . TYR A 1 50  ? -6.937  -5.067  9.401   1.00 11.38 ? 56  TYR B CA  1 
ATOM   422  C C   . TYR A 1 50  ? -6.454  -5.989  8.296   1.00 10.06 ? 56  TYR B C   1 
ATOM   423  O O   . TYR A 1 50  ? -5.495  -6.716  8.482   1.00 10.59 ? 56  TYR B O   1 
ATOM   424  C CB  . TYR A 1 50  ? -6.275  -3.697  9.237   1.00 11.58 ? 56  TYR B CB  1 
ATOM   425  C CG  . TYR A 1 50  ? -6.387  -2.765  10.427  1.00 12.34 ? 56  TYR B CG  1 
ATOM   426  C CD1 . TYR A 1 50  ? -7.594  -2.135  10.704  1.00 14.54 ? 56  TYR B CD1 1 
ATOM   427  C CD2 . TYR A 1 50  ? -5.334  -2.498  11.284  1.00 13.26 ? 56  TYR B CD2 1 
ATOM   428  C CE1 . TYR A 1 50  ? -7.726  -1.243  11.771  1.00 16.12 ? 56  TYR B CE1 1 
ATOM   429  C CE2 . TYR A 1 50  ? -5.472  -1.685  12.397  1.00 13.50 ? 56  TYR B CE2 1 
ATOM   430  C CZ  . TYR A 1 50  ? -6.667  -1.035  12.626  1.00 14.38 ? 56  TYR B CZ  1 
ATOM   431  O OH  . TYR A 1 50  ? -6.720  -0.187  13.708  1.00 16.00 ? 56  TYR B OH  1 
ATOM   432  N N   . PRO A 1 51  ? -7.053  -5.897  7.089   1.00 10.40 ? 57  PRO B N   1 
ATOM   433  C CA  . PRO A 1 51  ? -6.701  -6.786  5.978   1.00 10.36 ? 57  PRO B CA  1 
ATOM   434  C C   . PRO A 1 51  ? -5.437  -6.339  5.200   1.00 9.25  ? 57  PRO B C   1 
ATOM   435  O O   . PRO A 1 51  ? -5.460  -6.097  4.001   1.00 9.58  ? 57  PRO B O   1 
ATOM   436  C CB  . PRO A 1 51  ? -7.974  -6.780  5.070   1.00 12.32 ? 57  PRO B CB  1 
ATOM   437  C CG  . PRO A 1 51  ? -9.015  -6.009  5.831   1.00 13.95 ? 57  PRO B CG  1 
ATOM   438  C CD  . PRO A 1 51  ? -8.264  -5.129  6.789   1.00 11.29 ? 57  PRO B CD  1 
ATOM   439  N N   . MET A 1 52  ? -4.322  -6.297  5.943   1.00 9.36  ? 58  MET B N   1 
ATOM   440  C CA  . MET A 1 52  ? -3.039  -5.729  5.488   1.00 8.53  ? 58  MET B CA  1 
ATOM   441  C C   . MET A 1 52  ? -2.031  -6.819  5.232   1.00 8.77  ? 58  MET B C   1 
ATOM   442  O O   . MET A 1 52  ? -2.038  -7.945  5.795   1.00 9.80  ? 58  MET B O   1 
ATOM   443  C CB  . MET A 1 52  ? -2.497  -4.768  6.535   1.00 9.12  ? 58  MET B CB  1 
ATOM   444  C CG  . MET A 1 52  ? -3.311  -3.531  6.693   1.00 9.03  ? 58  MET B CG  1 
ATOM   445  S SD  . MET A 1 52  ? -2.855  -2.640  8.212   1.00 10.76 ? 58  MET B SD  1 
ATOM   446  C CE  . MET A 1 52  ? -3.943  -1.222  8.176   1.00 11.72 ? 58  MET B CE  1 
ATOM   447  N N   . VAL A 1 53  ? -1.081  -6.503  4.340   1.00 8.90  ? 59  VAL B N   1 
ATOM   448  C CA  . VAL A 1 53  ? 0.051   -7.387  3.959   1.00 9.60  ? 59  VAL B CA  1 
ATOM   449  C C   . VAL A 1 53  ? 1.204   -6.490  3.487   1.00 9.87  ? 59  VAL B C   1 
ATOM   450  O O   . VAL A 1 53  ? 0.952   -5.389  2.946   1.00 9.85  ? 59  VAL B O   1 
ATOM   451  C CB  . VAL A 1 53  ? -0.362  -8.430  2.898   1.00 9.75  ? 59  VAL B CB  1 
ATOM   452  C CG1 . VAL A 1 53  ? -0.851  -7.789  1.624   1.00 10.28 ? 59  VAL B CG1 1 
ATOM   453  C CG2 . VAL A 1 53  ? 0.742   -9.441  2.623   1.00 10.18 ? 59  VAL B CG2 1 
ATOM   454  N N   . LEU A 1 54  ? 2.423   -6.970  3.636   1.00 9.12  ? 60  LEU B N   1 
ATOM   455  C CA  . LEU A 1 54  ? 3.632   -6.258  3.159   1.00 9.12  ? 60  LEU B CA  1 
ATOM   456  C C   . LEU A 1 54  ? 4.200   -6.915  1.931   1.00 10.26 ? 60  LEU B C   1 
ATOM   457  O O   . LEU A 1 54  ? 4.109   -8.186  1.724   1.00 11.38 ? 60  LEU B O   1 
ATOM   458  C CB  . LEU A 1 54  ? 4.727   -6.205  4.219   1.00 10.36 ? 60  LEU B CB  1 
ATOM   459  C CG  . LEU A 1 54  ? 4.310   -5.606  5.531   1.00 10.45 ? 60  LEU B CG  1 
ATOM   460  C CD1 . LEU A 1 54  ? 5.469   -5.483  6.517   1.00 12.22 ? 60  LEU B CD1 1 
ATOM   461  C CD2 . LEU A 1 54  ? 3.652   -4.249  5.360   1.00 10.68 ? 60  LEU B CD2 1 
ATOM   462  N N   . GLY A 1 55  ? 4.886   -6.129  1.097   1.00 9.94  ? 61  GLY B N   1 
ATOM   463  C CA  . GLY A 1 55  ? 5.806   -6.695  0.085   1.00 10.22 ? 61  GLY B CA  1 
ATOM   464  C C   . GLY A 1 55  ? 7.019   -7.358  0.753   1.00 10.33 ? 61  GLY B C   1 
ATOM   465  O O   . GLY A 1 55  ? 7.410   -6.988  1.823   1.00 11.07 ? 61  GLY B O   1 
ATOM   466  N N   . ALA A 1 56  ? 7.604   -8.335  0.066   1.00 12.06 ? 62  ALA B N   1 
ATOM   467  C CA  . ALA A 1 56  ? 8.815   -9.041  0.548   1.00 13.37 ? 62  ALA B CA  1 
ATOM   468  C C   . ALA A 1 56  ? 10.053  -8.145  0.463   1.00 13.69 ? 62  ALA B C   1 
ATOM   469  O O   . ALA A 1 56  ? 10.963  -8.276  1.295   1.00 16.76 ? 62  ALA B O   1 
ATOM   470  C CB  . ALA A 1 56  ? 9.018   -10.278 -0.262  1.00 14.69 ? 62  ALA B CB  1 
ATOM   471  N N   . GLN A 1 57  ? 10.082  -7.274  -0.516  1.00 12.88 ? 63  GLN B N   1 
ATOM   472  C CA  . GLN A 1 57  ? 11.286  -6.439  -0.768  1.00 13.28 ? 63  GLN B CA  1 
ATOM   473  C C   . GLN A 1 57  ? 11.486  -5.421  0.354   1.00 13.71 ? 63  GLN B C   1 
ATOM   474  O O   . GLN A 1 57  ? 10.514  -4.840  0.915   1.00 13.89 ? 63  GLN B O   1 
ATOM   475  C CB  . GLN A 1 57  ? 11.142  -5.742  -2.120  1.00 15.43 ? 63  GLN B CB  1 
ATOM   476  C CG  . GLN A 1 57  ? 11.234  -6.684  -3.304  1.00 17.56 ? 63  GLN B CG  1 
ATOM   477  C CD  . GLN A 1 57  ? 10.023  -7.589  -3.459  1.00 17.23 ? 63  GLN B CD  1 
ATOM   478  O OE1 . GLN A 1 57  ? 8.893   -7.177  -3.199  1.00 16.22 ? 63  GLN B OE1 1 
ATOM   479  N NE2 . GLN A 1 57  ? 10.214  -8.806  -3.903  1.00 19.26 ? 63  GLN B NE2 1 
ATOM   480  N N   . ARG A 1 58  ? 12.742  -5.181  0.742   1.00 14.41 ? 64  ARG B N   1 
ATOM   481  C CA  . ARG A 1 58  ? 13.143  -4.143  1.694   1.00 13.76 ? 64  ARG B CA  1 
ATOM   482  C C   . ARG A 1 58  ? 14.016  -3.124  0.987   1.00 12.99 ? 64  ARG B C   1 
ATOM   483  O O   . ARG A 1 58  ? 14.919  -3.535  0.238   1.00 16.35 ? 64  ARG B O   1 
ATOM   484  C CB  . ARG A 1 58  ? 14.003  -4.707  2.850   1.00 17.60 ? 64  ARG B CB  1 
ATOM   485  C CG  . ARG A 1 58  ? 13.289  -5.400  4.012   1.00 25.61 ? 64  ARG B CG  1 
ATOM   486  C CD  . ARG A 1 58  ? 12.223  -6.340  3.504   1.00 25.00 ? 64  ARG B CD  1 
ATOM   487  N NE  . ARG A 1 58  ? 11.833  -7.681  3.954   1.00 29.67 ? 64  ARG B NE  1 
ATOM   488  C CZ  . ARG A 1 58  ? 11.979  -8.207  5.161   1.00 27.00 ? 64  ARG B CZ  1 
ATOM   489  N NH1 . ARG A 1 58  ? 11.546  -9.441  5.385   1.00 30.89 ? 64  ARG B NH1 1 
ATOM   490  N NH2 . ARG A 1 58  ? 12.599  -7.544  6.109   1.00 30.98 ? 64  ARG B NH2 1 
ATOM   491  N N   . PHE A 1 59  ? 13.744  -1.861  1.174   1.00 11.88 ? 65  PHE B N   1 
ATOM   492  C CA  . PHE A 1 59  ? 14.525  -0.789  0.516   1.00 12.67 ? 65  PHE B CA  1 
ATOM   493  C C   . PHE A 1 59  ? 15.151  0.096   1.564   1.00 11.59 ? 65  PHE B C   1 
ATOM   494  O O   . PHE A 1 59  ? 14.512  0.573   2.471   1.00 11.83 ? 65  PHE B O   1 
ATOM   495  C CB  . PHE A 1 59  ? 13.591  0.049   -0.374  1.00 14.50 ? 65  PHE B CB  1 
ATOM   496  C CG  . PHE A 1 59  ? 12.847  -0.762  -1.425  1.00 16.30 ? 65  PHE B CG  1 
ATOM   497  C CD1 . PHE A 1 59  ? 13.589  -1.548  -2.289  1.00 18.74 ? 65  PHE B CD1 1 
ATOM   498  C CD2 . PHE A 1 59  ? 11.470  -0.815  -1.513  1.00 22.98 ? 65  PHE B CD2 1 
ATOM   499  C CE1 . PHE A 1 59  ? 12.998  -2.330  -3.271  1.00 21.57 ? 65  PHE B CE1 1 
ATOM   500  C CE2 . PHE A 1 59  ? 10.869  -1.574  -2.534  1.00 18.51 ? 65  PHE B CE2 1 
ATOM   501  C CZ  . PHE A 1 59  ? 11.640  -2.360  -3.342  1.00 20.51 ? 65  PHE B CZ  1 
ATOM   502  N N   A SER A 1 60  ? 16.459  0.350   1.415   0.25 12.01 ? 66  SER B N   1 
ATOM   503  N N   B SER A 1 60  ? 16.458  0.343   1.402   0.25 11.89 ? 66  SER B N   1 
ATOM   504  C CA  A SER A 1 60  ? 17.229  1.209   2.355   0.25 12.66 ? 66  SER B CA  1 
ATOM   505  C CA  B SER A 1 60  ? 17.264  1.219   2.292   0.25 12.39 ? 66  SER B CA  1 
ATOM   506  C C   A SER A 1 60  ? 18.025  2.306   1.627   0.25 12.62 ? 66  SER B C   1 
ATOM   507  C C   B SER A 1 60  ? 18.098  2.215   1.491   0.25 12.62 ? 66  SER B C   1 
ATOM   508  O O   A SER A 1 60  ? 18.668  3.119   2.336   0.25 12.33 ? 66  SER B O   1 
ATOM   509  O O   B SER A 1 60  ? 19.021  2.803   2.058   0.25 11.41 ? 66  SER B O   1 
ATOM   510  C CB  A SER A 1 60  ? 18.090  0.357   3.279   0.25 13.11 ? 66  SER B CB  1 
ATOM   511  C CB  B SER A 1 60  ? 18.170  0.405   3.155   0.25 12.78 ? 66  SER B CB  1 
ATOM   512  O OG  A SER A 1 60  ? 17.278  -0.287  4.278   0.25 13.88 ? 66  SER B OG  1 
ATOM   513  O OG  B SER A 1 60  ? 18.987  -0.379  2.327   0.25 13.71 ? 66  SER B OG  1 
ATOM   514  N N   A SER A 1 61  ? 17.933  2.359   0.289   0.25 12.10 ? 67  SER B N   1 
ATOM   515  N N   B SER A 1 61  ? 17.827  2.356   0.203   0.25 12.63 ? 67  SER B N   1 
ATOM   516  C CA  A SER A 1 61  ? 18.611  3.354   -0.593  0.25 12.51 ? 67  SER B CA  1 
ATOM   517  C CA  B SER A 1 61  ? 18.614  3.259   -0.665  0.25 13.81 ? 67  SER B CA  1 
ATOM   518  C C   A SER A 1 61  ? 17.873  3.438   -1.935  0.25 13.17 ? 67  SER B C   1 
ATOM   519  C C   B SER A 1 61  ? 17.945  3.343   -2.029  0.25 13.81 ? 67  SER B C   1 
ATOM   520  O O   A SER A 1 61  ? 17.028  2.586   -2.191  0.25 13.71 ? 67  SER B O   1 
ATOM   521  O O   B SER A 1 61  ? 17.246  2.382   -2.400  0.25 13.88 ? 67  SER B O   1 
ATOM   522  C CB  A SER A 1 61  ? 20.072  2.977   -0.840  0.25 12.91 ? 67  SER B CB  1 
ATOM   523  C CB  B SER A 1 61  ? 20.036  2.746   -0.803  0.25 14.88 ? 67  SER B CB  1 
ATOM   524  O OG  A SER A 1 61  ? 20.171  1.803   -1.636  0.25 13.88 ? 67  SER B OG  1 
ATOM   525  O OG  B SER A 1 61  ? 20.857  3.715   -1.425  0.25 17.95 ? 67  SER B OG  1 
ATOM   526  N N   . GLY A 1 62  ? 18.238  4.403   -2.772  1.00 14.14 ? 68  GLY B N   1 
ATOM   527  C CA  . GLY A 1 62  ? 17.849  4.408   -4.185  1.00 15.40 ? 68  GLY B CA  1 
ATOM   528  C C   . GLY A 1 62  ? 16.441  4.919   -4.457  1.00 12.51 ? 68  GLY B C   1 
ATOM   529  O O   . GLY A 1 62  ? 15.773  5.435   -3.559  1.00 13.74 ? 68  GLY B O   1 
ATOM   530  N N   . LYS A 1 63  ? 16.091  4.749   -5.709  1.00 12.37 ? 69  LYS B N   1 
ATOM   531  C CA  . LYS A 1 63  ? 14.803  5.175   -6.258  1.00 12.90 ? 69  LYS B CA  1 
ATOM   532  C C   . LYS A 1 63  ? 14.092  3.908   -6.690  1.00 12.46 ? 69  LYS B C   1 
ATOM   533  O O   . LYS A 1 63  ? 14.659  3.086   -7.391  1.00 14.23 ? 69  LYS B O   1 
ATOM   534  C CB  . LYS A 1 63  ? 15.044  6.149   -7.403  1.00 14.13 ? 69  LYS B CB  1 
ATOM   535  C CG  . LYS A 1 63  ? 15.667  7.466   -6.984  1.00 14.58 ? 69  LYS B CG  1 
ATOM   536  C CD  . LYS A 1 63  ? 15.941  8.397   -8.190  1.00 16.95 ? 69  LYS B CD  1 
ATOM   537  C CE  . LYS A 1 63  ? 16.522  9.730   -7.783  1.00 19.72 ? 69  LYS B CE  1 
ATOM   538  N NZ  . LYS A 1 63  ? 16.794  10.589  -8.969  1.00 22.06 ? 69  LYS B NZ  1 
ATOM   539  N N   . MET A 1 64  ? 12.809  3.792   -6.358  1.00 11.88 ? 70  MET B N   1 
ATOM   540  C CA  . MET A 1 64  ? 11.975  2.597   -6.627  1.00 11.78 ? 70  MET B CA  1 
ATOM   541  C C   . MET A 1 64  ? 10.616  3.049   -7.140  1.00 11.10 ? 70  MET B C   1 
ATOM   542  O O   . MET A 1 64  ? 10.094  4.055   -6.651  1.00 12.01 ? 70  MET B O   1 
ATOM   543  C CB  . MET A 1 64  ? 11.709  1.797   -5.359  1.00 11.95 ? 70  MET B CB  1 
ATOM   544  C CG  . MET A 1 64  ? 12.897  1.028   -4.801  1.00 13.07 ? 70  MET B CG  1 
ATOM   545  S SD  . MET A 1 64  ? 14.292  1.904   -4.093  1.00 14.80 ? 70  MET B SD  1 
ATOM   546  C CE  . MET A 1 64  ? 13.542  2.930   -2.861  1.00 14.97 ? 70  MET B CE  1 
ATOM   547  N N   . TYR A 1 65  ? 10.021  2.321   -8.058  1.00 11.50 ? 71  TYR B N   1 
ATOM   548  C CA  . TYR A 1 65  ? 8.682   2.635   -8.631  1.00 11.34 ? 71  TYR B CA  1 
ATOM   549  C C   . TYR A 1 65  ? 7.928   1.332   -8.824  1.00 12.07 ? 71  TYR B C   1 
ATOM   550  O O   . TYR A 1 65  ? 8.520   0.341   -9.355  1.00 12.56 ? 71  TYR B O   1 
ATOM   551  C CB  . TYR A 1 65  ? 8.825   3.383   -9.964  1.00 12.51 ? 71  TYR B CB  1 
ATOM   552  C CG  . TYR A 1 65  ? 7.523   3.733   -10.643 1.00 12.24 ? 71  TYR B CG  1 
ATOM   553  C CD1 . TYR A 1 65  ? 6.738   4.777   -10.176 1.00 12.26 ? 71  TYR B CD1 1 
ATOM   554  C CD2 . TYR A 1 65  ? 7.038   2.969   -11.702 1.00 12.87 ? 71  TYR B CD2 1 
ATOM   555  C CE1 . TYR A 1 65  ? 5.506   5.073   -10.763 1.00 13.21 ? 71  TYR B CE1 1 
ATOM   556  C CE2 . TYR A 1 65  ? 5.811   3.252   -12.283 1.00 12.71 ? 71  TYR B CE2 1 
ATOM   557  C CZ  . TYR A 1 65  ? 5.060   4.308   -11.836 1.00 12.78 ? 71  TYR B CZ  1 
ATOM   558  O OH  . TYR A 1 65  ? 3.845   4.577   -12.398 1.00 14.06 ? 71  TYR B OH  1 
ATOM   559  N N   . TRP A 1 66  ? 6.649   1.314   -8.475  1.00 10.47 ? 72  TRP B N   1 
ATOM   560  C CA  . TRP A 1 66  ? 5.772   0.176   -8.846  1.00 11.18 ? 72  TRP B CA  1 
ATOM   561  C C   . TRP A 1 66  ? 4.347   0.682   -9.039  1.00 11.17 ? 72  TRP B C   1 
ATOM   562  O O   . TRP A 1 66  ? 4.024   1.805   -8.669  1.00 11.64 ? 72  TRP B O   1 
ATOM   563  C CB  . TRP A 1 66  ? 5.883   -0.979  -7.824  1.00 10.57 ? 72  TRP B CB  1 
ATOM   564  C CG  . TRP A 1 66  ? 5.454   -0.666  -6.434  1.00 10.46 ? 72  TRP B CG  1 
ATOM   565  C CD1 . TRP A 1 66  ? 4.236   -0.940  -5.861  1.00 10.18 ? 72  TRP B CD1 1 
ATOM   566  C CD2 . TRP A 1 66  ? 6.207   -0.056  -5.388  1.00 10.98 ? 72  TRP B CD2 1 
ATOM   567  N NE1 . TRP A 1 66  ? 4.203   -0.569  -4.549  1.00 10.75 ? 72  TRP B NE1 1 
ATOM   568  C CE2 . TRP A 1 66  ? 5.418   -0.008  -4.225  1.00 11.01 ? 72  TRP B CE2 1 
ATOM   569  C CE3 . TRP A 1 66  ? 7.528   0.419   -5.301  1.00 12.71 ? 72  TRP B CE3 1 
ATOM   570  C CZ2 . TRP A 1 66  ? 5.864   0.515   -3.018  1.00 11.38 ? 72  TRP B CZ2 1 
ATOM   571  C CZ3 . TRP A 1 66  ? 7.985   0.948   -4.108  1.00 14.65 ? 72  TRP B CZ3 1 
ATOM   572  C CH2 . TRP A 1 66  ? 7.163   1.012   -2.986  1.00 13.09 ? 72  TRP B CH2 1 
ATOM   573  N N   . GLU A 1 67  ? 3.512   -0.185  -9.605  1.00 10.95 ? 73  GLU B N   1 
ATOM   574  C CA  . GLU A 1 67  ? 2.095   0.132   -9.892  1.00 10.44 ? 73  GLU B CA  1 
ATOM   575  C C   . GLU A 1 67  ? 1.156   -0.934  -9.331  1.00 10.09 ? 73  GLU B C   1 
ATOM   576  O O   . GLU A 1 67  ? 1.499   -2.100  -9.315  1.00 10.65 ? 73  GLU B O   1 
ATOM   577  C CB  . GLU A 1 67  ? 1.857   0.294   -11.394 1.00 12.43 ? 73  GLU B CB  1 
ATOM   578  C CG  . GLU A 1 67  ? 2.568   1.518   -11.968 1.00 14.92 ? 73  GLU B CG  1 
ATOM   579  C CD  . GLU A 1 67  ? 2.405   1.775   -13.451 1.00 16.94 ? 73  GLU B CD  1 
ATOM   580  O OE1 . GLU A 1 67  ? 1.727   0.947   -14.128 1.00 22.17 ? 73  GLU B OE1 1 
ATOM   581  O OE2 . GLU A 1 67  ? 2.941   2.824   -13.953 1.00 16.28 ? 73  GLU B OE2 1 
ATOM   582  N N   . VAL A 1 68  ? 0.004   -0.462  -8.895  1.00 10.13 ? 74  VAL B N   1 
ATOM   583  C CA  . VAL A 1 68  ? -1.001  -1.341  -8.282  1.00 9.93  ? 74  VAL B CA  1 
ATOM   584  C C   . VAL A 1 68  ? -2.342  -1.061  -8.933  1.00 10.16 ? 74  VAL B C   1 
ATOM   585  O O   . VAL A 1 68  ? -2.790  0.090   -9.035  1.00 11.56 ? 74  VAL B O   1 
ATOM   586  C CB  . VAL A 1 68  ? -1.104  -1.110  -6.765  1.00 9.92  ? 74  VAL B CB  1 
ATOM   587  C CG1 . VAL A 1 68  ? -2.050  -2.113  -6.162  1.00 11.34 ? 74  VAL B CG1 1 
ATOM   588  C CG2 . VAL A 1 68  ? 0.258   -1.125  -6.102  1.00 10.83 ? 74  VAL B CG2 1 
ATOM   589  N N   . ASP A 1 69  ? -3.035  -2.141  -9.316  1.00 10.56 ? 75  ASP B N   1 
ATOM   590  C CA  . ASP A 1 69  ? -4.397  -2.114  -9.884  1.00 11.40 ? 75  ASP B CA  1 
ATOM   591  C C   . ASP A 1 69  ? -5.402  -2.135  -8.745  1.00 10.21 ? 75  ASP B C   1 
ATOM   592  O O   . ASP A 1 69  ? -5.330  -3.074  -7.879  1.00 10.74 ? 75  ASP B O   1 
ATOM   593  C CB  . ASP A 1 69  ? -4.627  -3.285  -10.855 1.00 13.04 ? 75  ASP B CB  1 
ATOM   594  C CG  . ASP A 1 69  ? -5.858  -3.088  -11.720 1.00 14.95 ? 75  ASP B CG  1 
ATOM   595  O OD1 . ASP A 1 69  ? -6.921  -2.966  -11.192 1.00 14.93 ? 75  ASP B OD1 1 
ATOM   596  O OD2 . ASP A 1 69  ? -5.694  -2.810  -12.930 1.00 19.15 ? 75  ASP B OD2 1 
ATOM   597  N N   . VAL A 1 70  ? -6.323  -1.171  -8.727  1.00 10.23 ? 76  VAL B N   1 
ATOM   598  C CA  . VAL A 1 70  ? -7.388  -1.009  -7.691  1.00 10.94 ? 76  VAL B CA  1 
ATOM   599  C C   . VAL A 1 70  ? -8.806  -1.052  -8.311  1.00 11.08 ? 76  VAL B C   1 
ATOM   600  O O   . VAL A 1 70  ? -9.768  -0.609  -7.682  1.00 11.78 ? 76  VAL B O   1 
ATOM   601  C CB  . VAL A 1 70  ? -7.156  0.299   -6.888  1.00 10.33 ? 76  VAL B CB  1 
ATOM   602  C CG1 . VAL A 1 70  ? -5.803  0.299   -6.127  1.00 10.33 ? 76  VAL B CG1 1 
ATOM   603  C CG2 . VAL A 1 70  ? -7.256  1.556   -7.728  1.00 10.88 ? 76  VAL B CG2 1 
ATOM   604  N N   . THR A 1 71  ? -8.910  -1.546  -9.535  1.00 11.53 ? 77  THR B N   1 
ATOM   605  C CA  . THR A 1 71  ? -10.182 -1.564  -10.299 1.00 12.71 ? 77  THR B CA  1 
ATOM   606  C C   . THR A 1 71  ? -11.320 -2.122  -9.429  1.00 12.51 ? 77  THR B C   1 
ATOM   607  O O   . THR A 1 71  ? -11.202 -3.197  -8.844  1.00 13.19 ? 77  THR B O   1 
ATOM   608  C CB  . THR A 1 71  ? -10.037 -2.408  -11.566 1.00 13.22 ? 77  THR B CB  1 
ATOM   609  O OG1 . THR A 1 71  ? -9.026  -1.860  -12.415 1.00 15.27 ? 77  THR B OG1 1 
ATOM   610  C CG2 . THR A 1 71  ? -11.360 -2.502  -12.296 1.00 15.53 ? 77  THR B CG2 1 
ATOM   611  N N   . GLN A 1 72  ? -12.399 -1.350  -9.417  1.00 15.73 ? 78  GLN B N   1 
ATOM   612  C CA  . GLN A 1 72  ? -13.729 -1.654  -8.813  1.00 17.43 ? 78  GLN B CA  1 
ATOM   613  C C   . GLN A 1 72  ? -13.685 -1.831  -7.302  1.00 18.66 ? 78  GLN B C   1 
ATOM   614  O O   . GLN A 1 72  ? -14.703 -2.240  -6.686  1.00 22.61 ? 78  GLN B O   1 
ATOM   615  C CB  . GLN A 1 72  ? -14.375 -2.866  -9.470  1.00 24.17 ? 78  GLN B CB  1 
ATOM   616  C CG  . GLN A 1 72  ? -13.679 -4.196  -9.235  1.00 31.21 ? 78  GLN B CG  1 
ATOM   617  C CD  . GLN A 1 72  ? -14.677 -5.325  -9.104  1.00 35.76 ? 78  GLN B CD  1 
ATOM   618  O OE1 . GLN A 1 72  ? -14.513 -6.392  -9.691  1.00 39.05 ? 78  GLN B OE1 1 
ATOM   619  N NE2 . GLN A 1 72  ? -15.695 -5.103  -8.282  1.00 40.65 ? 78  GLN B NE2 1 
ATOM   620  N N   . LYS A 1 73  ? -12.616 -1.454  -6.630  1.00 13.72 ? 79  LYS B N   1 
ATOM   621  C CA  . LYS A 1 73  ? -12.640 -1.441  -5.171  1.00 11.58 ? 79  LYS B CA  1 
ATOM   622  C C   . LYS A 1 73  ? -13.276 -0.185  -4.584  1.00 10.81 ? 79  LYS B C   1 
ATOM   623  O O   . LYS A 1 73  ? -13.128 0.931   -5.160  1.00 12.71 ? 79  LYS B O   1 
ATOM   624  C CB  . LYS A 1 73  ? -11.222 -1.617  -4.645  1.00 11.56 ? 79  LYS B CB  1 
ATOM   625  C CG  . LYS A 1 73  ? -10.636 -3.023  -4.946  1.00 11.45 ? 79  LYS B CG  1 
ATOM   626  C CD  . LYS A 1 73  ? -9.320  -3.329  -4.276  1.00 12.09 ? 79  LYS B CD  1 
ATOM   627  C CE  . LYS A 1 73  ? -9.435  -3.446  -2.775  1.00 10.94 ? 79  LYS B CE  1 
ATOM   628  N NZ  . LYS A 1 73  ? -10.493 -4.417  -2.336  1.00 10.10 ? 79  LYS B NZ  1 
ATOM   629  N N   . GLU A 1 74  ? -13.935 -0.339  -3.458  1.00 9.96  ? 80  GLU B N   1 
ATOM   630  C CA  . GLU A 1 74  ? -14.563 0.752   -2.708  1.00 10.20 ? 80  GLU B CA  1 
ATOM   631  C C   . GLU A 1 74  ? -13.662 1.276   -1.591  1.00 10.17 ? 80  GLU B C   1 
ATOM   632  O O   . GLU A 1 74  ? -13.913 2.347   -1.054  1.00 10.62 ? 80  GLU B O   1 
ATOM   633  C CB  . GLU A 1 74  ? -15.859 0.253   -2.042  1.00 11.11 ? 80  GLU B CB  1 
ATOM   634  C CG  . GLU A 1 74  ? -16.977 -0.156  -2.986  1.00 12.96 ? 80  GLU B CG  1 
ATOM   635  C CD  . GLU A 1 74  ? -18.185 -0.765  -2.262  1.00 12.92 ? 80  GLU B CD  1 
ATOM   636  O OE1 . GLU A 1 74  ? -19.236 -0.863  -2.917  1.00 16.11 ? 80  GLU B OE1 1 
ATOM   637  O OE2 . GLU A 1 74  ? -18.079 -1.057  -1.056  1.00 14.06 ? 80  GLU B OE2 1 
ATOM   638  N N   . ALA A 1 75  ? -12.668 0.502   -1.141  1.00 9.42  ? 81  ALA B N   1 
ATOM   639  C CA  . ALA A 1 75  ? -11.804 0.910   -0.023  1.00 9.59  ? 81  ALA B CA  1 
ATOM   640  C C   . ALA A 1 75  ? -10.489 0.163   -0.145  1.00 10.03 ? 81  ALA B C   1 
ATOM   641  O O   . ALA A 1 75  ? -10.467 -1.048  -0.482  1.00 10.12 ? 81  ALA B O   1 
ATOM   642  C CB  . ALA A 1 75  ? -12.460 0.579   1.291   1.00 10.55 ? 81  ALA B CB  1 
ATOM   643  N N   . TRP A 1 76  ? -9.387  0.853   0.178   1.00 9.24  ? 82  TRP B N   1 
ATOM   644  C CA  . TRP A 1 76  ? -8.014  0.281   0.163   1.00 8.60  ? 82  TRP B CA  1 
ATOM   645  C C   . TRP A 1 76  ? -7.078  1.336   0.729   1.00 9.13  ? 82  TRP B C   1 
ATOM   646  O O   . TRP A 1 76  ? -7.417  2.540   0.760   1.00 9.46  ? 82  TRP B O   1 
ATOM   647  C CB  . TRP A 1 76  ? -7.575  -0.120  -1.246  1.00 9.53  ? 82  TRP B CB  1 
ATOM   648  C CG  . TRP A 1 76  ? -7.784  0.893   -2.324  1.00 9.73  ? 82  TRP B CG  1 
ATOM   649  C CD1 . TRP A 1 76  ? -8.796  0.938   -3.226  1.00 10.31 ? 82  TRP B CD1 1 
ATOM   650  C CD2 . TRP A 1 76  ? -6.990  2.070   -2.664  1.00 9.57  ? 82  TRP B CD2 1 
ATOM   651  N NE1 . TRP A 1 76  ? -8.691  1.969   -4.094  1.00 9.94  ? 82  TRP B NE1 1 
ATOM   652  C CE2 . TRP A 1 76  ? -7.586  2.719   -3.751  1.00 10.10 ? 82  TRP B CE2 1 
ATOM   653  C CE3 . TRP A 1 76  ? -5.812  2.657   -2.124  1.00 10.49 ? 82  TRP B CE3 1 
ATOM   654  C CZ2 . TRP A 1 76  ? -7.082  3.863   -4.354  1.00 10.22 ? 82  TRP B CZ2 1 
ATOM   655  C CZ3 . TRP A 1 76  ? -5.312  3.818   -2.690  1.00 10.93 ? 82  TRP B CZ3 1 
ATOM   656  C CH2 . TRP A 1 76  ? -5.945  4.398   -3.807  1.00 11.25 ? 82  TRP B CH2 1 
ATOM   657  N N   . ASP A 1 77  ? -5.918  0.878   1.170   1.00 8.88  ? 83  ASP B N   1 
ATOM   658  C CA  . ASP A 1 77  ? -4.768  1.760   1.525   1.00 8.97  ? 83  ASP B CA  1 
ATOM   659  C C   . ASP A 1 77  ? -3.562  1.263   0.736   1.00 8.73  ? 83  ASP B C   1 
ATOM   660  O O   . ASP A 1 77  ? -3.382  0.034   0.628   1.00 9.11  ? 83  ASP B O   1 
ATOM   661  C CB  . ASP A 1 77  ? -4.427  1.733   3.009   1.00 11.05 ? 83  ASP B CB  1 
ATOM   662  C CG  . ASP A 1 77  ? -5.555  1.754   4.022   1.00 13.06 ? 83  ASP B CG  1 
ATOM   663  O OD1 . ASP A 1 77  ? -6.493  2.444   3.748   1.00 17.01 ? 83  ASP B OD1 1 
ATOM   664  O OD2 . ASP A 1 77  ? -5.417  1.084   5.094   1.00 14.79 ? 83  ASP B OD2 1 
ATOM   665  N N   . LEU A 1 78  ? -2.703  2.171   0.281   1.00 8.13  ? 84  LEU B N   1 
ATOM   666  C CA  . LEU A 1 78  ? -1.468  1.817   -0.451  1.00 8.55  ? 84  LEU B CA  1 
ATOM   667  C C   . LEU A 1 78  ? -0.342  2.746   -0.027  1.00 8.19  ? 84  LEU B C   1 
ATOM   668  O O   . LEU A 1 78  ? -0.559  3.934   0.156   1.00 8.46  ? 84  LEU B O   1 
ATOM   669  C CB  . LEU A 1 78  ? -1.661  1.950   -1.955  1.00 8.91  ? 84  LEU B CB  1 
ATOM   670  C CG  . LEU A 1 78  ? -2.524  0.908   -2.656  1.00 10.20 ? 84  LEU B CG  1 
ATOM   671  C CD1 . LEU A 1 78  ? -2.747  1.313   -4.110  1.00 11.12 ? 84  LEU B CD1 1 
ATOM   672  C CD2 . LEU A 1 78  ? -1.920  -0.474  -2.529  1.00 10.59 ? 84  LEU B CD2 1 
ATOM   673  N N   . GLY A 1 79  ? 0.875   2.206   -0.012  1.00 7.64  ? 85  GLY B N   1 
ATOM   674  C CA  . GLY A 1 79  ? 2.073   3.066   0.075   1.00 8.31  ? 85  GLY B CA  1 
ATOM   675  C C   . GLY A 1 79  ? 3.262   2.226   0.497   1.00 7.72  ? 85  GLY B C   1 
ATOM   676  O O   . GLY A 1 79  ? 3.520   1.135   -0.049  1.00 8.28  ? 85  GLY B O   1 
ATOM   677  N N   A VAL A 1 80  ? 4.031   2.786   1.433   0.25 7.90  ? 86  VAL B N   1 
ATOM   678  N N   B VAL A 1 80  ? 3.991   2.732   1.475   0.25 8.34  ? 86  VAL B N   1 
ATOM   679  C CA  A VAL A 1 80  ? 5.182   2.098   2.084   0.25 7.76  ? 86  VAL B CA  1 
ATOM   680  C CA  B VAL A 1 80  ? 5.244   2.084   1.936   0.25 8.43  ? 86  VAL B CA  1 
ATOM   681  C C   A VAL A 1 80  ? 5.096   2.249   3.593   0.25 8.15  ? 86  VAL B C   1 
ATOM   682  C C   B VAL A 1 80  ? 5.295   2.330   3.455   0.25 8.76  ? 86  VAL B C   1 
ATOM   683  O O   A VAL A 1 80  ? 4.420   3.144   4.149   0.25 8.22  ? 86  VAL B O   1 
ATOM   684  O O   B VAL A 1 80  ? 4.755   3.347   3.897   0.25 9.16  ? 86  VAL B O   1 
ATOM   685  C CB  A VAL A 1 80  ? 6.557   2.629   1.634   0.25 7.98  ? 86  VAL B CB  1 
ATOM   686  C CB  B VAL A 1 80  ? 6.422   2.668   1.118   0.25 9.18  ? 86  VAL B CB  1 
ATOM   687  C CG1 A VAL A 1 80  ? 6.764   2.264   0.185   0.25 7.78  ? 86  VAL B CG1 1 
ATOM   688  C CG1 B VAL A 1 80  ? 6.666   4.134   1.454   0.25 9.06  ? 86  VAL B CG1 1 
ATOM   689  C CG2 A VAL A 1 80  ? 6.713   4.129   1.857   0.25 7.93  ? 86  VAL B CG2 1 
ATOM   690  C CG2 B VAL A 1 80  ? 7.680   1.838   1.232   0.25 9.85  ? 86  VAL B CG2 1 
ATOM   691  N N   . CYS A 1 81  ? 5.882   1.416   4.248   1.00 8.77  ? 87  CYS B N   1 
ATOM   692  C CA  . CYS A 1 81  ? 5.983   1.557   5.686   1.00 9.72  ? 87  CYS B CA  1 
ATOM   693  C C   . CYS A 1 81  ? 7.346   1.066   6.176   1.00 9.20  ? 87  CYS B C   1 
ATOM   694  O O   . CYS A 1 81  ? 8.045   0.316   5.475   1.00 9.41  ? 87  CYS B O   1 
ATOM   695  C CB  . CYS A 1 81  ? 4.866   0.790   6.409   1.00 10.75 ? 87  CYS B CB  1 
ATOM   696  S SG  . CYS A 1 81  ? 4.911   -1.009  6.213   1.00 10.72 ? 87  CYS B SG  1 
ATOM   697  N N   A ARG A 1 82  ? 7.701   1.470   7.374   0.25 9.78  ? 88  ARG B N   1 
ATOM   698  N N   B ARG A 1 82  ? 7.727   1.504   7.370   0.25 8.96  ? 88  ARG B N   1 
ATOM   699  C CA  A ARG A 1 82  ? 8.902   0.891   8.006   0.25 10.40 ? 88  ARG B CA  1 
ATOM   700  C CA  B ARG A 1 82  ? 8.951   0.995   8.054   0.25 9.08  ? 88  ARG B CA  1 
ATOM   701  C C   A ARG A 1 82  ? 8.743   -0.614  8.174   0.25 9.87  ? 88  ARG B C   1 
ATOM   702  C C   B ARG A 1 82  ? 8.786   -0.509  8.337   0.25 9.39  ? 88  ARG B C   1 
ATOM   703  O O   A ARG A 1 82  ? 7.652   -1.151  8.404   0.25 9.10  ? 88  ARG B O   1 
ATOM   704  O O   B ARG A 1 82  ? 7.683   -0.927  8.800   0.25 9.53  ? 88  ARG B O   1 
ATOM   705  C CB  A ARG A 1 82  ? 9.113   1.509   9.379   0.25 11.92 ? 88  ARG B CB  1 
ATOM   706  C CB  B ARG A 1 82  ? 9.182   1.778   9.353   0.25 9.20  ? 88  ARG B CB  1 
ATOM   707  C CG  A ARG A 1 82  ? 9.356   2.998   9.272   0.25 13.47 ? 88  ARG B CG  1 
ATOM   708  C CG  B ARG A 1 82  ? 10.594  1.645   9.911   0.25 8.73  ? 88  ARG B CG  1 
ATOM   709  C CD  A ARG A 1 82  ? 9.671   3.571   10.627  0.25 15.05 ? 88  ARG B CD  1 
ATOM   710  C CD  B ARG A 1 82  ? 10.799  2.382   11.220  0.25 9.20  ? 88  ARG B CD  1 
ATOM   711  N NE  A ARG A 1 82  ? 9.821   5.017   10.575  0.25 14.88 ? 88  ARG B NE  1 
ATOM   712  N NE  B ARG A 1 82  ? 10.580  3.790   11.020  0.25 9.09  ? 88  ARG B NE  1 
ATOM   713  C CZ  A ARG A 1 82  ? 9.375   5.834   11.504  0.25 15.84 ? 88  ARG B CZ  1 
ATOM   714  C CZ  B ARG A 1 82  ? 9.661   4.509   11.657  0.25 8.97  ? 88  ARG B CZ  1 
ATOM   715  N NH1 A ARG A 1 82  ? 8.741   5.348   12.552  0.25 16.34 ? 88  ARG B NH1 1 
ATOM   716  N NH1 B ARG A 1 82  ? 8.947   3.996   12.633  0.25 9.81  ? 88  ARG B NH1 1 
ATOM   717  N NH2 A ARG A 1 82  ? 9.568   7.131   11.375  0.25 17.19 ? 88  ARG B NH2 1 
ATOM   718  N NH2 B ARG A 1 82  ? 9.489   5.770   11.315  0.25 8.91  ? 88  ARG B NH2 1 
ATOM   719  N N   . ASP A 1 83  ? 9.863   -1.295  8.147   1.00 10.43 ? 89  ASP B N   1 
ATOM   720  C CA  . ASP A 1 83  ? 9.836   -2.750  8.405   1.00 11.57 ? 89  ASP B CA  1 
ATOM   721  C C   . ASP A 1 83  ? 9.342   -2.976  9.820   1.00 12.18 ? 89  ASP B C   1 
ATOM   722  O O   . ASP A 1 83  ? 8.738   -4.065  10.044  1.00 15.78 ? 89  ASP B O   1 
ATOM   723  C CB  . ASP A 1 83  ? 11.233  -3.336  8.195   1.00 12.75 ? 89  ASP B CB  1 
ATOM   724  C CG  . ASP A 1 83  ? 12.347  -2.826  9.066   1.00 14.75 ? 89  ASP B CG  1 
ATOM   725  O OD1 . ASP A 1 83  ? 12.177  -1.823  9.785   1.00 16.30 ? 89  ASP B OD1 1 
ATOM   726  O OD2 . ASP A 1 83  ? 13.437  -3.485  8.990   1.00 17.83 ? 89  ASP B OD2 1 
ATOM   727  N N   . SER A 1 84  ? 9.549   -2.099  10.781  1.00 11.04 ? 90  SER B N   1 
ATOM   728  C CA  . SER A 1 84  ? 9.220   -2.370  12.193  1.00 13.45 ? 90  SER B CA  1 
ATOM   729  C C   . SER A 1 84  ? 7.884   -1.783  12.662  1.00 11.65 ? 90  SER B C   1 
ATOM   730  O O   . SER A 1 84  ? 7.678   -1.648  13.847  1.00 13.50 ? 90  SER B O   1 
ATOM   731  C CB  . SER A 1 84  ? 10.329  -1.901  13.053  1.00 15.51 ? 90  SER B CB  1 
ATOM   732  O OG  . SER A 1 84  ? 10.530  -0.546  12.864  1.00 15.38 ? 90  SER B OG  1 
ATOM   733  N N   . VAL A 1 85  ? 6.981   -1.461  11.736  1.00 11.08 ? 91  VAL B N   1 
ATOM   734  C CA  . VAL A 1 85  ? 5.645   -0.991  12.157  1.00 11.31 ? 91  VAL B CA  1 
ATOM   735  C C   . VAL A 1 85  ? 4.967   -2.056  13.039  1.00 11.42 ? 91  VAL B C   1 
ATOM   736  O O   . VAL A 1 85  ? 5.143   -3.268  12.843  1.00 12.19 ? 91  VAL B O   1 
ATOM   737  C CB  . VAL A 1 85  ? 4.719   -0.626  10.977  1.00 11.05 ? 91  VAL B CB  1 
ATOM   738  C CG1 . VAL A 1 85  ? 5.253   0.617   10.265  1.00 10.86 ? 91  VAL B CG1 1 
ATOM   739  C CG2 . VAL A 1 85  ? 4.441   -1.765  10.032  1.00 10.87 ? 91  VAL B CG2 1 
ATOM   740  N N   . GLN A 1 86  ? 4.177   -1.555  13.969  1.00 12.49 ? 92  GLN B N   1 
ATOM   741  C CA  . GLN A 1 86  ? 3.238   -2.373  14.789  1.00 13.77 ? 92  GLN B CA  1 
ATOM   742  C C   . GLN A 1 86  ? 2.369   -3.266  13.897  1.00 12.75 ? 92  GLN B C   1 
ATOM   743  O O   . GLN A 1 86  ? 1.836   -2.816  12.907  1.00 14.03 ? 92  GLN B O   1 
ATOM   744  C CB  . GLN A 1 86  ? 2.382   -1.385  15.583  1.00 16.24 ? 92  GLN B CB  1 
ATOM   745  C CG  . GLN A 1 86  ? 1.291   -1.967  16.499  1.00 19.68 ? 92  GLN B CG  1 
ATOM   746  C CD  . GLN A 1 86  ? 0.427   -0.875  17.128  1.00 21.94 ? 92  GLN B CD  1 
ATOM   747  O OE1 . GLN A 1 86  ? 0.743   0.339   17.117  1.00 23.83 ? 92  GLN B OE1 1 
ATOM   748  N NE2 . GLN A 1 86  ? -0.719  -1.263  17.685  1.00 24.02 ? 92  GLN B NE2 1 
ATOM   749  N N   . ARG A 1 87  ? 2.191   -4.505  14.324  1.00 12.21 ? 93  ARG B N   1 
ATOM   750  C CA  . ARG A 1 87  ? 1.381   -5.512  13.586  1.00 11.90 ? 93  ARG B CA  1 
ATOM   751  C C   . ARG A 1 87  ? 0.075   -5.802  14.338  1.00 12.51 ? 93  ARG B C   1 
ATOM   752  O O   . ARG A 1 87  ? -0.917  -6.173  13.670  1.00 13.27 ? 93  ARG B O   1 
ATOM   753  C CB  . ARG A 1 87  ? 2.113   -6.816  13.362  1.00 13.04 ? 93  ARG B CB  1 
ATOM   754  C CG  . ARG A 1 87  ? 3.479   -6.674  12.713  1.00 12.48 ? 93  ARG B CG  1 
ATOM   755  C CD  . ARG A 1 87  ? 3.432   -5.935  11.355  1.00 12.46 ? 93  ARG B CD  1 
ATOM   756  N NE  . ARG A 1 87  ? 4.812   -5.624  10.923  1.00 14.25 ? 93  ARG B NE  1 
ATOM   757  C CZ  . ARG A 1 87  ? 5.582   -6.452  10.263  1.00 13.35 ? 93  ARG B CZ  1 
ATOM   758  N NH1 . ARG A 1 87  ? 5.139   -7.637  9.914   1.00 15.12 ? 93  ARG B NH1 1 
ATOM   759  N NH2 . ARG A 1 87  ? 6.826   -6.131  9.967   1.00 15.96 ? 93  ARG B NH2 1 
ATOM   760  N N   . LYS A 1 88  ? 0.048   -5.705  15.670  1.00 12.82 ? 94  LYS B N   1 
ATOM   761  C CA  . LYS A 1 88  ? -1.092  -6.183  16.508  1.00 13.01 ? 94  LYS B CA  1 
ATOM   762  C C   . LYS A 1 88  ? -1.868  -5.016  17.057  1.00 14.25 ? 94  LYS B C   1 
ATOM   763  O O   . LYS A 1 88  ? -1.232  -4.009  17.462  1.00 16.62 ? 94  LYS B O   1 
ATOM   764  C CB  . LYS A 1 88  ? -0.557  -7.081  17.629  1.00 14.34 ? 94  LYS B CB  1 
ATOM   765  C CG  . LYS A 1 88  ? 0.329   -8.209  17.182  1.00 15.81 ? 94  LYS B CG  1 
ATOM   766  C CD  . LYS A 1 88  ? -0.327  -9.115  16.138  1.00 16.06 ? 94  LYS B CD  1 
ATOM   767  C CE  . LYS A 1 88  ? 0.605   -10.242 15.821  1.00 16.63 ? 94  LYS B CE  1 
ATOM   768  N NZ  . LYS A 1 88  ? 0.104   -11.197 14.796  1.00 17.37 ? 94  LYS B NZ  1 
ATOM   769  N N   . GLY A 1 89  ? -3.177  -5.127  17.166  1.00 14.76 ? 95  GLY B N   1 
ATOM   770  C CA  . GLY A 1 89  ? -3.993  -4.086  17.787  1.00 15.20 ? 95  GLY B CA  1 
ATOM   771  C C   . GLY A 1 89  ? -4.345  -2.965  16.841  1.00 16.40 ? 95  GLY B C   1 
ATOM   772  O O   . GLY A 1 89  ? -4.079  -3.071  15.571  1.00 16.65 ? 95  GLY B O   1 
ATOM   773  N N   . GLN A 1 90  ? -4.906  -1.920  17.405  1.00 16.73 ? 96  GLN B N   1 
ATOM   774  C CA  . GLN A 1 90  ? -5.399  -0.769  16.641  1.00 18.49 ? 96  GLN B CA  1 
ATOM   775  C C   . GLN A 1 90  ? -4.307  0.273   16.498  1.00 18.18 ? 96  GLN B C   1 
ATOM   776  O O   . GLN A 1 90  ? -3.478  0.420   17.388  1.00 19.09 ? 96  GLN B O   1 
ATOM   777  C CB  . GLN A 1 90  ? -6.607  -0.161  17.359  1.00 21.78 ? 96  GLN B CB  1 
ATOM   778  C CG  . GLN A 1 90  ? -7.748  -1.152  17.420  1.00 28.12 ? 96  GLN B CG  1 
ATOM   779  C CD  . GLN A 1 90  ? -8.868  -0.694  18.306  1.00 37.27 ? 96  GLN B CD  1 
ATOM   780  O OE1 . GLN A 1 90  ? -9.700  0.114   17.896  1.00 46.29 ? 96  GLN B OE1 1 
ATOM   781  N NE2 . GLN A 1 90  ? -8.867  -1.207  19.530  1.00 42.62 ? 96  GLN B NE2 1 
ATOM   782  N N   . PHE A 1 91  ? -4.249  0.914   15.336  1.00 15.33 ? 97  PHE B N   1 
ATOM   783  C CA  . PHE A 1 91  ? -3.295  2.012   15.087  1.00 14.82 ? 97  PHE B CA  1 
ATOM   784  C C   . PHE A 1 91  ? -3.764  2.816   13.893  1.00 14.56 ? 97  PHE B C   1 
ATOM   785  O O   . PHE A 1 91  ? -4.532  2.348   13.072  1.00 16.10 ? 97  PHE B O   1 
ATOM   786  C CB  . PHE A 1 91  ? -1.876  1.500   14.813  1.00 14.82 ? 97  PHE B CB  1 
ATOM   787  C CG  . PHE A 1 91  ? -1.794  0.488   13.696  1.00 13.82 ? 97  PHE B CG  1 
ATOM   788  C CD1 . PHE A 1 91  ? -1.650  0.901   12.368  1.00 14.69 ? 97  PHE B CD1 1 
ATOM   789  C CD2 . PHE A 1 91  ? -1.814  -0.876  13.942  1.00 13.82 ? 97  PHE B CD2 1 
ATOM   790  C CE1 . PHE A 1 91  ? -1.561  -0.012  11.327  1.00 13.76 ? 97  PHE B CE1 1 
ATOM   791  C CE2 . PHE A 1 91  ? -1.732  -1.802  12.905  1.00 14.12 ? 97  PHE B CE2 1 
ATOM   792  C CZ  . PHE A 1 91  ? -1.581  -1.361  11.607  1.00 14.19 ? 97  PHE B CZ  1 
ATOM   793  N N   A SER A 1 92  ? -3.330  4.070   13.806  0.25 14.95 ? 98  SER B N   1 
ATOM   794  N N   B SER A 1 92  ? -3.263  4.047   13.831  0.25 14.28 ? 98  SER B N   1 
ATOM   795  C CA  A SER A 1 92  ? -3.611  4.942   12.637  0.25 15.01 ? 98  SER B CA  1 
ATOM   796  C CA  B SER A 1 92  ? -3.481  5.007   12.723  0.25 14.12 ? 98  SER B CA  1 
ATOM   797  C C   A SER A 1 92  ? -2.419  4.923   11.680  0.25 13.30 ? 98  SER B C   1 
ATOM   798  C C   B SER A 1 92  ? -2.378  4.836   11.669  0.25 12.81 ? 98  SER B C   1 
ATOM   799  O O   A SER A 1 92  ? -1.260  4.864   12.125  0.25 12.83 ? 98  SER B O   1 
ATOM   800  O O   B SER A 1 92  ? -1.222  4.475   12.033  0.25 12.71 ? 98  SER B O   1 
ATOM   801  C CB  A SER A 1 92  ? -3.896  6.348   13.040  0.25 17.43 ? 98  SER B CB  1 
ATOM   802  C CB  B SER A 1 92  ? -3.522  6.422   13.251  0.25 14.99 ? 98  SER B CB  1 
ATOM   803  O OG  A SER A 1 92  ? -2.891  6.782   13.933  0.25 20.60 ? 98  SER B OG  1 
ATOM   804  O OG  B SER A 1 92  ? -4.690  6.617   14.052  0.25 17.24 ? 98  SER B OG  1 
ATOM   805  N N   . LEU A 1 93  ? -2.720  5.051   10.395  1.00 12.31 ? 99  LEU B N   1 
ATOM   806  C CA  . LEU A 1 93  ? -1.701  5.175   9.351   1.00 12.60 ? 99  LEU B CA  1 
ATOM   807  C C   . LEU A 1 93  ? -1.216  6.600   9.325   1.00 12.55 ? 99  LEU B C   1 
ATOM   808  O O   . LEU A 1 93  ? -1.899  7.505   8.861   1.00 14.84 ? 99  LEU B O   1 
ATOM   809  C CB  . LEU A 1 93  ? -2.279  4.789   7.995   1.00 12.98 ? 99  LEU B CB  1 
ATOM   810  C CG  . LEU A 1 93  ? -2.796  3.360   7.891   1.00 14.39 ? 99  LEU B CG  1 
ATOM   811  C CD1 . LEU A 1 93  ? -3.411  3.082   6.515   1.00 15.08 ? 99  LEU B CD1 1 
ATOM   812  C CD2 . LEU A 1 93  ? -1.697  2.353   8.138   1.00 15.83 ? 99  LEU B CD2 1 
ATOM   813  N N   . SER A 1 94  ? 0.020   6.840   9.771   1.00 11.78 ? 100 SER B N   1 
ATOM   814  C CA  . SER A 1 94  ? 0.616   8.186   9.862   1.00 12.23 ? 100 SER B CA  1 
ATOM   815  C C   . SER A 1 94  ? 2.122   8.040   9.740   1.00 10.84 ? 100 SER B C   1 
ATOM   816  O O   . SER A 1 94  ? 2.651   7.002   10.150  1.00 10.69 ? 100 SER B O   1 
ATOM   817  C CB  . SER A 1 94  ? 0.274   8.903   11.163  1.00 13.71 ? 100 SER B CB  1 
ATOM   818  O OG  . SER A 1 94  ? 0.858   8.204   12.250  1.00 16.46 ? 100 SER B OG  1 
ATOM   819  N N   . PRO A 1 95  ? 2.839   9.070   9.321   1.00 10.80 ? 101 PRO B N   1 
ATOM   820  C CA  . PRO A 1 95  ? 4.300   9.029   9.371   1.00 12.21 ? 101 PRO B CA  1 
ATOM   821  C C   . PRO A 1 95  ? 4.834   8.849   10.789  1.00 11.80 ? 101 PRO B C   1 
ATOM   822  O O   . PRO A 1 95  ? 5.824   8.075   10.934  1.00 12.27 ? 101 PRO B O   1 
ATOM   823  C CB  . PRO A 1 95  ? 4.730   10.369  8.762   1.00 12.48 ? 101 PRO B CB  1 
ATOM   824  C CG  . PRO A 1 95  ? 3.559   10.697  7.830   1.00 13.62 ? 101 PRO B CG  1 
ATOM   825  C CD  . PRO A 1 95  ? 2.341   10.234  8.592   1.00 12.18 ? 101 PRO B CD  1 
ATOM   826  N N   . GLU A 1 96  ? 4.170   9.362   11.809  1.00 12.59 ? 102 GLU B N   1 
ATOM   827  C CA  . GLU A 1 96  ? 4.627   9.150   13.202  1.00 15.07 ? 102 GLU B CA  1 
ATOM   828  C C   . GLU A 1 96  ? 4.649   7.655   13.518  1.00 14.43 ? 102 GLU B C   1 
ATOM   829  O O   . GLU A 1 96  ? 5.460   7.192   14.353  1.00 15.42 ? 102 GLU B O   1 
ATOM   830  C CB  . GLU A 1 96  ? 3.733   9.961   14.134  1.00 18.88 ? 102 GLU B CB  1 
ATOM   831  C CG  . GLU A 1 96  ? 3.665   11.427  13.758  1.00 27.21 ? 102 GLU B CG  1 
ATOM   832  C CD  . GLU A 1 96  ? 2.433   11.870  12.973  1.00 31.61 ? 102 GLU B CD  1 
ATOM   833  O OE1 . GLU A 1 96  ? 2.431   11.800  11.678  1.00 20.42 ? 102 GLU B OE1 1 
ATOM   834  O OE2 . GLU A 1 96  ? 1.482   12.365  13.671  1.00 40.11 ? 102 GLU B OE2 1 
ATOM   835  N N   . ASN A 1 97  ? 3.723   6.869   12.963  1.00 12.44 ? 103 ASN B N   1 
ATOM   836  C CA  . ASN A 1 97  ? 3.649   5.417   13.207  1.00 12.65 ? 103 ASN B CA  1 
ATOM   837  C C   . ASN A 1 97  ? 4.424   4.635   12.150  1.00 11.41 ? 103 ASN B C   1 
ATOM   838  O O   . ASN A 1 97  ? 4.420   3.399   12.206  1.00 12.12 ? 103 ASN B O   1 
ATOM   839  C CB  . ASN A 1 97  ? 2.185   4.939   13.263  1.00 13.45 ? 103 ASN B CB  1 
ATOM   840  C CG  . ASN A 1 97  ? 1.481   5.336   14.527  1.00 15.77 ? 103 ASN B CG  1 
ATOM   841  O OD1 . ASN A 1 97  ? 2.123   5.710   15.530  1.00 18.50 ? 103 ASN B OD1 1 
ATOM   842  N ND2 . ASN A 1 97  ? 0.160   5.370   14.476  1.00 16.70 ? 103 ASN B ND2 1 
ATOM   843  N N   . GLY A 1 98  ? 5.127   5.277   11.231  1.00 10.19 ? 104 GLY B N   1 
ATOM   844  C CA  . GLY A 1 98  ? 5.963   4.599   10.238  1.00 9.80  ? 104 GLY B CA  1 
ATOM   845  C C   . GLY A 1 98  ? 5.280   4.220   8.929   1.00 8.33  ? 104 GLY B C   1 
ATOM   846  O O   . GLY A 1 98  ? 5.724   3.328   8.248   1.00 9.22  ? 104 GLY B O   1 
ATOM   847  N N   . PHE A 1 99  ? 4.223   4.989   8.554   1.00 9.04  ? 105 PHE B N   1 
ATOM   848  C CA  . PHE A 1 99  ? 3.468   4.748   7.291   1.00 8.81  ? 105 PHE B CA  1 
ATOM   849  C C   . PHE A 1 99  ? 3.428   5.989   6.397   1.00 8.38  ? 105 PHE B C   1 
ATOM   850  O O   . PHE A 1 99  ? 3.098   7.061   6.941   1.00 9.69  ? 105 PHE B O   1 
ATOM   851  C CB  . PHE A 1 99  ? 2.022   4.326   7.578   1.00 9.21  ? 105 PHE B CB  1 
ATOM   852  C CG  . PHE A 1 99  ? 1.878   3.038   8.363   1.00 9.77  ? 105 PHE B CG  1 
ATOM   853  C CD1 . PHE A 1 99  ? 1.831   3.065   9.746   1.00 10.10 ? 105 PHE B CD1 1 
ATOM   854  C CD2 . PHE A 1 99  ? 1.761   1.804   7.757   1.00 9.73  ? 105 PHE B CD2 1 
ATOM   855  C CE1 . PHE A 1 99  ? 1.709   1.891   10.496  1.00 10.76 ? 105 PHE B CE1 1 
ATOM   856  C CE2 . PHE A 1 99  ? 1.621   0.649   8.504   1.00 10.48 ? 105 PHE B CE2 1 
ATOM   857  C CZ  . PHE A 1 99  ? 1.584   0.700   9.863   1.00 10.28 ? 105 PHE B CZ  1 
ATOM   858  N N   . TRP A 1 100 ? 3.616   5.792   5.111   1.00 7.79  ? 106 TRP B N   1 
ATOM   859  C CA  . TRP A 1 100 ? 3.455   6.838   4.074   1.00 8.17  ? 106 TRP B CA  1 
ATOM   860  C C   . TRP A 1 100 ? 2.500   6.274   3.025   1.00 7.37  ? 106 TRP B C   1 
ATOM   861  O O   . TRP A 1 100 ? 2.887   5.501   2.171   1.00 8.43  ? 106 TRP B O   1 
ATOM   862  C CB  . TRP A 1 100 ? 4.810   7.261   3.495   1.00 8.52  ? 106 TRP B CB  1 
ATOM   863  C CG  . TRP A 1 100 ? 5.711   7.861   4.539   1.00 8.51  ? 106 TRP B CG  1 
ATOM   864  C CD1 . TRP A 1 100 ? 5.863   9.181   4.863   1.00 10.05 ? 106 TRP B CD1 1 
ATOM   865  C CD2 . TRP A 1 100 ? 6.563   7.143   5.465   1.00 9.07  ? 106 TRP B CD2 1 
ATOM   866  N NE1 . TRP A 1 100 ? 6.689   9.329   5.963   1.00 10.04 ? 106 TRP B NE1 1 
ATOM   867  C CE2 . TRP A 1 100 ? 7.154   8.096   6.320   1.00 10.07 ? 106 TRP B CE2 1 
ATOM   868  C CE3 . TRP A 1 100 ? 6.880   5.793   5.655   1.00 9.59  ? 106 TRP B CE3 1 
ATOM   869  C CZ2 . TRP A 1 100 ? 8.011   7.708   7.374   1.00 11.10 ? 106 TRP B CZ2 1 
ATOM   870  C CZ3 . TRP A 1 100 ? 7.752   5.442   6.685   1.00 11.01 ? 106 TRP B CZ3 1 
ATOM   871  C CH2 . TRP A 1 100 ? 8.248   6.378   7.540   1.00 11.59 ? 106 TRP B CH2 1 
ATOM   872  N N   . THR A 1 101 ? 1.226   6.679   3.137   1.00 7.90  ? 107 THR B N   1 
ATOM   873  C CA  . THR A 1 101 ? 0.104   5.993   2.460   1.00 8.08  ? 107 THR B CA  1 
ATOM   874  C C   . THR A 1 101 ? -0.934  7.007   1.955   1.00 7.70  ? 107 THR B C   1 
ATOM   875  O O   . THR A 1 101 ? -1.056  8.105   2.493   1.00 8.40  ? 107 THR B O   1 
ATOM   876  C CB  . THR A 1 101 ? -0.591  4.979   3.388   1.00 8.79  ? 107 THR B CB  1 
ATOM   877  O OG1 . THR A 1 101 ? -1.202  5.634   4.488   1.00 9.58  ? 107 THR B OG1 1 
ATOM   878  C CG2 . THR A 1 101 ? 0.335   3.861   3.829   1.00 9.01  ? 107 THR B CG2 1 
ATOM   879  N N   . ILE A 1 102 ? -1.709  6.538   0.995   1.00 8.29  ? 108 ILE B N   1 
ATOM   880  C CA  . ILE A 1 102 ? -3.002  7.193   0.598   1.00 8.39  ? 108 ILE B CA  1 
ATOM   881  C C   . ILE A 1 102 ? -4.075  6.111   0.672   1.00 8.32  ? 108 ILE B C   1 
ATOM   882  O O   . ILE A 1 102 ? -3.777  4.883   0.676   1.00 8.91  ? 108 ILE B O   1 
ATOM   883  C CB  . ILE A 1 102 ? -2.940  7.847   -0.790  1.00 9.08  ? 108 ILE B CB  1 
ATOM   884  C CG1 . ILE A 1 102 ? -2.776  6.831   -1.919  1.00 9.66  ? 108 ILE B CG1 1 
ATOM   885  C CG2 . ILE A 1 102 ? -1.825  8.892   -0.802  1.00 9.67  ? 108 ILE B CG2 1 
ATOM   886  C CD1 . ILE A 1 102 ? -2.985  7.398   -3.326  1.00 10.61 ? 108 ILE B CD1 1 
ATOM   887  N N   . TRP A 1 103 ? -5.319  6.541   0.643   1.00 8.52  ? 109 TRP B N   1 
ATOM   888  C CA  . TRP A 1 103 ? -6.451  5.604   0.703   1.00 9.05  ? 109 TRP B CA  1 
ATOM   889  C C   . TRP A 1 103 ? -7.655  6.113   -0.032  1.00 9.27  ? 109 TRP B C   1 
ATOM   890  O O   . TRP A 1 103 ? -7.833  7.327   -0.260  1.00 9.61  ? 109 TRP B O   1 
ATOM   891  C CB  . TRP A 1 103 ? -6.777  5.208   2.100   1.00 11.67 ? 109 TRP B CB  1 
ATOM   892  C CG  . TRP A 1 103 ? -7.224  6.266   3.001   1.00 13.75 ? 109 TRP B CG  1 
ATOM   893  C CD1 . TRP A 1 103 ? -8.457  6.835   3.062   1.00 14.23 ? 109 TRP B CD1 1 
ATOM   894  C CD2 . TRP A 1 103 ? -6.501  6.706   4.138   1.00 13.82 ? 109 TRP B CD2 1 
ATOM   895  N NE1 . TRP A 1 103 ? -8.530  7.659   4.139   1.00 17.21 ? 109 TRP B NE1 1 
ATOM   896  C CE2 . TRP A 1 103 ? -7.350  7.602   4.829   1.00 15.16 ? 109 TRP B CE2 1 
ATOM   897  C CE3 . TRP A 1 103 ? -5.226  6.444   4.613   1.00 15.47 ? 109 TRP B CE3 1 
ATOM   898  C CZ2 . TRP A 1 103 ? -6.943  8.256   5.993   1.00 18.44 ? 109 TRP B CZ2 1 
ATOM   899  C CZ3 . TRP A 1 103 ? -4.845  7.062   5.777   1.00 16.88 ? 109 TRP B CZ3 1 
ATOM   900  C CH2 . TRP A 1 103 ? -5.681  7.941   6.439   1.00 17.02 ? 109 TRP B CH2 1 
ATOM   901  N N   . LEU A 1 104 ? -8.557  5.163   -0.330  1.00 9.01  ? 110 LEU B N   1 
ATOM   902  C CA  . LEU A 1 104 ? -9.954  5.422   -0.730  1.00 8.94  ? 110 LEU B CA  1 
ATOM   903  C C   . LEU A 1 104 ? -10.838 4.912   0.381   1.00 8.90  ? 110 LEU B C   1 
ATOM   904  O O   . LEU A 1 104 ? -10.676 3.790   0.845   1.00 9.68  ? 110 LEU B O   1 
ATOM   905  C CB  . LEU A 1 104 ? -10.263 4.659   -1.994  1.00 9.81  ? 110 LEU B CB  1 
ATOM   906  C CG  . LEU A 1 104 ? -11.728 4.675   -2.450  1.00 10.66 ? 110 LEU B CG  1 
ATOM   907  C CD1 . LEU A 1 104 ? -12.262 6.069   -2.739  1.00 10.97 ? 110 LEU B CD1 1 
ATOM   908  C CD2 . LEU A 1 104 ? -11.909 3.763   -3.644  1.00 12.17 ? 110 LEU B CD2 1 
ATOM   909  N N   . TRP A 1 105 ? -11.837 5.718   0.762   1.00 10.42 ? 111 TRP B N   1 
ATOM   910  C CA  . TRP A 1 105 ? -12.825 5.342   1.788   1.00 11.46 ? 111 TRP B CA  1 
ATOM   911  C C   . TRP A 1 105 ? -14.067 6.192   1.566   1.00 12.43 ? 111 TRP B C   1 
ATOM   912  O O   . TRP A 1 105 ? -13.970 7.431   1.520   1.00 13.12 ? 111 TRP B O   1 
ATOM   913  C CB  . TRP A 1 105 ? -12.237 5.628   3.164   1.00 15.35 ? 111 TRP B CB  1 
ATOM   914  C CG  . TRP A 1 105 ? -13.188 5.545   4.285   1.00 18.02 ? 111 TRP B CG  1 
ATOM   915  C CD1 . TRP A 1 105 ? -13.718 6.536   5.068   1.00 20.06 ? 111 TRP B CD1 1 
ATOM   916  C CD2 . TRP A 1 105 ? -13.670 4.305   4.760   1.00 18.83 ? 111 TRP B CD2 1 
ATOM   917  N NE1 . TRP A 1 105 ? -14.520 5.966   5.995   1.00 20.21 ? 111 TRP B NE1 1 
ATOM   918  C CE2 . TRP A 1 105 ? -14.518 4.605   5.843   1.00 17.30 ? 111 TRP B CE2 1 
ATOM   919  C CE3 . TRP A 1 105 ? -13.476 2.973   4.393   1.00 17.66 ? 111 TRP B CE3 1 
ATOM   920  C CZ2 . TRP A 1 105 ? -15.175 3.624   6.574   1.00 21.98 ? 111 TRP B CZ2 1 
ATOM   921  C CZ3 . TRP A 1 105 ? -14.158 2.004   5.089   1.00 23.79 ? 111 TRP B CZ3 1 
ATOM   922  C CH2 . TRP A 1 105 ? -15.010 2.323   6.151   1.00 23.59 ? 111 TRP B CH2 1 
ATOM   923  N N   . GLN A 1 106 ? -15.238 5.545   1.404   1.00 11.64 ? 112 GLN B N   1 
ATOM   924  C CA  . GLN A 1 106 ? -16.546 6.277   1.336   1.00 11.89 ? 112 GLN B CA  1 
ATOM   925  C C   . GLN A 1 106 ? -16.439 7.337   0.274   1.00 13.14 ? 112 GLN B C   1 
ATOM   926  O O   . GLN A 1 106 ? -16.901 8.507   0.532   1.00 15.04 ? 112 GLN B O   1 
ATOM   927  C CB  . GLN A 1 106 ? -16.952 6.772   2.710   1.00 12.93 ? 112 GLN B CB  1 
ATOM   928  C CG  . GLN A 1 106 ? -17.175 5.618   3.656   1.00 14.37 ? 112 GLN B CG  1 
ATOM   929  C CD  . GLN A 1 106 ? -17.796 5.991   4.979   1.00 15.53 ? 112 GLN B CD  1 
ATOM   930  O OE1 . GLN A 1 106 ? -18.221 5.115   5.748   1.00 18.66 ? 112 GLN B OE1 1 
ATOM   931  N NE2 . GLN A 1 106 ? -17.875 7.276   5.286   1.00 15.50 ? 112 GLN B NE2 1 
ATOM   932  N N   . ASP A 1 107 ? -16.021 6.979   -0.903  1.00 13.64 ? 113 ASP B N   1 
ATOM   933  C CA  . ASP A 1 107 ? -16.101 7.834   -2.081  1.00 17.28 ? 113 ASP B CA  1 
ATOM   934  C C   . ASP A 1 107 ? -15.169 9.053   -1.990  1.00 18.50 ? 113 ASP B C   1 
ATOM   935  O O   . ASP A 1 107 ? -15.278 9.923   -2.900  1.00 24.67 ? 113 ASP B O   1 
ATOM   936  C CB  . ASP A 1 107 ? -17.567 8.253   -2.231  1.00 20.77 ? 113 ASP B CB  1 
ATOM   937  C CG  . ASP A 1 107 ? -17.913 8.731   -3.598  1.00 28.14 ? 113 ASP B CG  1 
ATOM   938  O OD1 . ASP A 1 107 ? -17.409 8.149   -4.601  1.00 31.63 ? 113 ASP B OD1 1 
ATOM   939  O OD2 . ASP A 1 107 ? -18.759 9.672   -3.649  1.00 35.87 ? 113 ASP B OD2 1 
ATOM   940  N N   . SER A 1 108 ? -14.201 9.079   -1.078  1.00 14.36 ? 114 SER B N   1 
ATOM   941  C CA  . SER A 1 108 ? -13.186 10.167  -1.025  1.00 15.58 ? 114 SER B CA  1 
ATOM   942  C C   . SER A 1 108 ? -11.796 9.547   -0.903  1.00 12.90 ? 114 SER B C   1 
ATOM   943  O O   . SER A 1 108 ? -11.587 8.465   -0.261  1.00 12.93 ? 114 SER B O   1 
ATOM   944  C CB  . SER A 1 108 ? -13.579 11.182  0.018   1.00 18.40 ? 114 SER B CB  1 
ATOM   945  O OG  . SER A 1 108 ? -13.317 10.747  1.313   1.00 27.64 ? 114 SER B OG  1 
ATOM   946  N N   . TYR A 1 109 ? -10.840 10.238  -1.474  1.00 11.44 ? 115 TYR B N   1 
ATOM   947  C CA  . TYR A 1 109 ? -9.399  9.879   -1.407  1.00 10.81 ? 115 TYR B CA  1 
ATOM   948  C C   . TYR A 1 109 ? -8.700  10.790  -0.422  1.00 10.33 ? 115 TYR B C   1 
ATOM   949  O O   . TYR A 1 109 ? -8.934  12.031  -0.427  1.00 11.36 ? 115 TYR B O   1 
ATOM   950  C CB  . TYR A 1 109 ? -8.789  9.980   -2.785  1.00 10.96 ? 115 TYR B CB  1 
ATOM   951  C CG  . TYR A 1 109 ? -9.395  9.043   -3.824  1.00 11.38 ? 115 TYR B CG  1 
ATOM   952  C CD1 . TYR A 1 109 ? -10.472 9.458   -4.614  1.00 12.09 ? 115 TYR B CD1 1 
ATOM   953  C CD2 . TYR A 1 109 ? -8.882  7.779   -4.057  1.00 11.17 ? 115 TYR B CD2 1 
ATOM   954  C CE1 . TYR A 1 109 ? -11.019 8.622   -5.582  1.00 12.88 ? 115 TYR B CE1 1 
ATOM   955  C CE2 . TYR A 1 109 ? -9.430  6.934   -5.009  1.00 11.50 ? 115 TYR B CE2 1 
ATOM   956  C CZ  . TYR A 1 109 ? -10.484 7.369   -5.791  1.00 11.66 ? 115 TYR B CZ  1 
ATOM   957  O OH  . TYR A 1 109 ? -11.100 6.539   -6.716  1.00 12.97 ? 115 TYR B OH  1 
ATOM   958  N N   A GLU A 1 110 ? -7.825  10.230  0.422   0.25 10.52 ? 116 GLU B N   1 
ATOM   959  N N   B GLU A 1 110 ? -7.875  10.212  0.466   0.25 10.09 ? 116 GLU B N   1 
ATOM   960  C CA  A GLU A 1 110 ? -7.120  11.018  1.462   0.25 10.92 ? 116 GLU B CA  1 
ATOM   961  C CA  B GLU A 1 110 ? -7.119  10.957  1.501   0.25 10.17 ? 116 GLU B CA  1 
ATOM   962  C C   A GLU A 1 110 ? -5.688  10.507  1.624   0.25 9.64  ? 116 GLU B C   1 
ATOM   963  C C   B GLU A 1 110 ? -5.647  10.522  1.459   0.25 9.07  ? 116 GLU B C   1 
ATOM   964  O O   A GLU A 1 110 ? -5.449  9.303   1.525   0.25 9.17  ? 116 GLU B O   1 
ATOM   965  O O   B GLU A 1 110 ? -5.324  9.378   1.020   0.25 8.20  ? 116 GLU B O   1 
ATOM   966  C CB  A GLU A 1 110 ? -7.867  10.955  2.786   0.25 12.73 ? 116 GLU B CB  1 
ATOM   967  C CB  B GLU A 1 110 ? -7.708  10.716  2.891   0.25 11.28 ? 116 GLU B CB  1 
ATOM   968  C CG  A GLU A 1 110 ? -9.283  11.531  2.717   0.25 15.13 ? 116 GLU B CG  1 
ATOM   969  C CG  B GLU A 1 110 ? -9.161  11.174  3.056   0.25 13.50 ? 116 GLU B CG  1 
ATOM   970  C CD  A GLU A 1 110 ? -10.041 11.369  4.020   0.25 17.36 ? 116 GLU B CD  1 
ATOM   971  C CD  B GLU A 1 110 ? -9.356  12.657  3.363   0.25 13.79 ? 116 GLU B CD  1 
ATOM   972  O OE1 A GLU A 1 110 ? -9.863  10.326  4.676   0.25 20.20 ? 116 GLU B OE1 1 
ATOM   973  O OE1 B GLU A 1 110 ? -8.407  13.306  3.887   0.25 17.32 ? 116 GLU B OE1 1 
ATOM   974  O OE2 A GLU A 1 110 ? -10.802 12.294  4.382   0.25 19.07 ? 116 GLU B OE2 1 
ATOM   975  O OE2 B GLU A 1 110 ? -10.470 13.152  3.140   0.25 18.58 ? 116 GLU B OE2 1 
ATOM   976  N N   . ALA A 1 111 ? -4.765  11.425  1.907   1.00 9.29  ? 117 ALA B N   1 
ATOM   977  C CA  . ALA A 1 111 ? -3.390  11.053  2.290   1.00 9.52  ? 117 ALA B CA  1 
ATOM   978  C C   . ALA A 1 111 ? -3.327  10.831  3.785   1.00 9.38  ? 117 ALA B C   1 
ATOM   979  O O   . ALA A 1 111 ? -3.924  11.567  4.590   1.00 9.82  ? 117 ALA B O   1 
ATOM   980  C CB  . ALA A 1 111 ? -2.375  12.120  1.881   1.00 9.46  ? 117 ALA B CB  1 
ATOM   981  N N   . GLY A 1 112 ? -2.576  9.788   4.184   1.00 9.65  ? 118 GLY B N   1 
ATOM   982  C CA  . GLY A 1 112 ? -2.398  9.363   5.575   1.00 10.67 ? 118 GLY B CA  1 
ATOM   983  C C   . GLY A 1 112 ? -1.430  10.237  6.314   1.00 10.79 ? 118 GLY B C   1 
ATOM   984  O O   . GLY A 1 112 ? -0.475  9.789   6.929   1.00 13.29 ? 118 GLY B O   1 
ATOM   985  N N   . THR A 1 113 ? -1.608  11.547  6.328   1.00 13.20 ? 119 THR B N   1 
ATOM   986  C CA  . THR A 1 113 ? -0.992  12.467  7.289   1.00 14.19 ? 119 THR B CA  1 
ATOM   987  C C   . THR A 1 113 ? -1.785  12.438  8.593   1.00 14.12 ? 119 THR B C   1 
ATOM   988  O O   . THR A 1 113 ? -2.865  11.867  8.626   1.00 16.52 ? 119 THR B O   1 
ATOM   989  C CB  . THR A 1 113 ? -0.967  13.837  6.651   1.00 12.22 ? 119 THR B CB  1 
ATOM   990  O OG1 . THR A 1 113 ? -2.301  14.213  6.245   1.00 12.31 ? 119 THR B OG1 1 
ATOM   991  C CG2 . THR A 1 113 ? -0.111  13.929  5.437   1.00 13.73 ? 119 THR B CG2 1 
ATOM   992  N N   . SER A 1 114 ? -1.290  13.115  9.635   1.00 17.86 ? 120 SER B N   1 
ATOM   993  C CA  . SER A 1 114 ? -2.037  13.232  10.898  1.00 20.49 ? 120 SER B CA  1 
ATOM   994  C C   . SER A 1 114 ? -2.242  14.710  11.236  1.00 22.32 ? 120 SER B C   1 
ATOM   995  O O   . SER A 1 114 ? -1.288  15.428  11.529  1.00 23.52 ? 120 SER B O   1 
ATOM   996  C CB  . SER A 1 114 ? -1.343  12.453  12.016  1.00 25.40 ? 120 SER B CB  1 
ATOM   997  O OG  . SER A 1 114 ? -2.120  12.502  13.222  1.00 29.19 ? 120 SER B OG  1 
ATOM   998  N N   . PRO A 1 115 ? -3.467  15.249  11.078  1.00 19.31 ? 121 PRO B N   1 
ATOM   999  C CA  . PRO A 1 115 ? -4.632  14.532  10.598  1.00 20.02 ? 121 PRO B CA  1 
ATOM   1000 C C   . PRO A 1 115 ? -4.572  14.356  9.069   1.00 15.37 ? 121 PRO B C   1 
ATOM   1001 O O   . PRO A 1 115 ? -3.734  14.937  8.384   1.00 14.99 ? 121 PRO B O   1 
ATOM   1002 C CB  . PRO A 1 115 ? -5.796  15.427  11.003  1.00 23.12 ? 121 PRO B CB  1 
ATOM   1003 C CG  . PRO A 1 115 ? -5.222  16.795  10.849  1.00 22.70 ? 121 PRO B CG  1 
ATOM   1004 C CD  . PRO A 1 115 ? -3.775  16.680  11.302  1.00 22.02 ? 121 PRO B CD  1 
ATOM   1005 N N   . GLN A 1 116 ? -5.458  13.534  8.548   1.00 14.54 ? 122 GLN B N   1 
ATOM   1006 C CA  . GLN A 1 116 ? -5.469  13.171  7.111   1.00 13.94 ? 122 GLN B CA  1 
ATOM   1007 C C   . GLN A 1 116 ? -5.728  14.396  6.210   1.00 12.21 ? 122 GLN B C   1 
ATOM   1008 O O   . GLN A 1 116 ? -6.374  15.371  6.669   1.00 13.90 ? 122 GLN B O   1 
ATOM   1009 C CB  . GLN A 1 116 ? -6.449  12.031  6.828   1.00 17.73 ? 122 GLN B CB  1 
ATOM   1010 C CG  . GLN A 1 116 ? -7.903  12.413  6.900   1.00 25.26 ? 122 GLN B CG  1 
ATOM   1011 C CD  . GLN A 1 116 ? -8.591  11.864  8.118   1.00 35.47 ? 122 GLN B CD  1 
ATOM   1012 O OE1 . GLN A 1 116 ? -8.056  11.879  9.233   1.00 44.11 ? 122 GLN B OE1 1 
ATOM   1013 N NE2 . GLN A 1 116 ? -9.813  11.406  7.903   1.00 41.89 ? 122 GLN B NE2 1 
ATOM   1014 N N   . THR A 1 117 ? -5.253  14.304  4.996   1.00 10.74 ? 123 THR B N   1 
ATOM   1015 C CA  . THR A 1 117 ? -5.343  15.398  4.017   1.00 10.95 ? 123 THR B CA  1 
ATOM   1016 C C   . THR A 1 117 ? -6.235  14.973  2.863   1.00 10.70 ? 123 THR B C   1 
ATOM   1017 O O   . THR A 1 117 ? -5.973  13.963  2.203   1.00 11.66 ? 123 THR B O   1 
ATOM   1018 C CB  . THR A 1 117 ? -3.941  15.770  3.518   1.00 10.46 ? 123 THR B CB  1 
ATOM   1019 O OG1 . THR A 1 117 ? -3.136  16.181  4.624   1.00 11.71 ? 123 THR B OG1 1 
ATOM   1020 C CG2 . THR A 1 117 ? -3.973  16.898  2.515   1.00 11.75 ? 123 THR B CG2 1 
ATOM   1021 N N   . THR A 1 118 ? -7.201  15.812  2.508   1.00 11.21 ? 124 THR B N   1 
ATOM   1022 C CA  . THR A 1 118 ? -8.078  15.608  1.343   1.00 12.17 ? 124 THR B CA  1 
ATOM   1023 C C   . THR A 1 118 ? -7.299  15.620  0.041   1.00 11.29 ? 124 THR B C   1 
ATOM   1024 O O   . THR A 1 118 ? -6.433  16.546  -0.163  1.00 13.47 ? 124 THR B O   1 
ATOM   1025 C CB  . THR A 1 118 ? -9.121  16.744  1.334   1.00 15.19 ? 124 THR B CB  1 
ATOM   1026 O OG1 . THR A 1 118 ? -9.902  16.610  2.522   1.00 18.22 ? 124 THR B OG1 1 
ATOM   1027 C CG2 . THR A 1 118 ? -9.890  16.762  0.027   1.00 17.75 ? 124 THR B CG2 1 
ATOM   1028 N N   . LEU A 1 119 ? -7.513  14.652  -0.826  1.00 10.64 ? 125 LEU B N   1 
ATOM   1029 C CA  . LEU A 1 119 ? -6.916  14.606  -2.147  1.00 10.10 ? 125 LEU B CA  1 
ATOM   1030 C C   . LEU A 1 119 ? -7.946  15.100  -3.159  1.00 11.77 ? 125 LEU B C   1 
ATOM   1031 O O   . LEU A 1 119 ? -9.177  15.100  -2.848  1.00 16.16 ? 125 LEU B O   1 
ATOM   1032 C CB  . LEU A 1 119 ? -6.418  13.209  -2.541  1.00 10.46 ? 125 LEU B CB  1 
ATOM   1033 C CG  . LEU A 1 119 ? -5.403  12.617  -1.554  1.00 9.73  ? 125 LEU B CG  1 
ATOM   1034 C CD1 . LEU A 1 119 ? -5.070  11.165  -1.864  1.00 10.89 ? 125 LEU B CD1 1 
ATOM   1035 C CD2 . LEU A 1 119 ? -4.122  13.450  -1.509  1.00 10.85 ? 125 LEU B CD2 1 
ATOM   1036 N N   . HIS A 1 120 ? -7.486  15.601  -4.273  1.00 11.16 ? 126 HIS B N   1 
ATOM   1037 C CA  . HIS A 1 120 ? -8.316  16.249  -5.341  1.00 11.87 ? 126 HIS B CA  1 
ATOM   1038 C C   . HIS A 1 120 ? -8.135  15.414  -6.593  1.00 13.78 ? 126 HIS B C   1 
ATOM   1039 O O   . HIS A 1 120 ? -7.111  15.552  -7.318  1.00 18.03 ? 126 HIS B O   1 
ATOM   1040 C CB  . HIS A 1 120 ? -7.889  17.724  -5.562  1.00 12.89 ? 126 HIS B CB  1 
ATOM   1041 C CG  . HIS A 1 120 ? -8.028  18.564  -4.348  1.00 13.08 ? 126 HIS B CG  1 
ATOM   1042 N ND1 . HIS A 1 120 ? -6.951  18.814  -3.510  1.00 14.62 ? 126 HIS B ND1 1 
ATOM   1043 C CD2 . HIS A 1 120 ? -9.070  19.196  -3.811  1.00 14.99 ? 126 HIS B CD2 1 
ATOM   1044 C CE1 . HIS A 1 120 ? -7.358  19.552  -2.509  1.00 15.67 ? 126 HIS B CE1 1 
ATOM   1045 N NE2 . HIS A 1 120 ? -8.650  19.844  -2.665  1.00 14.80 ? 126 HIS B NE2 1 
ATOM   1046 N N   . ILE A 1 121 ? -8.994  14.440  -6.807  1.00 16.03 ? 127 ILE B N   1 
ATOM   1047 C CA  . ILE A 1 121 ? -8.876  13.487  -7.940  1.00 17.72 ? 127 ILE B CA  1 
ATOM   1048 C C   . ILE A 1 121 ? -10.165 13.639  -8.794  1.00 17.99 ? 127 ILE B C   1 
ATOM   1049 O O   . ILE A 1 121 ? -11.282 13.467  -8.281  1.00 24.50 ? 127 ILE B O   1 
ATOM   1050 C CB  . ILE A 1 121 ? -8.636  12.044  -7.426  1.00 18.42 ? 127 ILE B CB  1 
ATOM   1051 C CG1 . ILE A 1 121 ? -7.311  11.933  -6.641  1.00 17.76 ? 127 ILE B CG1 1 
ATOM   1052 C CG2 . ILE A 1 121 ? -8.754  11.074  -8.604  1.00 22.86 ? 127 ILE B CG2 1 
ATOM   1053 C CD1 . ILE A 1 121 ? -6.926  10.543  -6.154  1.00 18.38 ? 127 ILE B CD1 1 
ATOM   1054 N N   . GLN A 1 122 ? -10.006 14.083  -10.027 1.00 20.23 ? 128 GLN B N   1 
ATOM   1055 C CA  . GLN A 1 122 ? -11.139 14.281  -10.980 1.00 22.22 ? 128 GLN B CA  1 
ATOM   1056 C C   . GLN A 1 122 ? -11.449 12.956  -11.690 1.00 20.89 ? 128 GLN B C   1 
ATOM   1057 O O   . GLN A 1 122 ? -12.652 12.695  -11.988 1.00 21.32 ? 128 GLN B O   1 
ATOM   1058 C CB  . GLN A 1 122 ? -10.761 15.370  -11.997 1.00 25.18 ? 128 GLN B CB  1 
ATOM   1059 C CG  . GLN A 1 122 ? -11.821 15.658  -13.063 1.00 31.00 ? 128 GLN B CG  1 
ATOM   1060 C CD  . GLN A 1 122 ? -13.116 16.199  -12.493 1.00 35.80 ? 128 GLN B CD  1 
ATOM   1061 O OE1 . GLN A 1 122 ? -13.153 16.770  -11.406 1.00 44.36 ? 128 GLN B OE1 1 
ATOM   1062 N NE2 . GLN A 1 122 ? -14.204 16.018  -13.229 1.00 38.89 ? 128 GLN B NE2 1 
ATOM   1063 N N   . VAL A 1 123 ? -10.443 12.131  -11.947 1.00 18.21 ? 129 VAL B N   1 
ATOM   1064 C CA  . VAL A 1 123 ? -10.585 10.841  -12.696 1.00 17.17 ? 129 VAL B CA  1 
ATOM   1065 C C   . VAL A 1 123 ? -10.310 9.691   -11.732 1.00 16.41 ? 129 VAL B C   1 
ATOM   1066 O O   . VAL A 1 123 ? -9.141  9.489   -11.361 1.00 15.13 ? 129 VAL B O   1 
ATOM   1067 C CB  . VAL A 1 123 ? -9.624  10.787  -13.882 1.00 18.45 ? 129 VAL B CB  1 
ATOM   1068 C CG1 . VAL A 1 123 ? -9.682  9.428   -14.597 1.00 19.90 ? 129 VAL B CG1 1 
ATOM   1069 C CG2 . VAL A 1 123 ? -9.914  11.918  -14.867 1.00 20.88 ? 129 VAL B CG2 1 
ATOM   1070 N N   . PRO A 1 124 ? -11.320 8.996   -11.170 1.00 15.12 ? 130 PRO B N   1 
ATOM   1071 C CA  . PRO A 1 124 ? -11.024 7.918   -10.214 1.00 15.06 ? 130 PRO B CA  1 
ATOM   1072 C C   . PRO A 1 124 ? -10.027 6.944   -10.782 1.00 14.57 ? 130 PRO B C   1 
ATOM   1073 O O   . PRO A 1 124 ? -10.162 6.422   -11.872 1.00 15.15 ? 130 PRO B O   1 
ATOM   1074 C CB  . PRO A 1 124 ? -12.393 7.227   -10.047 1.00 18.25 ? 130 PRO B CB  1 
ATOM   1075 C CG  . PRO A 1 124 ? -13.368 8.397   -10.243 1.00 19.67 ? 130 PRO B CG  1 
ATOM   1076 C CD  . PRO A 1 124 ? -12.779 9.176   -11.376 1.00 18.42 ? 130 PRO B CD  1 
ATOM   1077 N N   . PRO A 1 125 ? -8.906  6.688   -10.080 1.00 13.12 ? 131 PRO B N   1 
ATOM   1078 C CA  . PRO A 1 125 ? -7.892  5.817   -10.629 1.00 12.87 ? 131 PRO B CA  1 
ATOM   1079 C C   . PRO A 1 125 ? -8.296  4.340   -10.617 1.00 12.72 ? 131 PRO B C   1 
ATOM   1080 O O   . PRO A 1 125 ? -8.822  3.857   -9.634  1.00 13.60 ? 131 PRO B O   1 
ATOM   1081 C CB  . PRO A 1 125 ? -6.663  6.088   -9.732  1.00 13.75 ? 131 PRO B CB  1 
ATOM   1082 C CG  . PRO A 1 125 ? -7.227  6.648   -8.490  1.00 15.14 ? 131 PRO B CG  1 
ATOM   1083 C CD  . PRO A 1 125 ? -8.458  7.411   -8.872  1.00 14.26 ? 131 PRO B CD  1 
ATOM   1084 N N   . CYS A 1 126 ? -7.903  3.664   -11.681 1.00 12.58 ? 132 CYS B N   1 
ATOM   1085 C CA  . CYS A 1 126 ? -7.922  2.183   -11.719 1.00 13.10 ? 132 CYS B CA  1 
ATOM   1086 C C   . CYS A 1 126 ? -6.536  1.593   -11.453 1.00 12.42 ? 132 CYS B C   1 
ATOM   1087 O O   . CYS A 1 126 ? -6.414  0.428   -11.087 1.00 11.80 ? 132 CYS B O   1 
ATOM   1088 C CB  . CYS A 1 126 ? -8.430  1.684   -13.055 1.00 14.96 ? 132 CYS B CB  1 
ATOM   1089 S SG  . CYS A 1 126 ? -10.118 2.215   -13.452 1.00 21.63 ? 132 CYS B SG  1 
ATOM   1090 N N   A GLN A 1 127 ? -5.458  2.350   -11.705 0.25 12.16 ? 133 GLN B N   1 
ATOM   1091 N N   B GLN A 1 127 ? -5.521  2.448   -11.562 0.25 12.85 ? 133 GLN B N   1 
ATOM   1092 C CA  A GLN A 1 127 ? -4.082  1.946   -11.284 0.25 12.57 ? 133 GLN B CA  1 
ATOM   1093 C CA  B GLN A 1 127 ? -4.113  2.058   -11.334 0.25 13.95 ? 133 GLN B CA  1 
ATOM   1094 C C   A GLN A 1 127 ? -3.334  3.159   -10.719 0.25 11.44 ? 133 GLN B C   1 
ATOM   1095 C C   B GLN A 1 127 ? -3.416  3.223   -10.629 0.25 12.22 ? 133 GLN B C   1 
ATOM   1096 O O   A GLN A 1 127 ? -3.442  4.269   -11.297 0.25 10.45 ? 133 GLN B O   1 
ATOM   1097 O O   B GLN A 1 127 ? -3.729  4.391   -10.935 0.25 11.09 ? 133 GLN B O   1 
ATOM   1098 C CB  A GLN A 1 127 ? -3.207  1.354   -12.399 0.25 13.60 ? 133 GLN B CB  1 
ATOM   1099 C CB  B GLN A 1 127 ? -3.451  1.666   -12.656 0.25 16.45 ? 133 GLN B CB  1 
ATOM   1100 C CG  A GLN A 1 127 ? -3.755  0.102   -13.074 0.25 14.51 ? 133 GLN B CG  1 
ATOM   1101 C CG  B GLN A 1 127 ? -4.113  0.485   -13.351 0.25 18.26 ? 133 GLN B CG  1 
ATOM   1102 C CD  A GLN A 1 127 ? -4.653  0.444   -14.238 0.25 15.99 ? 133 GLN B CD  1 
ATOM   1103 C CD  B GLN A 1 127 ? -3.184  -0.243  -14.289 0.25 20.61 ? 133 GLN B CD  1 
ATOM   1104 O OE1 A GLN A 1 127 ? -4.429  1.420   -14.953 0.25 16.41 ? 133 GLN B OE1 1 
ATOM   1105 O OE1 B GLN A 1 127 ? -2.165  0.289   -14.729 0.25 24.62 ? 133 GLN B OE1 1 
ATOM   1106 N NE2 A GLN A 1 127 ? -5.700  -0.350  -14.426 0.25 16.66 ? 133 GLN B NE2 1 
ATOM   1107 N NE2 B GLN A 1 127 ? -3.533  -1.475  -14.601 0.25 22.97 ? 133 GLN B NE2 1 
ATOM   1108 N N   . ILE A 1 128 ? -2.589  2.888   -9.639  1.00 11.38 ? 134 ILE B N   1 
ATOM   1109 C CA  . ILE A 1 128 ? -1.822  3.874   -8.828  1.00 11.08 ? 134 ILE B CA  1 
ATOM   1110 C C   . ILE A 1 128 ? -0.343  3.555   -9.050  1.00 10.82 ? 134 ILE B C   1 
ATOM   1111 O O   . ILE A 1 128 ? 0.091   2.392   -8.886  1.00 10.99 ? 134 ILE B O   1 
ATOM   1112 C CB  . ILE A 1 128 ? -2.212  3.735   -7.347  1.00 11.52 ? 134 ILE B CB  1 
ATOM   1113 C CG1 . ILE A 1 128 ? -3.704  3.972   -7.030  1.00 13.87 ? 134 ILE B CG1 1 
ATOM   1114 C CG2 . ILE A 1 128 ? -1.324  4.645   -6.487  1.00 12.20 ? 134 ILE B CG2 1 
ATOM   1115 C CD1 . ILE A 1 128 ? -4.117  5.376   -7.206  1.00 13.84 ? 134 ILE B CD1 1 
ATOM   1116 N N   . GLY A 1 129 ? 0.486   4.578   -9.334  1.00 10.75 ? 135 GLY B N   1 
ATOM   1117 C CA  . GLY A 1 129 ? 1.953   4.474   -9.333  1.00 10.15 ? 135 GLY B CA  1 
ATOM   1118 C C   . GLY A 1 129 ? 2.514   5.025   -8.045  1.00 10.25 ? 135 GLY B C   1 
ATOM   1119 O O   . GLY A 1 129 ? 2.045   6.034   -7.545  1.00 10.57 ? 135 GLY B O   1 
ATOM   1120 N N   . ILE A 1 130 ? 3.491   4.317   -7.484  1.00 10.29 ? 136 ILE B N   1 
ATOM   1121 C CA  . ILE A 1 130 ? 4.145   4.689   -6.197  1.00 10.19 ? 136 ILE B CA  1 
ATOM   1122 C C   . ILE A 1 130 ? 5.638   4.820   -6.457  1.00 10.28 ? 136 ILE B C   1 
ATOM   1123 O O   . ILE A 1 130 ? 6.275   3.893   -6.978  1.00 10.48 ? 136 ILE B O   1 
ATOM   1124 C CB  . ILE A 1 130 ? 3.861   3.634   -5.120  1.00 10.84 ? 136 ILE B CB  1 
ATOM   1125 C CG1 . ILE A 1 130 ? 2.352   3.470   -4.936  1.00 11.47 ? 136 ILE B CG1 1 
ATOM   1126 C CG2 . ILE A 1 130 ? 4.549   4.006   -3.810  1.00 12.22 ? 136 ILE B CG2 1 
ATOM   1127 C CD1 . ILE A 1 130 ? 1.962   2.398   -4.009  1.00 14.25 ? 136 ILE B CD1 1 
ATOM   1128 N N   . PHE A 1 131 ? 6.163   5.994   -6.136  1.00 10.05 ? 137 PHE B N   1 
ATOM   1129 C CA  . PHE A 1 131 ? 7.598   6.324   -6.307  1.00 9.91  ? 137 PHE B CA  1 
ATOM   1130 C C   . PHE A 1 131 ? 8.179   6.652   -4.945  1.00 9.39  ? 137 PHE B C   1 
ATOM   1131 O O   . PHE A 1 131 ? 7.629   7.455   -4.195  1.00 10.23 ? 137 PHE B O   1 
ATOM   1132 C CB  . PHE A 1 131 ? 7.754   7.537   -7.212  1.00 11.15 ? 137 PHE B CB  1 
ATOM   1133 C CG  . PHE A 1 131 ? 9.178   8.000   -7.382  1.00 11.87 ? 137 PHE B CG  1 
ATOM   1134 C CD1 . PHE A 1 131 ? 10.093  7.231   -8.041  1.00 13.36 ? 137 PHE B CD1 1 
ATOM   1135 C CD2 . PHE A 1 131 ? 9.595   9.222   -6.887  1.00 13.67 ? 137 PHE B CD2 1 
ATOM   1136 C CE1 . PHE A 1 131 ? 11.409  7.667   -8.175  1.00 15.60 ? 137 PHE B CE1 1 
ATOM   1137 C CE2 . PHE A 1 131 ? 10.913  9.655   -7.009  1.00 15.79 ? 137 PHE B CE2 1 
ATOM   1138 C CZ  . PHE A 1 131 ? 11.800  8.862   -7.661  1.00 14.98 ? 137 PHE B CZ  1 
ATOM   1139 N N   . VAL A 1 132 ? 9.302   6.014   -4.623  1.00 10.00 ? 138 VAL B N   1 
ATOM   1140 C CA  . VAL A 1 132 ? 10.092  6.252   -3.395  1.00 10.35 ? 138 VAL B CA  1 
ATOM   1141 C C   . VAL A 1 132 ? 11.504  6.683   -3.787  1.00 9.41  ? 138 VAL B C   1 
ATOM   1142 O O   . VAL A 1 132 ? 12.182  5.975   -4.528  1.00 11.13 ? 138 VAL B O   1 
ATOM   1143 C CB  . VAL A 1 132 ? 10.109  5.026   -2.487  1.00 10.74 ? 138 VAL B CB  1 
ATOM   1144 C CG1 . VAL A 1 132 ? 10.927  5.315   -1.232  1.00 12.29 ? 138 VAL B CG1 1 
ATOM   1145 C CG2 . VAL A 1 132 ? 8.695   4.570   -2.132  1.00 12.59 ? 138 VAL B CG2 1 
ATOM   1146 N N   . ASP A 1 133 ? 11.905  7.818   -3.257  1.00 9.52  ? 139 ASP B N   1 
ATOM   1147 C CA  . ASP A 1 133 ? 13.330  8.258   -3.338  1.00 11.23 ? 139 ASP B CA  1 
ATOM   1148 C C   . ASP A 1 133 ? 13.855  8.248   -1.910  1.00 10.14 ? 139 ASP B C   1 
ATOM   1149 O O   . ASP A 1 133 ? 13.549  9.119   -1.101  1.00 10.37 ? 139 ASP B O   1 
ATOM   1150 C CB  . ASP A 1 133 ? 13.475  9.605   -4.009  1.00 12.25 ? 139 ASP B CB  1 
ATOM   1151 C CG  . ASP A 1 133 ? 14.922  10.092  -4.165  1.00 14.08 ? 139 ASP B CG  1 
ATOM   1152 O OD1 . ASP A 1 133 ? 15.803  9.643   -3.407  1.00 14.82 ? 139 ASP B OD1 1 
ATOM   1153 O OD2 . ASP A 1 133 ? 15.099  10.944  -5.076  1.00 18.09 ? 139 ASP B OD2 1 
ATOM   1154 N N   . TYR A 1 134 ? 14.624  7.206   -1.581  1.00 10.68 ? 140 TYR B N   1 
ATOM   1155 C CA  . TYR A 1 134 ? 15.048  6.995   -0.180  1.00 11.07 ? 140 TYR B CA  1 
ATOM   1156 C C   . TYR A 1 134 ? 15.901  8.157   0.341   1.00 11.36 ? 140 TYR B C   1 
ATOM   1157 O O   . TYR A 1 134 ? 15.660  8.753   1.348   1.00 12.45 ? 140 TYR B O   1 
ATOM   1158 C CB  . TYR A 1 134 ? 15.766  5.657   0.009   1.00 11.03 ? 140 TYR B CB  1 
ATOM   1159 C CG  . TYR A 1 134 ? 15.832  5.276   1.474   1.00 11.31 ? 140 TYR B CG  1 
ATOM   1160 C CD1 . TYR A 1 134 ? 16.729  5.865   2.357   1.00 11.64 ? 140 TYR B CD1 1 
ATOM   1161 C CD2 . TYR A 1 134 ? 14.952  4.333   2.005   1.00 11.33 ? 140 TYR B CD2 1 
ATOM   1162 C CE1 . TYR A 1 134 ? 16.727  5.577   3.706   1.00 11.41 ? 140 TYR B CE1 1 
ATOM   1163 C CE2 . TYR A 1 134 ? 14.941  4.020   3.359   1.00 11.33 ? 140 TYR B CE2 1 
ATOM   1164 C CZ  . TYR A 1 134 ? 15.822  4.642   4.229   1.00 10.88 ? 140 TYR B CZ  1 
ATOM   1165 O OH  . TYR A 1 134 ? 15.820  4.381   5.567   1.00 11.56 ? 140 TYR B OH  1 
ATOM   1166 N N   . GLU A 1 135 ? 16.886  8.507   -0.451  1.00 12.94 ? 141 GLU B N   1 
ATOM   1167 C CA  . GLU A 1 135 ? 17.867  9.555   -0.056  1.00 14.12 ? 141 GLU B CA  1 
ATOM   1168 C C   . GLU A 1 135 ? 17.188  10.901  0.075   1.00 13.70 ? 141 GLU B C   1 
ATOM   1169 O O   . GLU A 1 135 ? 17.416  11.607  1.076   1.00 15.23 ? 141 GLU B O   1 
ATOM   1170 C CB  . GLU A 1 135 ? 19.052  9.602   -1.015  1.00 16.09 ? 141 GLU B CB  1 
ATOM   1171 C CG  . GLU A 1 135 ? 20.112  8.561   -0.606  1.00 21.97 ? 141 GLU B CG  1 
ATOM   1172 C CD  . GLU A 1 135 ? 19.712  7.159   -0.916  1.00 23.49 ? 141 GLU B CD  1 
ATOM   1173 O OE1 . GLU A 1 135 ? 20.152  6.283   -0.246  1.00 24.19 ? 141 GLU B OE1 1 
ATOM   1174 O OE2 . GLU A 1 135 ? 18.915  6.971   -1.877  1.00 25.40 ? 141 GLU B OE2 1 
ATOM   1175 N N   . ALA A 1 136 ? 16.300  11.255  -0.839  1.00 12.38 ? 142 ALA B N   1 
ATOM   1176 C CA  . ALA A 1 136 ? 15.619  12.546  -0.821  1.00 13.22 ? 142 ALA B CA  1 
ATOM   1177 C C   . ALA A 1 136 ? 14.552  12.590  0.269   1.00 13.50 ? 142 ALA B C   1 
ATOM   1178 O O   . ALA A 1 136 ? 14.120  13.691  0.648   1.00 15.47 ? 142 ALA B O   1 
ATOM   1179 C CB  . ALA A 1 136 ? 15.023  12.838  -2.173  1.00 14.85 ? 142 ALA B CB  1 
ATOM   1180 N N   . GLY A 1 137 ? 14.070  11.463  0.786   1.00 11.46 ? 143 GLY B N   1 
ATOM   1181 C CA  . GLY A 1 137 ? 12.955  11.445  1.734   1.00 10.70 ? 143 GLY B CA  1 
ATOM   1182 C C   . GLY A 1 137 ? 11.611  11.796  1.074   1.00 9.60  ? 143 GLY B C   1 
ATOM   1183 O O   . GLY A 1 137 ? 10.902  12.649  1.621   1.00 10.93 ? 143 GLY B O   1 
ATOM   1184 N N   . VAL A 1 138 ? 11.336  11.162  -0.049  1.00 10.46 ? 144 VAL B N   1 
ATOM   1185 C CA  . VAL A 1 138 ? 10.100  11.441  -0.851  1.00 10.62 ? 144 VAL B CA  1 
ATOM   1186 C C   . VAL A 1 138 ? 9.353   10.131  -1.087  1.00 9.90  ? 144 VAL B C   1 
ATOM   1187 O O   . VAL A 1 138 ? 9.933   9.138   -1.547  1.00 10.54 ? 144 VAL B O   1 
ATOM   1188 C CB  . VAL A 1 138 ? 10.502  12.094  -2.187  1.00 11.16 ? 144 VAL B CB  1 
ATOM   1189 C CG1 . VAL A 1 138 ? 9.319   12.169  -3.173  1.00 12.06 ? 144 VAL B CG1 1 
ATOM   1190 C CG2 . VAL A 1 138 ? 11.093  13.472  -1.920  1.00 12.93 ? 144 VAL B CG2 1 
ATOM   1191 N N   . VAL A 1 139 ? 8.023   10.239  -0.947  1.00 9.82  ? 145 VAL B N   1 
ATOM   1192 C CA  . VAL A 1 139 ? 7.074   9.202   -1.444  1.00 9.52  ? 145 VAL B CA  1 
ATOM   1193 C C   . VAL A 1 139 ? 5.983   9.912   -2.266  1.00 8.77  ? 145 VAL B C   1 
ATOM   1194 O O   . VAL A 1 139 ? 5.295   10.751  -1.682  1.00 9.61  ? 145 VAL B O   1 
ATOM   1195 C CB  . VAL A 1 139 ? 6.445   8.412   -0.287  1.00 8.99  ? 145 VAL B CB  1 
ATOM   1196 C CG1 . VAL A 1 139 ? 5.559   7.299   -0.823  1.00 9.55  ? 145 VAL B CG1 1 
ATOM   1197 C CG2 . VAL A 1 139 ? 7.501   7.861   0.663   1.00 9.22  ? 145 VAL B CG2 1 
ATOM   1198 N N   . SER A 1 140 ? 5.868   9.571   -3.525  1.00 8.73  ? 146 SER B N   1 
ATOM   1199 C CA  . SER A 1 140 ? 4.866   10.198  -4.411  1.00 9.62  ? 146 SER B CA  1 
ATOM   1200 C C   . SER A 1 140 ? 3.944   9.141   -5.010  1.00 9.27  ? 146 SER B C   1 
ATOM   1201 O O   . SER A 1 140 ? 4.338   8.016   -5.254  1.00 9.76  ? 146 SER B O   1 
ATOM   1202 C CB  . SER A 1 140 ? 5.534   11.010  -5.506  1.00 9.59  ? 146 SER B CB  1 
ATOM   1203 O OG  . SER A 1 140 ? 6.283   12.110  -4.978  1.00 10.99 ? 146 SER B OG  1 
ATOM   1204 N N   . PHE A 1 141 ? 2.735   9.603   -5.297  1.00 8.56  ? 147 PHE B N   1 
ATOM   1205 C CA  . PHE A 1 141 ? 1.627   8.788   -5.807  1.00 9.08  ? 147 PHE B CA  1 
ATOM   1206 C C   . PHE A 1 141 ? 1.141   9.424   -7.106  1.00 9.15  ? 147 PHE B C   1 
ATOM   1207 O O   . PHE A 1 141 ? 0.856   10.656  -7.130  1.00 9.53  ? 147 PHE B O   1 
ATOM   1208 C CB  . PHE A 1 141 ? 0.475   8.666   -4.779  1.00 8.99  ? 147 PHE B CB  1 
ATOM   1209 C CG  . PHE A 1 141 ? 0.895   7.973   -3.504  1.00 8.66  ? 147 PHE B CG  1 
ATOM   1210 C CD1 . PHE A 1 141 ? 1.543   8.663   -2.488  1.00 8.89  ? 147 PHE B CD1 1 
ATOM   1211 C CD2 . PHE A 1 141 ? 0.627   6.620   -3.323  1.00 8.85  ? 147 PHE B CD2 1 
ATOM   1212 C CE1 . PHE A 1 141 ? 1.955   7.994   -1.335  1.00 8.76  ? 147 PHE B CE1 1 
ATOM   1213 C CE2 . PHE A 1 141 ? 1.073   5.968   -2.174  1.00 9.04  ? 147 PHE B CE2 1 
ATOM   1214 C CZ  . PHE A 1 141 ? 1.702   6.663   -1.167  1.00 8.63  ? 147 PHE B CZ  1 
ATOM   1215 N N   . TYR A 1 142 ? 0.845   8.587   -8.094  1.00 9.29  ? 148 TYR B N   1 
ATOM   1216 C CA  . TYR A 1 142 ? 0.479   9.024   -9.460  1.00 10.51 ? 148 TYR B CA  1 
ATOM   1217 C C   . TYR A 1 142 ? -0.766  8.277   -9.910  1.00 10.96 ? 148 TYR B C   1 
ATOM   1218 O O   . TYR A 1 142 ? -0.966  7.060   -9.665  1.00 11.26 ? 148 TYR B O   1 
ATOM   1219 C CB  . TYR A 1 142 ? 1.628   8.810   -10.434 1.00 10.93 ? 148 TYR B CB  1 
ATOM   1220 C CG  . TYR A 1 142 ? 2.839   9.635   -10.102 1.00 11.53 ? 148 TYR B CG  1 
ATOM   1221 C CD1 . TYR A 1 142 ? 2.951   10.965  -10.459 1.00 12.60 ? 148 TYR B CD1 1 
ATOM   1222 C CD2 . TYR A 1 142 ? 3.844   9.111   -9.293  1.00 12.25 ? 148 TYR B CD2 1 
ATOM   1223 C CE1 . TYR A 1 142 ? 4.024   11.750  -10.045 1.00 12.71 ? 148 TYR B CE1 1 
ATOM   1224 C CE2 . TYR A 1 142 ? 4.943   9.864   -8.897  1.00 12.91 ? 148 TYR B CE2 1 
ATOM   1225 C CZ  . TYR A 1 142 ? 5.044   11.182  -9.294  1.00 12.99 ? 148 TYR B CZ  1 
ATOM   1226 O OH  . TYR A 1 142 ? 6.124   11.955  -8.886  1.00 14.78 ? 148 TYR B OH  1 
ATOM   1227 N N   . ASN A 1 143 ? -1.594  8.995   -10.664 1.00 12.09 ? 149 ASN B N   1 
ATOM   1228 C CA  . ASN A 1 143 ? -2.884  8.487   -11.224 1.00 11.55 ? 149 ASN B CA  1 
ATOM   1229 C C   . ASN A 1 143 ? -2.586  7.939   -12.613 1.00 11.48 ? 149 ASN B C   1 
ATOM   1230 O O   . ASN A 1 143 ? -2.566  8.736   -13.607 1.00 13.73 ? 149 ASN B O   1 
ATOM   1231 C CB  . ASN A 1 143 ? -3.918  9.594   -11.254 1.00 11.70 ? 149 ASN B CB  1 
ATOM   1232 C CG  . ASN A 1 143 ? -5.301  9.099   -11.673 1.00 12.23 ? 149 ASN B CG  1 
ATOM   1233 O OD1 . ASN A 1 143 ? -5.409  8.046   -12.296 1.00 13.76 ? 149 ASN B OD1 1 
ATOM   1234 N ND2 . ASN A 1 143 ? -6.282  9.861   -11.333 1.00 13.29 ? 149 ASN B ND2 1 
ATOM   1235 N N   . ILE A 1 144 ? -2.393  6.633   -12.783 1.00 13.30 ? 150 ILE B N   1 
ATOM   1236 C CA  . ILE A 1 144 ? -2.000  6.070   -14.092 1.00 14.09 ? 150 ILE B CA  1 
ATOM   1237 C C   . ILE A 1 144 ? -3.179  6.216   -15.063 1.00 15.50 ? 150 ILE B C   1 
ATOM   1238 O O   . ILE A 1 144 ? -2.914  6.398   -16.279 1.00 17.39 ? 150 ILE B O   1 
ATOM   1239 C CB  . ILE A 1 144 ? -1.557  4.607   -13.924 1.00 14.52 ? 150 ILE B CB  1 
ATOM   1240 C CG1 . ILE A 1 144 ? -0.419  4.463   -12.897 1.00 15.88 ? 150 ILE B CG1 1 
ATOM   1241 C CG2 . ILE A 1 144 ? -1.192  3.957   -15.253 1.00 16.85 ? 150 ILE B CG2 1 
ATOM   1242 C CD1 . ILE A 1 144 ? 0.669   5.486   -13.034 1.00 19.68 ? 150 ILE B CD1 1 
ATOM   1243 N N   . THR A 1 145 ? -4.402  6.161   -14.602 1.00 14.70 ? 151 THR B N   1 
ATOM   1244 C CA  . THR A 1 145 ? -5.642  6.255   -15.444 1.00 15.50 ? 151 THR B CA  1 
ATOM   1245 C C   . THR A 1 145 ? -5.678  7.651   -16.062 1.00 18.55 ? 151 THR B C   1 
ATOM   1246 O O   . THR A 1 145 ? -6.108  7.776   -17.232 1.00 22.21 ? 151 THR B O   1 
ATOM   1247 C CB  . THR A 1 145 ? -6.874  5.960   -14.576 1.00 14.65 ? 151 THR B CB  1 
ATOM   1248 O OG1 . THR A 1 145 ? -6.668  4.705   -13.948 1.00 15.35 ? 151 THR B OG1 1 
ATOM   1249 C CG2 . THR A 1 145 ? -8.136  5.940   -15.417 1.00 16.21 ? 151 THR B CG2 1 
ATOM   1250 N N   . ASP A 1 146 ? -5.203  8.686   -15.375 1.00 17.02 ? 152 ASP B N   1 
ATOM   1251 C CA  . ASP A 1 146 ? -5.174  10.100  -15.853 1.00 18.48 ? 152 ASP B CA  1 
ATOM   1252 C C   . ASP A 1 146 ? -3.761  10.501  -16.307 1.00 18.77 ? 152 ASP B C   1 
ATOM   1253 O O   . ASP A 1 146 ? -3.261  11.517  -15.805 1.00 19.51 ? 152 ASP B O   1 
ATOM   1254 C CB  . ASP A 1 146 ? -5.778  10.974  -14.788 1.00 18.41 ? 152 ASP B CB  1 
ATOM   1255 C CG  . ASP A 1 146 ? -5.881  12.419  -15.186 1.00 21.71 ? 152 ASP B CG  1 
ATOM   1256 O OD1 . ASP A 1 146 ? -6.322  12.665  -16.322 1.00 24.47 ? 152 ASP B OD1 1 
ATOM   1257 O OD2 . ASP A 1 146 ? -5.525  13.256  -14.364 1.00 21.78 ? 152 ASP B OD2 1 
ATOM   1258 N N   . HIS A 1 147 ? -3.134  9.725   -17.177 1.00 20.40 ? 153 HIS B N   1 
ATOM   1259 C CA  . HIS A 1 147 ? -1.860  10.086  -17.852 1.00 23.43 ? 153 HIS B CA  1 
ATOM   1260 C C   . HIS A 1 147 ? -0.792  10.379  -16.792 1.00 21.77 ? 153 HIS B C   1 
ATOM   1261 O O   . HIS A 1 147 ? 0.042   11.244  -17.004 1.00 24.39 ? 153 HIS B O   1 
ATOM   1262 C CB  . HIS A 1 147 ? -1.998  11.329  -18.744 1.00 29.26 ? 153 HIS B CB  1 
ATOM   1263 C CG  . HIS A 1 147 ? -3.147  11.343  -19.699 1.00 38.08 ? 153 HIS B CG  1 
ATOM   1264 N ND1 . HIS A 1 147 ? -3.175  10.554  -20.835 1.00 44.63 ? 153 HIS B ND1 1 
ATOM   1265 C CD2 . HIS A 1 147 ? -4.273  12.092  -19.718 1.00 43.32 ? 153 HIS B CD2 1 
ATOM   1266 C CE1 . HIS A 1 147 ? -4.292  10.791  -21.501 1.00 48.43 ? 153 HIS B CE1 1 
ATOM   1267 N NE2 . HIS A 1 147 ? -4.983  11.740  -20.838 1.00 46.34 ? 153 HIS B NE2 1 
ATOM   1268 N N   . GLY A 1 148 ? -0.829  9.687   -15.656 1.00 18.43 ? 154 GLY B N   1 
ATOM   1269 C CA  . GLY A 1 148 ? 0.275   9.803   -14.677 1.00 15.72 ? 154 GLY B CA  1 
ATOM   1270 C C   . GLY A 1 148 ? 0.191   11.047  -13.835 1.00 14.02 ? 154 GLY B C   1 
ATOM   1271 O O   . GLY A 1 148 ? 1.234   11.399  -13.316 1.00 15.13 ? 154 GLY B O   1 
ATOM   1272 N N   . SER A 1 149 ? -0.923  11.708  -13.719 1.00 13.39 ? 155 SER B N   1 
ATOM   1273 C CA  . SER A 1 149 ? -0.992  12.976  -12.980 1.00 12.31 ? 155 SER B CA  1 
ATOM   1274 C C   . SER A 1 149 ? -0.619  12.754  -11.503 1.00 12.06 ? 155 SER B C   1 
ATOM   1275 O O   . SER A 1 149 ? -0.994  11.709  -10.887 1.00 12.32 ? 155 SER B O   1 
ATOM   1276 C CB  . SER A 1 149 ? -2.354  13.610  -13.134 1.00 13.60 ? 155 SER B CB  1 
ATOM   1277 O OG  . SER A 1 149 ? -3.431  12.768  -12.714 1.00 14.34 ? 155 SER B OG  1 
ATOM   1278 N N   . LEU A 1 150 ? -0.029  13.737  -10.868 1.00 11.25 ? 156 LEU B N   1 
ATOM   1279 C CA  . LEU A 1 150 ? 0.348   13.645  -9.441  1.00 10.71 ? 156 LEU B CA  1 
ATOM   1280 C C   . LEU A 1 150 ? -0.901  13.650  -8.581  1.00 10.44 ? 156 LEU B C   1 
ATOM   1281 O O   . LEU A 1 150 ? -1.815  14.499  -8.692  1.00 10.83 ? 156 LEU B O   1 
ATOM   1282 C CB  . LEU A 1 150 ? 1.238   14.850  -9.108  1.00 11.06 ? 156 LEU B CB  1 
ATOM   1283 C CG  . LEU A 1 150 ? 1.701   14.887  -7.634  1.00 10.79 ? 156 LEU B CG  1 
ATOM   1284 C CD1 . LEU A 1 150 ? 2.660   13.756  -7.304  1.00 10.98 ? 156 LEU B CD1 1 
ATOM   1285 C CD2 . LEU A 1 150 ? 2.409   16.230  -7.342  1.00 12.08 ? 156 LEU B CD2 1 
ATOM   1286 N N   . ILE A 1 151 ? -0.944  12.695  -7.638  1.00 9.95  ? 157 ILE B N   1 
ATOM   1287 C CA  . ILE A 1 151 ? -1.953  12.635  -6.574  1.00 9.96  ? 157 ILE B CA  1 
ATOM   1288 C C   . ILE A 1 151 ? -1.466  13.310  -5.287  1.00 9.05  ? 157 ILE B C   1 
ATOM   1289 O O   . ILE A 1 151 ? -2.143  14.103  -4.670  1.00 9.27  ? 157 ILE B O   1 
ATOM   1290 C CB  . ILE A 1 151 ? -2.387  11.173  -6.324  1.00 10.33 ? 157 ILE B CB  1 
ATOM   1291 C CG1 . ILE A 1 151 ? -3.085  10.581  -7.544  1.00 10.99 ? 157 ILE B CG1 1 
ATOM   1292 C CG2 . ILE A 1 151 ? -3.272  11.094  -5.094  1.00 10.67 ? 157 ILE B CG2 1 
ATOM   1293 C CD1 . ILE A 1 151 ? -3.264  9.070   -7.481  1.00 11.19 ? 157 ILE B CD1 1 
ATOM   1294 N N   . TYR A 1 152 ? -0.253  12.921  -4.830  1.00 8.94  ? 158 TYR B N   1 
ATOM   1295 C CA  . TYR A 1 152 ? 0.238   13.415  -3.528  1.00 9.22  ? 158 TYR B CA  1 
ATOM   1296 C C   . TYR A 1 152 ? 1.736   13.140  -3.431  1.00 8.79  ? 158 TYR B C   1 
ATOM   1297 O O   . TYR A 1 152 ? 2.188   12.084  -3.864  1.00 9.22  ? 158 TYR B O   1 
ATOM   1298 C CB  . TYR A 1 152 ? -0.462  12.705  -2.337  1.00 9.05  ? 158 TYR B CB  1 
ATOM   1299 C CG  . TYR A 1 152 ? -0.199  13.383  -1.037  1.00 9.06  ? 158 TYR B CG  1 
ATOM   1300 C CD1 . TYR A 1 152 ? -0.894  14.521  -0.642  1.00 9.33  ? 158 TYR B CD1 1 
ATOM   1301 C CD2 . TYR A 1 152 ? 0.784   12.919  -0.160  1.00 9.14  ? 158 TYR B CD2 1 
ATOM   1302 C CE1 . TYR A 1 152 ? -0.610  15.185  0.527   1.00 9.85  ? 158 TYR B CE1 1 
ATOM   1303 C CE2 . TYR A 1 152 ? 1.064   13.575  1.017   1.00 9.92  ? 158 TYR B CE2 1 
ATOM   1304 C CZ  . TYR A 1 152 ? 0.387   14.712  1.355   1.00 9.49  ? 158 TYR B CZ  1 
ATOM   1305 O OH  . TYR A 1 152 ? 0.702   15.402  2.506   1.00 11.97 ? 158 TYR B OH  1 
ATOM   1306 N N   . THR A 1 153 ? 2.466   14.077  -2.803  1.00 8.84  ? 159 THR B N   1 
ATOM   1307 C CA  . THR A 1 153 ? 3.891   13.913  -2.417  1.00 9.01  ? 159 THR B CA  1 
ATOM   1308 C C   . THR A 1 153 ? 4.062   14.142  -0.937  1.00 8.79  ? 159 THR B C   1 
ATOM   1309 O O   . THR A 1 153 ? 3.790   15.218  -0.432  1.00 10.01 ? 159 THR B O   1 
ATOM   1310 C CB  . THR A 1 153 ? 4.815   14.849  -3.225  1.00 9.61  ? 159 THR B CB  1 
ATOM   1311 O OG1 . THR A 1 153 ? 4.762   14.410  -4.575  1.00 10.54 ? 159 THR B OG1 1 
ATOM   1312 C CG2 . THR A 1 153 ? 6.238   14.844  -2.686  1.00 10.81 ? 159 THR B CG2 1 
ATOM   1313 N N   . PHE A 1 154 ? 4.549   13.095  -0.239  1.00 9.06  ? 160 PHE B N   1 
ATOM   1314 C CA  . PHE A 1 154 ? 5.145   13.240  1.112   1.00 9.05  ? 160 PHE B CA  1 
ATOM   1315 C C   . PHE A 1 154 ? 6.624   13.623  0.885   1.00 9.41  ? 160 PHE B C   1 
ATOM   1316 O O   . PHE A 1 154 ? 7.358   12.887  0.257   1.00 9.86  ? 160 PHE B O   1 
ATOM   1317 C CB  . PHE A 1 154 ? 5.152   11.927  1.890   1.00 9.61  ? 160 PHE B CB  1 
ATOM   1318 C CG  . PHE A 1 154 ? 3.797   11.394  2.308   1.00 8.31  ? 160 PHE B CG  1 
ATOM   1319 C CD1 . PHE A 1 154 ? 3.030   10.569  1.499   1.00 7.79  ? 160 PHE B CD1 1 
ATOM   1320 C CD2 . PHE A 1 154 ? 3.323   11.655  3.561   1.00 8.84  ? 160 PHE B CD2 1 
ATOM   1321 C CE1 . PHE A 1 154 ? 1.819   10.058  1.960   1.00 8.49  ? 160 PHE B CE1 1 
ATOM   1322 C CE2 . PHE A 1 154 ? 2.113   11.135  4.019   1.00 9.34  ? 160 PHE B CE2 1 
ATOM   1323 C CZ  . PHE A 1 154 ? 1.372   10.333  3.196   1.00 8.36  ? 160 PHE B CZ  1 
ATOM   1324 N N   . SER A 1 155 ? 7.011   14.773  1.430   1.00 10.47 ? 161 SER B N   1 
ATOM   1325 C CA  . SER A 1 155 ? 8.423   15.193  1.409   1.00 11.38 ? 161 SER B CA  1 
ATOM   1326 C C   . SER A 1 155 ? 8.885   15.378  2.836   1.00 11.00 ? 161 SER B C   1 
ATOM   1327 O O   . SER A 1 155 ? 8.129   15.344  3.786   1.00 12.57 ? 161 SER B O   1 
ATOM   1328 C CB  . SER A 1 155 ? 8.574   16.398  0.549   1.00 13.02 ? 161 SER B CB  1 
ATOM   1329 O OG  . SER A 1 155 ? 7.945   17.497  1.116   1.00 16.06 ? 161 SER B OG  1 
ATOM   1330 N N   . GLU A 1 156 ? 10.211  15.528  2.978   1.00 13.39 ? 162 GLU B N   1 
ATOM   1331 C CA  . GLU A 1 156 ? 10.853  15.610  4.326   1.00 14.28 ? 162 GLU B CA  1 
ATOM   1332 C C   . GLU A 1 156 ? 10.501  14.365  5.142   1.00 12.45 ? 162 GLU B C   1 
ATOM   1333 O O   . GLU A 1 156 ? 10.306  14.442  6.382   1.00 13.97 ? 162 GLU B O   1 
ATOM   1334 C CB  . GLU A 1 156 ? 10.426  16.868  5.082   1.00 17.09 ? 162 GLU B CB  1 
ATOM   1335 C CG  . GLU A 1 156 ? 10.488  18.177  4.313   1.00 22.36 ? 162 GLU B CG  1 
ATOM   1336 C CD  . GLU A 1 156 ? 10.239  19.316  5.275   1.00 31.99 ? 162 GLU B CD  1 
ATOM   1337 O OE1 . GLU A 1 156 ? 9.056   19.581  5.612   1.00 33.50 ? 162 GLU B OE1 1 
ATOM   1338 O OE2 . GLU A 1 156 ? 11.238  19.829  5.810   1.00 38.67 ? 162 GLU B OE2 1 
ATOM   1339 N N   . CYS A 1 157 ? 10.428  13.230  4.454   1.00 12.00 ? 163 CYS B N   1 
ATOM   1340 C CA  . CYS A 1 157 ? 10.121  11.958  5.145   1.00 11.26 ? 163 CYS B CA  1 
ATOM   1341 C C   . CYS A 1 157 ? 11.299  11.559  6.052   1.00 11.78 ? 163 CYS B C   1 
ATOM   1342 O O   . CYS A 1 157 ? 12.466  11.637  5.588   1.00 13.88 ? 163 CYS B O   1 
ATOM   1343 C CB  . CYS A 1 157 ? 9.806   10.796  4.192   1.00 10.44 ? 163 CYS B CB  1 
ATOM   1344 S SG  . CYS A 1 157 ? 8.333   11.065  3.182   1.00 11.04 ? 163 CYS B SG  1 
ATOM   1345 N N   . VAL A 1 158 ? 10.978  11.070  7.225   1.00 11.51 ? 164 VAL B N   1 
ATOM   1346 C CA  . VAL A 1 158 ? 12.022  10.539  8.141   1.00 12.43 ? 164 VAL B CA  1 
ATOM   1347 C C   . VAL A 1 158 ? 11.739  9.038   8.224   1.00 11.26 ? 164 VAL B C   1 
ATOM   1348 O O   . VAL A 1 158 ? 11.022  8.587   9.112   1.00 12.65 ? 164 VAL B O   1 
ATOM   1349 C CB  . VAL A 1 158 ? 12.030  11.344  9.468   1.00 14.79 ? 164 VAL B CB  1 
ATOM   1350 C CG1 . VAL A 1 158 ? 13.082  10.744  10.412  1.00 15.58 ? 164 VAL B CG1 1 
ATOM   1351 C CG2 . VAL A 1 158 ? 12.282  12.841  9.220   1.00 15.97 ? 164 VAL B CG2 1 
ATOM   1352 N N   . PHE A 1 159 ? 12.260  8.246   7.300   1.00 10.77 ? 165 PHE B N   1 
ATOM   1353 C CA  . PHE A 1 159 ? 11.943  6.808   7.165   1.00 11.22 ? 165 PHE B CA  1 
ATOM   1354 C C   . PHE A 1 159 ? 12.393  6.081   8.418   1.00 11.32 ? 165 PHE B C   1 
ATOM   1355 O O   . PHE A 1 159 ? 11.648  5.216   8.935   1.00 13.02 ? 165 PHE B O   1 
ATOM   1356 C CB  . PHE A 1 159 ? 12.515  6.251   5.880   1.00 10.50 ? 165 PHE B CB  1 
ATOM   1357 C CG  . PHE A 1 159 ? 11.933  6.863   4.621   1.00 10.50 ? 165 PHE B CG  1 
ATOM   1358 C CD1 . PHE A 1 159 ? 10.539  6.980   4.455   1.00 10.14 ? 165 PHE B CD1 1 
ATOM   1359 C CD2 . PHE A 1 159 ? 12.736  7.297   3.593   1.00 11.27 ? 165 PHE B CD2 1 
ATOM   1360 C CE1 . PHE A 1 159 ? 10.009  7.543   3.287   1.00 10.39 ? 165 PHE B CE1 1 
ATOM   1361 C CE2 . PHE A 1 159 ? 12.214  7.852   2.435   1.00 11.13 ? 165 PHE B CE2 1 
ATOM   1362 C CZ  . PHE A 1 159 ? 10.848  7.933   2.255   1.00 10.79 ? 165 PHE B CZ  1 
ATOM   1363 N N   . ALA A 1 160 ? 13.646  6.304   8.862   1.00 11.63 ? 166 ALA B N   1 
ATOM   1364 C CA  . ALA A 1 160 ? 14.197  5.794   10.143  1.00 12.13 ? 166 ALA B CA  1 
ATOM   1365 C C   . ALA A 1 160 ? 14.268  4.277   10.140  1.00 11.89 ? 166 ALA B C   1 
ATOM   1366 O O   . ALA A 1 160 ? 14.241  3.675   11.267  1.00 13.00 ? 166 ALA B O   1 
ATOM   1367 C CB  . ALA A 1 160 ? 13.453  6.350   11.284  1.00 12.55 ? 166 ALA B CB  1 
ATOM   1368 N N   . GLY A 1 161 ? 14.427  3.661   9.001   1.00 12.15 ? 167 GLY B N   1 
ATOM   1369 C CA  . GLY A 1 161 ? 14.566  2.203   8.903   1.00 12.41 ? 167 GLY B CA  1 
ATOM   1370 C C   . GLY A 1 161 ? 14.414  1.758   7.473   1.00 11.65 ? 167 GLY B C   1 
ATOM   1371 O O   . GLY A 1 161 ? 14.053  2.594   6.591   1.00 11.98 ? 167 GLY B O   1 
ATOM   1372 N N   . PRO A 1 162 ? 14.577  0.474   7.204   1.00 10.74 ? 168 PRO B N   1 
ATOM   1373 C CA  . PRO A 1 162 ? 14.224  -0.100  5.916   1.00 11.15 ? 168 PRO B CA  1 
ATOM   1374 C C   . PRO A 1 162 ? 12.715  0.080   5.656   1.00 10.66 ? 168 PRO B C   1 
ATOM   1375 O O   . PRO A 1 162 ? 11.917  0.031   6.593   1.00 11.11 ? 168 PRO B O   1 
ATOM   1376 C CB  . PRO A 1 162 ? 14.580  -1.593  6.003   1.00 11.74 ? 168 PRO B CB  1 
ATOM   1377 C CG  . PRO A 1 162 ? 15.490  -1.642  7.260   1.00 11.75 ? 168 PRO B CG  1 
ATOM   1378 C CD  . PRO A 1 162 ? 15.003  -0.577  8.159   1.00 10.73 ? 168 PRO B CD  1 
ATOM   1379 N N   . LEU A 1 163 ? 12.398  0.237   4.390   1.00 10.18 ? 169 LEU B N   1 
ATOM   1380 C CA  . LEU A 1 163 ? 10.979  0.367   3.930   1.00 9.68  ? 169 LEU B CA  1 
ATOM   1381 C C   . LEU A 1 163 ? 10.513  -0.908  3.254   1.00 10.33 ? 169 LEU B C   1 
ATOM   1382 O O   . LEU A 1 163 ? 11.250  -1.542  2.514   1.00 11.80 ? 169 LEU B O   1 
ATOM   1383 C CB  . LEU A 1 163 ? 10.845  1.550   2.959   1.00 10.69 ? 169 LEU B CB  1 
ATOM   1384 C CG  . LEU A 1 163 ? 11.039  2.950   3.537   1.00 11.72 ? 169 LEU B CG  1 
ATOM   1385 C CD1 . LEU A 1 163 ? 11.022  3.964   2.407   1.00 11.26 ? 169 LEU B CD1 1 
ATOM   1386 C CD2 . LEU A 1 163 ? 10.008  3.269   4.600   1.00 11.84 ? 169 LEU B CD2 1 
ATOM   1387 N N   . ARG A 1 164 ? 9.219   -1.187  3.414   1.00 9.65  ? 170 ARG B N   1 
ATOM   1388 C CA  . ARG A 1 164 ? 8.522   -2.264  2.707   1.00 10.01 ? 170 ARG B CA  1 
ATOM   1389 C C   . ARG A 1 164 ? 7.288   -1.737  1.980   1.00 8.87  ? 170 ARG B C   1 
ATOM   1390 O O   . ARG A 1 164 ? 6.572   -0.897  2.523   1.00 9.21  ? 170 ARG B O   1 
ATOM   1391 C CB  . ARG A 1 164 ? 8.152   -3.385  3.676   1.00 10.72 ? 170 ARG B CB  1 
ATOM   1392 C CG  . ARG A 1 164 ? 9.408   -4.028  4.295   1.00 12.70 ? 170 ARG B CG  1 
ATOM   1393 C CD  . ARG A 1 164 ? 9.137   -5.184  5.246   1.00 13.38 ? 170 ARG B CD  1 
ATOM   1394 N NE  . ARG A 1 164 ? 8.631   -6.297  4.475   1.00 13.69 ? 170 ARG B NE  1 
ATOM   1395 C CZ  . ARG A 1 164 ? 8.378   -7.470  5.029   1.00 13.90 ? 170 ARG B CZ  1 
ATOM   1396 N NH1 . ARG A 1 164 ? 8.667   -7.685  6.287   1.00 14.76 ? 170 ARG B NH1 1 
ATOM   1397 N NH2 . ARG A 1 164 ? 7.880   -8.421  4.297   1.00 13.67 ? 170 ARG B NH2 1 
ATOM   1398 N N   . PRO A 1 165 ? 6.973   -2.254  0.789   1.00 8.55  ? 171 PRO B N   1 
ATOM   1399 C CA  . PRO A 1 165 ? 5.677   -1.937  0.171   1.00 8.63  ? 171 PRO B CA  1 
ATOM   1400 C C   . PRO A 1 165 ? 4.545   -2.380  1.120   1.00 8.54  ? 171 PRO B C   1 
ATOM   1401 O O   . PRO A 1 165 ? 4.613   -3.409  1.766   1.00 9.30  ? 171 PRO B O   1 
ATOM   1402 C CB  . PRO A 1 165 ? 5.675   -2.742  -1.118  1.00 9.13  ? 171 PRO B CB  1 
ATOM   1403 C CG  . PRO A 1 165 ? 7.178   -3.008  -1.418  1.00 10.77 ? 171 PRO B CG  1 
ATOM   1404 C CD  . PRO A 1 165 ? 7.769   -3.153  -0.042  1.00 10.73 ? 171 PRO B CD  1 
ATOM   1405 N N   . PHE A 1 166 ? 3.515   -1.539  1.190   1.00 8.13  ? 172 PHE B N   1 
ATOM   1406 C CA  . PHE A 1 166 ? 2.389   -1.702  2.116   1.00 8.36  ? 172 PHE B CA  1 
ATOM   1407 C C   . PHE A 1 166 ? 1.059   -1.718  1.343   1.00 7.59  ? 172 PHE B C   1 
ATOM   1408 O O   . PHE A 1 166 ? 0.820   -0.900  0.452   1.00 8.14  ? 172 PHE B O   1 
ATOM   1409 C CB  . PHE A 1 166 ? 2.376   -0.560  3.131   1.00 8.88  ? 172 PHE B CB  1 
ATOM   1410 C CG  . PHE A 1 166 ? 1.171   -0.569  4.042   1.00 8.48  ? 172 PHE B CG  1 
ATOM   1411 C CD1 . PHE A 1 166 ? 1.120   -1.416  5.136   1.00 9.81  ? 172 PHE B CD1 1 
ATOM   1412 C CD2 . PHE A 1 166 ? 0.078   0.240   3.793   1.00 10.11 ? 172 PHE B CD2 1 
ATOM   1413 C CE1 . PHE A 1 166 ? -0.004  -1.471  5.938   1.00 10.10 ? 172 PHE B CE1 1 
ATOM   1414 C CE2 . PHE A 1 166 ? -1.055  0.152   4.590   1.00 10.09 ? 172 PHE B CE2 1 
ATOM   1415 C CZ  . PHE A 1 166 ? -1.080  -0.691  5.669   1.00 10.51 ? 172 PHE B CZ  1 
ATOM   1416 N N   . PHE A 1 167 ? 0.160   -2.635  1.756   1.00 7.79  ? 173 PHE B N   1 
ATOM   1417 C CA  . PHE A 1 167 ? -1.148  -2.873  1.104   1.00 8.18  ? 173 PHE B CA  1 
ATOM   1418 C C   . PHE A 1 167 ? -2.218  -3.117  2.159   1.00 8.48  ? 173 PHE B C   1 
ATOM   1419 O O   . PHE A 1 167 ? -1.998  -3.889  3.094   1.00 9.07  ? 173 PHE B O   1 
ATOM   1420 C CB  . PHE A 1 167 ? -1.115  -4.093  0.169   1.00 8.71  ? 173 PHE B CB  1 
ATOM   1421 C CG  . PHE A 1 167 ? 0.046   -4.074  -0.801  1.00 8.62  ? 173 PHE B CG  1 
ATOM   1422 C CD1 . PHE A 1 167 ? 1.288   -4.550  -0.439  1.00 8.63  ? 173 PHE B CD1 1 
ATOM   1423 C CD2 . PHE A 1 167 ? -0.117  -3.602  -2.090  1.00 9.95  ? 173 PHE B CD2 1 
ATOM   1424 C CE1 . PHE A 1 167 ? 2.377   -4.479  -1.312  1.00 9.25  ? 173 PHE B CE1 1 
ATOM   1425 C CE2 . PHE A 1 167 ? 0.952   -3.568  -2.983  1.00 10.55 ? 173 PHE B CE2 1 
ATOM   1426 C CZ  . PHE A 1 167 ? 2.177   -4.035  -2.598  1.00 9.98  ? 173 PHE B CZ  1 
ATOM   1427 N N   . ASN A 1 168 ? -3.407  -2.578  1.911   1.00 8.72  ? 174 ASN B N   1 
ATOM   1428 C CA  . ASN A 1 168 ? -4.632  -2.935  2.662   1.00 8.41  ? 174 ASN B CA  1 
ATOM   1429 C C   . ASN A 1 168 ? -5.726  -3.123  1.632   1.00 8.02  ? 174 ASN B C   1 
ATOM   1430 O O   . ASN A 1 168 ? -6.083  -2.166  0.914   1.00 8.79  ? 174 ASN B O   1 
ATOM   1431 C CB  . ASN A 1 168 ? -5.003  -1.851  3.666   1.00 8.68  ? 174 ASN B CB  1 
ATOM   1432 C CG  . ASN A 1 168 ? -6.160  -2.237  4.557   1.00 9.54  ? 174 ASN B CG  1 
ATOM   1433 O OD1 . ASN A 1 168 ? -6.774  -3.297  4.418   1.00 10.89 ? 174 ASN B OD1 1 
ATOM   1434 N ND2 . ASN A 1 168 ? -6.474  -1.403  5.522   1.00 11.45 ? 174 ASN B ND2 1 
ATOM   1435 N N   . VAL A 1 169 ? -6.280  -4.338  1.524   1.00 8.69  ? 175 VAL B N   1 
ATOM   1436 C CA  . VAL A 1 169 ? -7.377  -4.607  0.566   1.00 9.42  ? 175 VAL B CA  1 
ATOM   1437 C C   . VAL A 1 169 ? -8.699  -4.035  1.060   1.00 8.97  ? 175 VAL B C   1 
ATOM   1438 O O   . VAL A 1 169 ? -9.673  -4.022  0.269   1.00 10.27 ? 175 VAL B O   1 
ATOM   1439 C CB  . VAL A 1 169 ? -7.545  -6.106  0.224   1.00 9.89  ? 175 VAL B CB  1 
ATOM   1440 C CG1 . VAL A 1 169 ? -6.309  -6.666  -0.440  1.00 10.99 ? 175 VAL B CG1 1 
ATOM   1441 C CG2 . VAL A 1 169 ? -7.924  -6.946  1.434   1.00 10.36 ? 175 VAL B CG2 1 
ATOM   1442 N N   . GLY A 1 170 ? -8.772  -3.635  2.327   1.00 10.00 ? 176 GLY B N   1 
ATOM   1443 C CA  . GLY A 1 170 ? -10.027 -3.144  2.932   1.00 10.61 ? 176 GLY B CA  1 
ATOM   1444 C C   . GLY A 1 170 ? -10.969 -4.254  3.309   1.00 10.49 ? 176 GLY B C   1 
ATOM   1445 O O   . GLY A 1 170 ? -10.883 -5.391  2.859   1.00 10.18 ? 176 GLY B O   1 
ATOM   1446 N N   . PHE A 1 171 ? -11.936 -3.829  4.118   0.36 10.52 ? 177 PHE B N   1 
ATOM   1447 C CA  . PHE A 1 171 ? -13.044 -4.672  4.608   0.36 9.98  ? 177 PHE B CA  1 
ATOM   1448 C C   . PHE A 1 171 ? -14.025 -4.907  3.457   0.36 10.07 ? 177 PHE B C   1 
ATOM   1449 O O   . PHE A 1 171 ? -14.003 -4.144  2.479   0.36 9.93  ? 177 PHE B O   1 
ATOM   1450 C CB  . PHE A 1 171 ? -13.659 -4.017  5.844   0.36 9.84  ? 177 PHE B CB  1 
ATOM   1451 C CG  . PHE A 1 171 ? -12.764 -4.035  7.060   0.36 9.78  ? 177 PHE B CG  1 
ATOM   1452 C CD1 . PHE A 1 171 ? -12.459 -5.236  7.673   0.36 9.80  ? 177 PHE B CD1 1 
ATOM   1453 C CD2 . PHE A 1 171 ? -12.213 -2.874  7.581   0.36 10.10 ? 177 PHE B CD2 1 
ATOM   1454 C CE1 . PHE A 1 171 ? -11.644 -5.282  8.790   0.36 10.02 ? 177 PHE B CE1 1 
ATOM   1455 C CE2 . PHE A 1 171 ? -11.394 -2.921  8.702   0.36 9.85  ? 177 PHE B CE2 1 
ATOM   1456 C CZ  . PHE A 1 171 ? -11.110 -4.131  9.302   0.36 9.69  ? 177 PHE B CZ  1 
ATOM   1457 N N   . ASN A 1 172 ? -14.853 -5.947  3.562   1.00 10.54 ? 178 ASN B N   1 
ATOM   1458 C CA  . ASN A 1 172 ? -15.908 -6.149  2.559   1.00 9.70  ? 178 ASN B CA  1 
ATOM   1459 C C   . ASN A 1 172 ? -17.233 -6.301  3.315   1.00 10.35 ? 178 ASN B C   1 
ATOM   1460 O O   . ASN A 1 172 ? -18.004 -7.235  2.997   1.00 12.03 ? 178 ASN B O   1 
ATOM   1461 C CB  . ASN A 1 172 ? -15.605 -7.322  1.647   1.00 10.76 ? 178 ASN B CB  1 
ATOM   1462 C CG  . ASN A 1 172 ? -16.562 -7.388  0.492   1.00 10.71 ? 178 ASN B CG  1 
ATOM   1463 O OD1 . ASN A 1 172 ? -17.148 -6.415  0.058   1.00 10.72 ? 178 ASN B OD1 1 
ATOM   1464 N ND2 . ASN A 1 172 ? -16.736 -8.589  -0.016  1.00 12.54 ? 178 ASN B ND2 1 
ATOM   1465 N N   . TYR A 1 173 ? -17.566 -5.391  4.189   1.00 10.41 ? 179 TYR B N   1 
ATOM   1466 C CA  . TYR A 1 173 ? -18.899 -5.388  4.857   1.00 9.98  ? 179 TYR B CA  1 
ATOM   1467 C C   . TYR A 1 173 ? -19.988 -5.139  3.827   1.00 10.57 ? 179 TYR B C   1 
ATOM   1468 O O   . TYR A 1 173 ? -21.158 -5.651  4.006   1.00 11.87 ? 179 TYR B O   1 
ATOM   1469 C CB  . TYR A 1 173 ? -18.980 -4.307  5.945   1.00 10.77 ? 179 TYR B CB  1 
ATOM   1470 C CG  . TYR A 1 173 ? -18.066 -4.513  7.130   1.00 12.77 ? 179 TYR B CG  1 
ATOM   1471 C CD1 . TYR A 1 173 ? -18.387 -5.419  8.136   1.00 15.43 ? 179 TYR B CD1 1 
ATOM   1472 C CD2 . TYR A 1 173 ? -16.936 -3.718  7.307   1.00 14.25 ? 179 TYR B CD2 1 
ATOM   1473 C CE1 . TYR A 1 173 ? -17.525 -5.637  9.213   1.00 17.31 ? 179 TYR B CE1 1 
ATOM   1474 C CE2 . TYR A 1 173 ? -16.075 -3.925  8.392   1.00 15.19 ? 179 TYR B CE2 1 
ATOM   1475 C CZ  . TYR A 1 173 ? -16.364 -4.898  9.310   1.00 17.34 ? 179 TYR B CZ  1 
ATOM   1476 O OH  . TYR A 1 173 ? -15.566 -5.088  10.417  1.00 23.28 ? 179 TYR B OH  1 
ATOM   1477 N N   . SER A 1 174 ? -19.771 -4.377  2.766   1.00 10.40 ? 180 SER B N   1 
ATOM   1478 C CA  . SER A 1 174 ? -20.796 -3.941  1.804   1.00 11.81 ? 180 SER B CA  1 
ATOM   1479 C C   . SER A 1 174 ? -21.088 -5.026  0.760   1.00 11.17 ? 180 SER B C   1 
ATOM   1480 O O   . SER A 1 174 ? -22.107 -4.928  0.046   1.00 13.21 ? 180 SER B O   1 
ATOM   1481 C CB  . SER A 1 174 ? -20.374 -2.708  1.087   1.00 11.99 ? 180 SER B CB  1 
ATOM   1482 O OG  . SER A 1 174 ? -19.200 -3.020  0.292   1.00 12.08 ? 180 SER B OG  1 
ATOM   1483 N N   . GLY A 1 175 ? -20.204 -5.989  0.579   1.00 10.44 ? 181 GLY B N   1 
ATOM   1484 C CA  . GLY A 1 175 ? -20.302 -6.896  -0.570  1.00 11.54 ? 181 GLY B CA  1 
ATOM   1485 C C   . GLY A 1 175 ? -19.874 -6.249  -1.861  1.00 11.87 ? 181 GLY B C   1 
ATOM   1486 O O   . GLY A 1 175 ? -20.010 -6.893  -2.923  1.00 14.50 ? 181 GLY B O   1 
ATOM   1487 N N   . GLY A 1 176 ? -19.389 -5.019  -1.863  1.00 10.91 ? 182 GLY B N   1 
ATOM   1488 C CA  . GLY A 1 176 ? -18.924 -4.322  -3.067  1.00 11.29 ? 182 GLY B CA  1 
ATOM   1489 C C   . GLY A 1 176 ? -17.399 -4.148  -3.095  1.00 10.89 ? 182 GLY B C   1 
ATOM   1490 O O   . GLY A 1 176 ? -16.936 -3.488  -4.052  1.00 12.84 ? 182 GLY B O   1 
ATOM   1491 N N   . ASN A 1 177 ? -16.649 -4.722  -2.187  1.00 9.49  ? 183 ASN B N   1 
ATOM   1492 C CA  . ASN A 1 177 ? -15.193 -4.497  -2.099  1.00 9.33  ? 183 ASN B CA  1 
ATOM   1493 C C   . ASN A 1 177 ? -14.418 -5.806  -2.155  1.00 9.75  ? 183 ASN B C   1 
ATOM   1494 O O   . ASN A 1 177 ? -13.280 -5.834  -1.688  1.00 11.17 ? 183 ASN B O   1 
ATOM   1495 C CB  . ASN A 1 177 ? -14.822 -3.710  -0.851  1.00 9.42  ? 183 ASN B CB  1 
ATOM   1496 C CG  . ASN A 1 177 ? -13.427 -3.093  -0.966  1.00 9.02  ? 183 ASN B CG  1 
ATOM   1497 O OD1 . ASN A 1 177 ? -13.026 -2.681  -2.056  1.00 9.87  ? 183 ASN B OD1 1 
ATOM   1498 N ND2 . ASN A 1 177 ? -12.723 -3.084  0.153   1.00 9.23  ? 183 ASN B ND2 1 
ATOM   1499 N N   . ALA A 1 178 ? -14.919 -6.838  -2.840  1.00 10.32 ? 184 ALA B N   1 
ATOM   1500 C CA  . ALA A 1 178 ? -14.222 -8.140  -2.909  1.00 11.23 ? 184 ALA B CA  1 
ATOM   1501 C C   . ALA A 1 178 ? -13.045 -8.125  -3.888  1.00 11.47 ? 184 ALA B C   1 
ATOM   1502 O O   . ALA A 1 178 ? -12.203 -9.010  -3.777  1.00 12.93 ? 184 ALA B O   1 
ATOM   1503 C CB  . ALA A 1 178 ? -15.220 -9.245  -3.333  1.00 12.13 ? 184 ALA B CB  1 
ATOM   1504 N N   . ALA A 1 179 ? -12.996 -7.186  -4.807  1.00 10.32 ? 185 ALA B N   1 
ATOM   1505 C CA  . ALA A 1 179 ? -11.963 -7.238  -5.870  1.00 10.64 ? 185 ALA B CA  1 
ATOM   1506 C C   . ALA A 1 179 ? -10.560 -7.197  -5.270  1.00 10.73 ? 185 ALA B C   1 
ATOM   1507 O O   . ALA A 1 179 ? -10.291 -6.565  -4.219  1.00 10.39 ? 185 ALA B O   1 
ATOM   1508 C CB  . ALA A 1 179 ? -12.161 -6.129  -6.859  1.00 11.19 ? 185 ALA B CB  1 
ATOM   1509 N N   . PRO A 1 180 ? -9.585  -7.800  -5.953  1.00 10.96 ? 186 PRO B N   1 
ATOM   1510 C CA  . PRO A 1 180 ? -8.202  -7.819  -5.459  1.00 10.88 ? 186 PRO B CA  1 
ATOM   1511 C C   . PRO A 1 180 ? -7.418  -6.498  -5.674  1.00 9.97  ? 186 PRO B C   1 
ATOM   1512 O O   . PRO A 1 180 ? -7.781  -5.696  -6.498  1.00 11.15 ? 186 PRO B O   1 
ATOM   1513 C CB  . PRO A 1 180 ? -7.543  -8.920  -6.333  1.00 11.99 ? 186 PRO B CB  1 
ATOM   1514 C CG  . PRO A 1 180 ? -8.288  -8.848  -7.621  1.00 14.70 ? 186 PRO B CG  1 
ATOM   1515 C CD  . PRO A 1 180 ? -9.729  -8.583  -7.192  1.00 13.18 ? 186 PRO B CD  1 
ATOM   1516 N N   . LEU A 1 181 ? -6.325  -6.357  -4.926  1.00 10.15 ? 187 LEU B N   1 
ATOM   1517 C CA  . LEU A 1 181 ? -5.192  -5.491  -5.348  1.00 10.05 ? 187 LEU B CA  1 
ATOM   1518 C C   . LEU A 1 181 ? -4.277  -6.352  -6.203  1.00 10.38 ? 187 LEU B C   1 
ATOM   1519 O O   . LEU A 1 181 ? -3.958  -7.507  -5.813  1.00 12.86 ? 187 LEU B O   1 
ATOM   1520 C CB  . LEU A 1 181 ? -4.467  -4.966  -4.139  1.00 10.15 ? 187 LEU B CB  1 
ATOM   1521 C CG  . LEU A 1 181 ? -5.261  -4.002  -3.258  1.00 10.94 ? 187 LEU B CG  1 
ATOM   1522 C CD1 . LEU A 1 181 ? -4.518  -3.662  -1.979  1.00 11.44 ? 187 LEU B CD1 1 
ATOM   1523 C CD2 . LEU A 1 181 ? -5.628  -2.711  -3.964  1.00 11.60 ? 187 LEU B CD2 1 
ATOM   1524 N N   . LYS A 1 182 ? -3.802  -5.811  -7.315  1.00 10.02 ? 188 LYS B N   1 
ATOM   1525 C CA  . LYS A 1 182 ? -2.900  -6.576  -8.208  1.00 11.12 ? 188 LYS B CA  1 
ATOM   1526 C C   . LYS A 1 182 ? -1.660  -5.731  -8.490  1.00 11.06 ? 188 LYS B C   1 
ATOM   1527 O O   . LYS A 1 182 ? -1.791  -4.571  -8.956  1.00 12.04 ? 188 LYS B O   1 
ATOM   1528 C CB  . LYS A 1 182 ? -3.560  -6.963  -9.541  1.00 13.02 ? 188 LYS B CB  1 
ATOM   1529 C CG  . LYS A 1 182 ? -4.897  -7.675  -9.474  1.00 16.32 ? 188 LYS B CG  1 
ATOM   1530 C CD  . LYS A 1 182 ? -5.396  -8.148  -10.851 1.00 20.08 ? 188 LYS B CD  1 
ATOM   1531 C CE  . LYS A 1 182 ? -6.843  -8.581  -10.892 1.00 24.18 ? 188 LYS B CE  1 
ATOM   1532 N NZ  . LYS A 1 182 ? -7.231  -8.838  -12.302 1.00 30.18 ? 188 LYS B NZ  1 
ATOM   1533 N N   . LEU A 1 183 ? -0.494  -6.307  -8.394  1.00 10.85 ? 189 LEU B N   1 
ATOM   1534 C CA  . LEU A 1 183 ? 0.759   -5.649  -8.851  1.00 11.44 ? 189 LEU B CA  1 
ATOM   1535 C C   . LEU A 1 183 ? 0.829   -5.768  -10.364 1.00 13.28 ? 189 LEU B C   1 
ATOM   1536 O O   . LEU A 1 183 ? 0.838   -6.939  -10.882 1.00 16.51 ? 189 LEU B O   1 
ATOM   1537 C CB  . LEU A 1 183 ? 1.940   -6.287  -8.133  1.00 12.67 ? 189 LEU B CB  1 
ATOM   1538 C CG  . LEU A 1 183 ? 2.070   -5.802  -6.689  1.00 13.66 ? 189 LEU B CG  1 
ATOM   1539 C CD1 . LEU A 1 183 ? 2.760   -6.790  -5.769  1.00 16.99 ? 189 LEU B CD1 1 
ATOM   1540 C CD2 . LEU A 1 183 ? 2.710   -4.404  -6.627  1.00 11.88 ? 189 LEU B CD2 1 
ATOM   1541 N N   . CYS A 1 184 ? 0.865   -4.635  -11.035 1.00 14.37 ? 190 CYS B N   1 
ATOM   1542 C CA  . CYS A 1 184 ? 0.829   -4.562  -12.530 1.00 16.96 ? 190 CYS B CA  1 
ATOM   1543 C C   . CYS A 1 184 ? 2.190   -4.866  -13.122 1.00 18.85 ? 190 CYS B C   1 
ATOM   1544 O O   . CYS A 1 184 ? 3.213   -4.489  -12.584 1.00 20.27 ? 190 CYS B O   1 
ATOM   1545 C CB  . CYS A 1 184 ? 0.584   -3.146  -13.019 1.00 18.58 ? 190 CYS B CB  1 
ATOM   1546 S SG  . CYS A 1 184 ? -0.805  -2.320  -12.262 1.00 19.93 ? 190 CYS B SG  1 
ATOM   1547 N N   . PRO A 1 185 ? 2.234   -5.523  -14.302 1.00 24.63 ? 191 PRO B N   1 
ATOM   1548 C CA  . PRO A 1 185 ? 3.493   -5.889  -14.924 1.00 29.63 ? 191 PRO B CA  1 
ATOM   1549 C C   . PRO A 1 185 ? 4.178   -4.599  -15.379 1.00 27.96 ? 191 PRO B C   1 
ATOM   1550 O O   . PRO A 1 185 ? 3.491   -3.641  -15.736 1.00 30.02 ? 191 PRO B O   1 
ATOM   1551 C CB  . PRO A 1 185 ? 3.061   -6.839  -16.060 1.00 28.50 ? 191 PRO B CB  1 
ATOM   1552 C CG  . PRO A 1 185 ? 1.669   -6.397  -16.394 1.00 29.25 ? 191 PRO B CG  1 
ATOM   1553 C CD  . PRO A 1 185 ? 1.069   -5.996  -15.065 1.00 26.67 ? 191 PRO B CD  1 
ATOM   1554 N N   . LEU A 1 186 ? 5.510   -4.641  -15.340 1.00 34.70 ? 192 LEU B N   1 
ATOM   1555 C CA  . LEU A 1 186 ? 6.479   -3.677  -15.929 1.00 36.13 ? 192 LEU B CA  1 
ATOM   1556 C C   . LEU A 1 186 ? 6.244   -3.535  -17.435 1.00 42.22 ? 192 LEU B C   1 
ATOM   1557 O O   . LEU A 1 186 ? 6.769   -2.578  -18.029 1.00 45.50 ? 192 LEU B O   1 
ATOM   1558 C CB  . LEU A 1 186 ? 7.892   -4.208  -15.668 1.00 36.43 ? 192 LEU B CB  1 
HETATM 1559 N N1  . T6J B 2 .   ? -13.189 -9.223  9.055   0.36 18.39 ? 201 T6J B N1  1 
HETATM 1560 C C4  . T6J B 2 .   ? -9.703  -8.637  8.536   0.36 18.10 ? 201 T6J B C4  1 
HETATM 1561 C C5  . T6J B 2 .   ? -9.212  -8.294  9.798   0.36 18.24 ? 201 T6J B C5  1 
HETATM 1562 C C6  . T6J B 2 .   ? -10.066 -8.241  10.902  0.36 18.54 ? 201 T6J B C6  1 
HETATM 1563 C C7  . T6J B 2 .   ? -11.414 -8.542  10.755  0.36 18.46 ? 201 T6J B C7  1 
HETATM 1564 C C8  . T6J B 2 .   ? -11.927 -8.892  9.478   0.36 18.35 ? 201 T6J B C8  1 
HETATM 1565 N N   . T6J B 2 .   ? -11.882 -9.295  7.338   0.36 18.92 ? 201 T6J B N   1 
HETATM 1566 C C   . T6J B 2 .   ? -16.070 -7.502  7.445   0.36 18.18 ? 201 T6J B C   1 
HETATM 1567 O O   . T6J B 2 .   ? -14.275 -7.472  5.544   0.36 17.57 ? 201 T6J B O   1 
HETATM 1568 C C1  . T6J B 2 .   ? -14.295 -9.869  6.844   0.36 18.99 ? 201 T6J B C1  1 
HETATM 1569 C C2  . T6J B 2 .   ? -13.137 -9.462  7.747   0.36 19.18 ? 201 T6J B C2  1 
HETATM 1570 C C3  . T6J B 2 .   ? -11.099 -8.941  8.387   0.36 18.66 ? 201 T6J B C3  1 
HETATM 1571 O O1  . T6J B 2 .   ? -16.042 -8.780  5.068   0.36 19.95 ? 201 T6J B O1  1 
HETATM 1572 S S   . T6J B 2 .   ? -15.169 -8.414  6.189   0.36 18.15 ? 201 T6J B S   1 
HETATM 1573 C C1  . EDO C 3 .   ? -9.250  -5.767  22.417  1.00 34.77 ? 202 EDO B C1  1 
HETATM 1574 O O1  . EDO C 3 .   ? -8.485  -5.866  21.235  1.00 28.94 ? 202 EDO B O1  1 
HETATM 1575 C C2  . EDO C 3 .   ? -10.397 -4.870  22.231  1.00 34.62 ? 202 EDO B C2  1 
HETATM 1576 O O2  . EDO C 3 .   ? -11.227 -5.336  21.184  1.00 42.31 ? 202 EDO B O2  1 
HETATM 1577 S S   . SO4 D 4 .   ? -2.655  5.915   17.039  1.00 34.52 ? 203 SO4 B S   1 
HETATM 1578 O O1  . SO4 D 4 .   ? -2.010  4.786   16.420  1.00 22.66 ? 203 SO4 B O1  1 
HETATM 1579 O O2  . SO4 D 4 .   ? -2.597  5.791   18.467  1.00 40.95 ? 203 SO4 B O2  1 
HETATM 1580 O O3  . SO4 D 4 .   ? -1.960  7.118   16.630  1.00 40.86 ? 203 SO4 B O3  1 
HETATM 1581 O O4  . SO4 D 4 .   ? -4.039  6.012   16.626  1.00 36.50 ? 203 SO4 B O4  1 
HETATM 1582 O O   . HOH E 5 .   ? -13.181 -8.262  -9.309  1.00 32.47 ? 301 HOH B O   1 
HETATM 1583 O O   . HOH E 5 .   ? 9.940   9.502   11.553  1.00 18.47 ? 302 HOH B O   1 
HETATM 1584 O O   . HOH E 5 .   ? -12.518 9.256   3.080   1.00 28.95 ? 303 HOH B O   1 
HETATM 1585 O O   . HOH E 5 .   ? -12.396 -20.680 7.683   1.00 17.38 ? 304 HOH B O   1 
HETATM 1586 O O   . HOH E 5 .   ? -6.167  2.888   -15.900 1.00 25.41 ? 305 HOH B O   1 
HETATM 1587 O O   . HOH E 5 .   ? -19.660 -0.053  -5.239  1.00 28.26 ? 306 HOH B O   1 
HETATM 1588 O O   . HOH E 5 .   ? 7.548   -9.158  8.813   1.00 21.04 ? 307 HOH B O   1 
HETATM 1589 O O   . HOH E 5 .   ? -18.397 -16.930 0.137   1.00 40.08 ? 308 HOH B O   1 
HETATM 1590 O O   . HOH E 5 .   ? -15.770 -8.279  -8.553  1.00 23.48 ? 309 HOH B O   1 
HETATM 1591 O O   . HOH E 5 .   ? 20.457  5.212   2.044   1.00 13.40 ? 310 HOH B O   1 
HETATM 1592 O O   . HOH E 5 .   ? 18.128  0.529   6.543   1.00 14.65 ? 311 HOH B O   1 
HETATM 1593 O O   . HOH E 5 .   ? -17.700 -2.417  -6.273  1.00 32.99 ? 312 HOH B O   1 
HETATM 1594 O O   . HOH E 5 .   ? -12.380 -11.413 -2.444  1.00 18.17 ? 313 HOH B O   1 
HETATM 1595 O O   . HOH E 5 .   ? 9.438   15.620  8.555   1.00 30.41 ? 314 HOH B O   1 
HETATM 1596 O O   . HOH E 5 .   ? -7.551  -4.105  19.531  1.00 19.87 ? 315 HOH B O   1 
HETATM 1597 O O   . HOH E 5 .   ? -2.103  -16.607 0.954   1.00 18.01 ? 316 HOH B O   1 
HETATM 1598 O O   . HOH E 5 .   ? 2.960   -18.587 -3.796  1.00 29.81 ? 317 HOH B O   1 
HETATM 1599 O O   . HOH E 5 .   ? 2.601   3.867   -16.350 1.00 27.65 ? 318 HOH B O   1 
HETATM 1600 O O   . HOH E 5 .   ? 4.205   -8.441  16.545  1.00 25.86 ? 319 HOH B O   1 
HETATM 1601 O O   . HOH E 5 .   ? -3.491  9.480   9.587   1.00 22.97 ? 320 HOH B O   1 
HETATM 1602 O O   . HOH E 5 .   ? 1.352   -0.224  13.029  1.00 27.04 ? 321 HOH B O   1 
HETATM 1603 O O   . HOH E 5 .   ? -23.078 -3.041  -1.537  1.00 20.00 ? 322 HOH B O   1 
HETATM 1604 O O   . HOH E 5 .   ? -14.814 -10.905 4.074   1.00 28.25 ? 323 HOH B O   1 
HETATM 1605 O O   . HOH E 5 .   ? 13.262  12.418  -6.293  1.00 24.77 ? 324 HOH B O   1 
HETATM 1606 O O   . HOH E 5 .   ? 12.886  0.015   11.565  1.00 24.76 ? 325 HOH B O   1 
HETATM 1607 O O   . HOH E 5 .   ? 2.129   2.318   15.984  1.00 30.20 ? 326 HOH B O   1 
HETATM 1608 O O   . HOH E 5 .   ? 9.387   19.739  1.305   1.00 26.36 ? 327 HOH B O   1 
HETATM 1609 O O   . HOH E 5 .   ? -9.769  4.246   -7.079  1.00 13.39 ? 328 HOH B O   1 
HETATM 1610 O O   . HOH E 5 .   ? -10.447 -3.849  13.022  1.00 30.55 ? 329 HOH B O   1 
HETATM 1611 O O   . HOH E 5 .   ? -17.391 -13.534 5.521   1.00 34.36 ? 330 HOH B O   1 
HETATM 1612 O O   . HOH E 5 .   ? 16.789  2.804   -9.845  1.00 29.99 ? 331 HOH B O   1 
HETATM 1613 O O   . HOH E 5 .   ? -7.970  17.003  8.107   1.00 36.33 ? 332 HOH B O   1 
HETATM 1614 O O   . HOH E 5 .   ? -0.721  9.110   14.241  1.00 30.60 ? 333 HOH B O   1 
HETATM 1615 O O   . HOH E 5 .   ? 6.128   15.981  -6.304  1.00 15.60 ? 334 HOH B O   1 
HETATM 1616 O O   . HOH E 5 .   ? -2.619  -25.123 6.999   1.00 27.87 ? 335 HOH B O   1 
HETATM 1617 O O   . HOH E 5 .   ? -21.488 -7.285  6.145   1.00 25.61 ? 336 HOH B O   1 
HETATM 1618 O O   . HOH E 5 .   ? 3.040   15.293  3.881   1.00 15.37 ? 337 HOH B O   1 
HETATM 1619 O O   . HOH E 5 .   ? -11.850 -6.608  0.486   1.00 13.75 ? 338 HOH B O   1 
HETATM 1620 O O   . HOH E 5 .   ? 20.989  3.338   -4.111  1.00 41.42 ? 339 HOH B O   1 
HETATM 1621 O O   . HOH E 5 .   ? 6.706   -5.168  13.995  1.00 29.14 ? 340 HOH B O   1 
HETATM 1622 O O   . HOH E 5 .   ? -7.802  11.304  -18.150 1.00 41.38 ? 341 HOH B O   1 
HETATM 1623 O O   . HOH E 5 .   ? -15.622 4.275   -1.921  1.00 13.35 ? 342 HOH B O   1 
HETATM 1624 O O   . HOH E 5 .   ? 8.379   12.749  -6.593  1.00 23.27 ? 343 HOH B O   1 
HETATM 1625 O O   . HOH E 5 .   ? -16.610 9.678   5.091   1.00 17.61 ? 344 HOH B O   1 
HETATM 1626 O O   . HOH E 5 .   ? -7.046  2.091   7.037   1.00 30.89 ? 345 HOH B O   1 
HETATM 1627 O O   . HOH E 5 .   ? 6.092   -4.542  -9.360  1.00 16.03 ? 346 HOH B O   1 
HETATM 1628 O O   . HOH E 5 .   ? 0.494   7.416   5.969   1.00 10.81 ? 347 HOH B O   1 
HETATM 1629 O O   . HOH E 5 .   ? -3.515  -15.116 4.850   1.00 15.35 ? 348 HOH B O   1 
HETATM 1630 O O   . HOH E 5 .   ? 12.253  15.674  1.011   1.00 16.54 ? 349 HOH B O   1 
HETATM 1631 O O   . HOH E 5 .   ? 4.072   1.438   14.106  1.00 16.69 ? 350 HOH B O   1 
HETATM 1632 O O   . HOH E 5 .   ? -0.555  6.778   -17.651 1.00 28.95 ? 351 HOH B O   1 
HETATM 1633 O O   . HOH E 5 .   ? -4.250  -18.301 12.713  1.00 20.45 ? 352 HOH B O   1 
HETATM 1634 O O   . HOH E 5 .   ? -9.558  -2.932  15.306  1.00 34.56 ? 353 HOH B O   1 
HETATM 1635 O O   . HOH E 5 .   ? -3.390  -4.956  13.529  1.00 13.08 ? 354 HOH B O   1 
HETATM 1636 O O   . HOH E 5 .   ? -3.872  17.039  -1.068  1.00 15.23 ? 355 HOH B O   1 
HETATM 1637 O O   . HOH E 5 .   ? 3.935   -3.103  -10.302 1.00 13.84 ? 356 HOH B O   1 
HETATM 1638 O O   . HOH E 5 .   ? -9.383  -5.293  -8.825  1.00 21.42 ? 357 HOH B O   1 
HETATM 1639 O O   . HOH E 5 .   ? -4.479  17.548  -3.603  1.00 15.56 ? 358 HOH B O   1 
HETATM 1640 O O   . HOH E 5 .   ? 13.698  14.054  4.975   1.00 21.53 ? 359 HOH B O   1 
HETATM 1641 O O   . HOH E 5 .   ? -7.622  -0.176  -16.431 1.00 30.29 ? 360 HOH B O   1 
HETATM 1642 O O   . HOH E 5 .   ? -2.878  -12.257 13.701  1.00 26.90 ? 361 HOH B O   1 
HETATM 1643 O O   . HOH E 5 .   ? 9.154   1.526   14.125  1.00 19.43 ? 362 HOH B O   1 
HETATM 1644 O O   . HOH E 5 .   ? -0.813  -11.728 -11.565 1.00 23.57 ? 363 HOH B O   1 
HETATM 1645 O O   . HOH E 5 .   ? -3.872  8.146   -19.365 1.00 39.14 ? 364 HOH B O   1 
HETATM 1646 O O   . HOH E 5 .   ? -9.769  -1.272  -15.051 1.00 22.87 ? 365 HOH B O   1 
HETATM 1647 O O   . HOH E 5 .   ? -10.612 1.713   -6.359  1.00 11.35 ? 366 HOH B O   1 
HETATM 1648 O O   . HOH E 5 .   ? -14.951 -10.703 0.748   1.00 35.59 ? 367 HOH B O   1 
HETATM 1649 O O   . HOH E 5 .   ? 17.533  12.339  -4.933  1.00 27.28 ? 368 HOH B O   1 
HETATM 1650 O O   . HOH E 5 .   ? 6.945   -2.173  16.508  1.00 35.86 ? 369 HOH B O   1 
HETATM 1651 O O   . HOH E 5 .   ? 18.978  -2.022  5.692   1.00 23.07 ? 370 HOH B O   1 
HETATM 1652 O O   . HOH E 5 .   ? -18.504 1.393   0.258   1.00 17.41 ? 371 HOH B O   1 
HETATM 1653 O O   . HOH E 5 .   ? -10.275 -7.932  -1.441  1.00 12.66 ? 372 HOH B O   1 
HETATM 1654 O O   . HOH E 5 .   ? -4.699  15.214  -5.061  1.00 14.79 ? 373 HOH B O   1 
HETATM 1655 O O   . HOH E 5 .   ? -16.076 10.444  2.401   1.00 25.74 ? 374 HOH B O   1 
HETATM 1656 O O   . HOH E 5 .   ? -1.923  16.612  -10.554 1.00 14.74 ? 375 HOH B O   1 
HETATM 1657 O O   . HOH E 5 .   ? 18.115  8.241   -4.264  1.00 27.13 ? 376 HOH B O   1 
HETATM 1658 O O   . HOH E 5 .   ? 2.656   -18.620 10.259  1.00 21.54 ? 377 HOH B O   1 
HETATM 1659 O O   . HOH E 5 .   ? -3.350  -15.623 12.488  1.00 25.38 ? 378 HOH B O   1 
HETATM 1660 O O   . HOH E 5 .   ? 6.004   -13.293 -9.386  1.00 31.68 ? 379 HOH B O   1 
HETATM 1661 O O   . HOH E 5 .   ? 21.085  5.637   -3.503  1.00 33.03 ? 380 HOH B O   1 
HETATM 1662 O O   . HOH E 5 .   ? -0.948  -9.124  -11.203 1.00 26.11 ? 381 HOH B O   1 
HETATM 1663 O O   . HOH E 5 .   ? -7.829  16.008  -10.030 1.00 25.71 ? 382 HOH B O   1 
HETATM 1664 O O   . HOH E 5 .   ? -14.859 -4.876  -5.431  1.00 15.09 ? 383 HOH B O   1 
HETATM 1665 O O   . HOH E 5 .   ? 1.034   -17.801 5.424   1.00 24.22 ? 384 HOH B O   1 
HETATM 1666 O O   . HOH E 5 .   ? -11.319 13.365  0.399   1.00 36.13 ? 385 HOH B O   1 
HETATM 1667 O O   . HOH E 5 .   ? 15.586  -2.871  10.774  1.00 20.72 ? 386 HOH B O   1 
HETATM 1668 O O   . HOH E 5 .   ? 21.476  1.048   2.243   1.00 26.28 ? 387 HOH B O   1 
HETATM 1669 O O   . HOH E 5 .   ? -13.844 -5.384  20.006  1.00 39.58 ? 388 HOH B O   1 
HETATM 1670 O O   . HOH E 5 .   ? -5.190  12.534  -10.455 1.00 16.37 ? 389 HOH B O   1 
HETATM 1671 O O   . HOH E 5 .   ? -15.377 2.347   -6.262  1.00 40.77 ? 390 HOH B O   1 
HETATM 1672 O O   . HOH E 5 .   ? -5.490  -2.036  20.222  1.00 20.95 ? 391 HOH B O   1 
HETATM 1673 O O   . HOH E 5 .   ? -6.660  -12.319 -6.748  1.00 20.96 ? 392 HOH B O   1 
HETATM 1674 O O   . HOH E 5 .   ? 7.810   10.127  10.556  1.00 28.97 ? 393 HOH B O   1 
HETATM 1675 O O   . HOH E 5 .   ? 0.679   -16.848 17.944  1.00 32.98 ? 394 HOH B O   1 
HETATM 1676 O O   . HOH E 5 .   ? 2.395   -0.472  -2.177  1.00 11.65 ? 395 HOH B O   1 
HETATM 1677 O O   . HOH E 5 .   ? 0.451   -21.833 8.361   1.00 36.30 ? 396 HOH B O   1 
HETATM 1678 O O   . HOH E 5 .   ? 0.241   14.051  -16.312 1.00 39.44 ? 397 HOH B O   1 
HETATM 1679 O O   . HOH E 5 .   ? -13.171 -16.459 -1.504  1.00 35.10 ? 398 HOH B O   1 
HETATM 1680 O O   . HOH E 5 .   ? -7.693  13.060  -11.757 1.00 20.95 ? 399 HOH B O   1 
HETATM 1681 O O   . HOH E 5 .   ? -12.729 -17.493 1.035   1.00 26.49 ? 400 HOH B O   1 
HETATM 1682 O O   . HOH E 5 .   ? 21.110  -1.711  3.813   1.00 21.91 ? 401 HOH B O   1 
HETATM 1683 O O   . HOH E 5 .   ? -16.116 2.779   1.657   1.00 19.45 ? 402 HOH B O   1 
HETATM 1684 O O   . HOH E 5 .   ? -5.436  -13.585 -4.742  1.00 19.78 ? 403 HOH B O   1 
HETATM 1685 O O   . HOH E 5 .   ? 20.901  -0.465  0.124   1.00 33.10 ? 404 HOH B O   1 
HETATM 1686 O O   . HOH E 5 .   ? 17.114  -3.186  3.950   1.00 24.37 ? 405 HOH B O   1 
HETATM 1687 O O   . HOH E 5 .   ? -4.685  14.147  -8.236  1.00 13.53 ? 406 HOH B O   1 
HETATM 1688 O O   . HOH E 5 .   ? -12.508 -1.014  4.687   1.00 15.03 ? 407 HOH B O   1 
HETATM 1689 O O   . HOH E 5 .   ? 17.882  -0.920  -0.826  1.00 26.93 ? 408 HOH B O   1 
HETATM 1690 O O   . HOH E 5 .   ? -3.276  -18.671 -7.134  1.00 29.50 ? 409 HOH B O   1 
HETATM 1691 O O   . HOH E 5 .   ? -11.116 12.824  -2.840  1.00 19.55 ? 410 HOH B O   1 
HETATM 1692 O O   . HOH E 5 .   ? 8.128   11.317  7.895   1.00 15.60 ? 411 HOH B O   1 
HETATM 1693 O O   . HOH E 5 .   ? 0.393   16.318  -12.219 1.00 19.70 ? 412 HOH B O   1 
HETATM 1694 O O   . HOH E 5 .   ? 18.124  3.716   -7.578  1.00 24.72 ? 413 HOH B O   1 
HETATM 1695 O O   . HOH E 5 .   ? 13.096  -5.661  -9.470  1.00 28.43 ? 414 HOH B O   1 
HETATM 1696 O O   . HOH E 5 .   ? -14.032 6.434   -6.319  1.00 24.50 ? 415 HOH B O   1 
HETATM 1697 O O   . HOH E 5 .   ? -1.628  -20.301 15.628  1.00 20.60 ? 416 HOH B O   1 
HETATM 1698 O O   . HOH E 5 .   ? -8.739  -0.902  7.401   1.00 30.30 ? 417 HOH B O   1 
HETATM 1699 O O   . HOH E 5 .   ? 14.789  -7.068  -0.361  1.00 23.81 ? 418 HOH B O   1 
HETATM 1700 O O   . HOH E 5 .   ? 2.818   13.928  -13.049 1.00 28.23 ? 419 HOH B O   1 
HETATM 1701 O O   . HOH E 5 .   ? -17.436 -6.995  -4.469  1.00 15.52 ? 420 HOH B O   1 
HETATM 1702 O O   . HOH E 5 .   ? -10.256 -21.243 2.518   1.00 27.64 ? 421 HOH B O   1 
HETATM 1703 O O   . HOH E 5 .   ? -18.344 -5.902  -7.071  1.00 34.63 ? 422 HOH B O   1 
HETATM 1704 O O   . HOH E 5 .   ? -18.877 -10.049 -1.588  1.00 19.53 ? 423 HOH B O   1 
HETATM 1705 O O   . HOH E 5 .   ? -4.151  -12.279 11.261  1.00 21.18 ? 424 HOH B O   1 
HETATM 1706 O O   . HOH E 5 .   ? -14.790 9.015   -5.940  1.00 40.15 ? 425 HOH B O   1 
HETATM 1707 O O   . HOH E 5 .   ? -0.823  -16.841 -9.749  1.00 28.30 ? 426 HOH B O   1 
HETATM 1708 O O   . HOH E 5 .   ? 2.210   -9.340  -12.833 1.00 36.75 ? 427 HOH B O   1 
HETATM 1709 O O   . HOH E 5 .   ? 11.015  -9.098  15.102  1.00 33.43 ? 428 HOH B O   1 
HETATM 1710 O O   . HOH E 5 .   ? 8.159   -13.799 0.358   1.00 33.79 ? 429 HOH B O   1 
HETATM 1711 O O   . HOH E 5 .   ? 1.715   6.857   -15.938 1.00 25.09 ? 430 HOH B O   1 
HETATM 1712 O O   . HOH E 5 .   ? 6.750   1.335   15.260  1.00 31.91 ? 431 HOH B O   1 
HETATM 1713 O O   . HOH E 5 .   ? -13.343 -17.470 10.541  0.50 24.94 ? 432 HOH B O   1 
HETATM 1714 O O   . HOH E 5 .   ? -15.579 5.011   -4.628  1.00 25.60 ? 433 HOH B O   1 
HETATM 1715 O O   . HOH E 5 .   ? 23.358  6.505   -2.107  1.00 28.14 ? 434 HOH B O   1 
HETATM 1716 O O   . HOH E 5 .   ? 3.607   -18.507 -10.274 1.00 28.29 ? 435 HOH B O   1 
HETATM 1717 O O   . HOH E 5 .   ? 6.885   13.710  7.816   1.00 34.53 ? 436 HOH B O   1 
HETATM 1718 O O   . HOH E 5 .   ? -15.261 -12.876 -2.758  1.00 26.75 ? 437 HOH B O   1 
HETATM 1719 O O   . HOH E 5 .   ? -9.892  -14.803 12.439  1.00 20.25 ? 438 HOH B O   1 
HETATM 1720 O O   . HOH E 5 .   ? -0.137  -24.327 7.396   1.00 36.38 ? 439 HOH B O   1 
HETATM 1721 O O   . HOH E 5 .   ? -2.266  -8.307  -13.384 1.00 34.04 ? 440 HOH B O   1 
HETATM 1722 O O   . HOH E 5 .   ? 3.667   -9.552  18.717  1.00 34.34 ? 441 HOH B O   1 
HETATM 1723 O O   . HOH E 5 .   ? 8.870   15.483  -5.746  1.00 26.03 ? 442 HOH B O   1 
HETATM 1724 O O   . HOH E 5 .   ? 2.614   16.140  6.468   1.00 21.61 ? 443 HOH B O   1 
HETATM 1725 O O   . HOH E 5 .   ? 9.178   14.079  10.771  1.00 24.63 ? 444 HOH B O   1 
HETATM 1726 O O   . HOH E 5 .   ? 11.841  17.004  -1.618  1.00 29.85 ? 445 HOH B O   1 
HETATM 1727 O O   . HOH E 5 .   ? -10.200 -0.080  9.449   1.00 30.30 ? 446 HOH B O   1 
# 
